data_1SI3
# 
_entry.id   1SI3 
# 
_audit_conform.dict_name       mmcif_pdbx.dic 
_audit_conform.dict_version    5.397 
_audit_conform.dict_location   http://mmcif.pdb.org/dictionaries/ascii/mmcif_pdbx.dic 
# 
loop_
_database_2.database_id 
_database_2.database_code 
_database_2.pdbx_database_accession 
_database_2.pdbx_DOI 
PDB   1SI3         pdb_00001si3 10.2210/pdb1si3/pdb 
NDB   PR0112       ?            ?                   
RCSB  RCSB021726   ?            ?                   
WWPDB D_1000021726 ?            ?                   
# 
loop_
_pdbx_audit_revision_history.ordinal 
_pdbx_audit_revision_history.data_content_type 
_pdbx_audit_revision_history.major_revision 
_pdbx_audit_revision_history.minor_revision 
_pdbx_audit_revision_history.revision_date 
1 'Structure model' 1 0 2004-05-25 
2 'Structure model' 1 1 2008-04-29 
3 'Structure model' 1 2 2011-07-13 
4 'Structure model' 1 3 2024-10-30 
# 
_pdbx_audit_revision_details.ordinal             1 
_pdbx_audit_revision_details.revision_ordinal    1 
_pdbx_audit_revision_details.data_content_type   'Structure model' 
_pdbx_audit_revision_details.provider            repository 
_pdbx_audit_revision_details.type                'Initial release' 
_pdbx_audit_revision_details.description         ? 
_pdbx_audit_revision_details.details             ? 
# 
loop_
_pdbx_audit_revision_group.ordinal 
_pdbx_audit_revision_group.revision_ordinal 
_pdbx_audit_revision_group.data_content_type 
_pdbx_audit_revision_group.group 
1 2 'Structure model' 'Version format compliance' 
2 3 'Structure model' 'Version format compliance' 
3 4 'Structure model' 'Data collection'           
4 4 'Structure model' 'Database references'       
5 4 'Structure model' 'Derived calculations'      
6 4 'Structure model' 'Structure summary'         
# 
loop_
_pdbx_audit_revision_category.ordinal 
_pdbx_audit_revision_category.revision_ordinal 
_pdbx_audit_revision_category.data_content_type 
_pdbx_audit_revision_category.category 
1 4 'Structure model' chem_comp_atom            
2 4 'Structure model' chem_comp_bond            
3 4 'Structure model' database_2                
4 4 'Structure model' pdbx_entry_details        
5 4 'Structure model' pdbx_modification_feature 
6 4 'Structure model' struct_conn               
7 4 'Structure model' struct_ref_seq_dif        
# 
loop_
_pdbx_audit_revision_item.ordinal 
_pdbx_audit_revision_item.revision_ordinal 
_pdbx_audit_revision_item.data_content_type 
_pdbx_audit_revision_item.item 
1 4 'Structure model' '_database_2.pdbx_DOI'                
2 4 'Structure model' '_database_2.pdbx_database_accession' 
3 4 'Structure model' '_struct_conn.pdbx_leaving_atom_flag' 
4 4 'Structure model' '_struct_ref_seq_dif.details'         
# 
_pdbx_database_status.status_code                     REL 
_pdbx_database_status.entry_id                        1SI3 
_pdbx_database_status.recvd_initial_deposition_date   2004-02-27 
_pdbx_database_status.deposit_site                    RCSB 
_pdbx_database_status.process_site                    RCSB 
_pdbx_database_status.status_code_sf                  REL 
_pdbx_database_status.SG_entry                        . 
_pdbx_database_status.pdb_format_compatible           Y 
_pdbx_database_status.status_code_mr                  ? 
_pdbx_database_status.status_code_cs                  ? 
_pdbx_database_status.status_code_nmr_data            ? 
_pdbx_database_status.methods_development_category    ? 
# 
_pdbx_database_related.db_name        PDB 
_pdbx_database_related.db_id          1SI2 
_pdbx_database_related.details        . 
_pdbx_database_related.content_type   unspecified 
# 
loop_
_audit_author.name 
_audit_author.pdbx_ordinal 
'Ye, K.'    1 
'Ma, J.B.'  2 
'Patel, D.' 3 
# 
_citation.id                        primary 
_citation.title                     'Structural basis for overhang-specific small interfering RNA recognition by the PAZ domain.' 
_citation.journal_abbrev            Nature 
_citation.journal_volume            429 
_citation.page_first                318 
_citation.page_last                 322 
_citation.year                      2004 
_citation.journal_id_ASTM           NATUAS 
_citation.country                   UK 
_citation.journal_id_ISSN           0028-0836 
_citation.journal_id_CSD            0006 
_citation.book_publisher            ? 
_citation.pdbx_database_id_PubMed   15152257 
_citation.pdbx_database_id_DOI      10.1038/nature02519 
# 
loop_
_citation_author.citation_id 
_citation_author.name 
_citation_author.ordinal 
_citation_author.identifier_ORCID 
primary 'Ma, J.B.'    1 ? 
primary 'Ye, K.'      2 ? 
primary 'Patel, D.J.' 3 ? 
# 
loop_
_entity.id 
_entity.type 
_entity.src_method 
_entity.pdbx_description 
_entity.formula_weight 
_entity.pdbx_number_of_molecules 
_entity.pdbx_ec 
_entity.pdbx_mutation 
_entity.pdbx_fragment 
_entity.details 
1 polymer syn "5'-R(*CP*GP*UP*GP*AP*CP*UP*CP*U)-3'"           2808.703  1  ? ? ?                               ? 
2 polymer man 'Eukaryotic translation initiation factor 2C 1' 17377.562 1  ? ? 'PAZ domain (residues 225-369)' ? 
3 water   nat water                                           18.015    15 ? ? ?                               ? 
# 
_entity_name_com.entity_id   2 
_entity_name_com.name        'eIF2C 1, eIF-2C 1, Putative RNA-binding protein Q99, Argonaute1' 
# 
loop_
_entity_poly.entity_id 
_entity_poly.type 
_entity_poly.nstd_linkage 
_entity_poly.nstd_monomer 
_entity_poly.pdbx_seq_one_letter_code 
_entity_poly.pdbx_seq_one_letter_code_can 
_entity_poly.pdbx_strand_id 
_entity_poly.pdbx_target_identifier 
1 polyribonucleotide no no  CGUGACUCU CGUGACUCU B ? 
2 'polypeptide(L)'   no yes 
;GSH(MSE)AQPVIEF(MSE)CEVLDIRNIDEQPKPLTDSQRVRFTKEIKGLKVEVTHCGQ(MSE)KRKYRVCNVTRRPAS
HQTFPLQLESGQTVECTVAQYFKQKYNLQLKYPHLPCLQVGQEQKHTYLPLEVCNIVAGQRCIKKLTDNQTST(MSE)IK
ATARS
;
;GSHMAQPVIEFMCEVLDIRNIDEQPKPLTDSQRVRFTKEIKGLKVEVTHCGQMKRKYRVCNVTRRPASHQTFPLQLESGQ
TVECTVAQYFKQKYNLQLKYPHLPCLQVGQEQKHTYLPLEVCNIVAGQRCIKKLTDNQTSTMIKATARS
;
A ? 
# 
_pdbx_entity_nonpoly.entity_id   3 
_pdbx_entity_nonpoly.name        water 
_pdbx_entity_nonpoly.comp_id     HOH 
# 
loop_
_entity_poly_seq.entity_id 
_entity_poly_seq.num 
_entity_poly_seq.mon_id 
_entity_poly_seq.hetero 
1 1   C   n 
1 2   G   n 
1 3   U   n 
1 4   G   n 
1 5   A   n 
1 6   C   n 
1 7   U   n 
1 8   C   n 
1 9   U   n 
2 1   GLY n 
2 2   SER n 
2 3   HIS n 
2 4   MSE n 
2 5   ALA n 
2 6   GLN n 
2 7   PRO n 
2 8   VAL n 
2 9   ILE n 
2 10  GLU n 
2 11  PHE n 
2 12  MSE n 
2 13  CYS n 
2 14  GLU n 
2 15  VAL n 
2 16  LEU n 
2 17  ASP n 
2 18  ILE n 
2 19  ARG n 
2 20  ASN n 
2 21  ILE n 
2 22  ASP n 
2 23  GLU n 
2 24  GLN n 
2 25  PRO n 
2 26  LYS n 
2 27  PRO n 
2 28  LEU n 
2 29  THR n 
2 30  ASP n 
2 31  SER n 
2 32  GLN n 
2 33  ARG n 
2 34  VAL n 
2 35  ARG n 
2 36  PHE n 
2 37  THR n 
2 38  LYS n 
2 39  GLU n 
2 40  ILE n 
2 41  LYS n 
2 42  GLY n 
2 43  LEU n 
2 44  LYS n 
2 45  VAL n 
2 46  GLU n 
2 47  VAL n 
2 48  THR n 
2 49  HIS n 
2 50  CYS n 
2 51  GLY n 
2 52  GLN n 
2 53  MSE n 
2 54  LYS n 
2 55  ARG n 
2 56  LYS n 
2 57  TYR n 
2 58  ARG n 
2 59  VAL n 
2 60  CYS n 
2 61  ASN n 
2 62  VAL n 
2 63  THR n 
2 64  ARG n 
2 65  ARG n 
2 66  PRO n 
2 67  ALA n 
2 68  SER n 
2 69  HIS n 
2 70  GLN n 
2 71  THR n 
2 72  PHE n 
2 73  PRO n 
2 74  LEU n 
2 75  GLN n 
2 76  LEU n 
2 77  GLU n 
2 78  SER n 
2 79  GLY n 
2 80  GLN n 
2 81  THR n 
2 82  VAL n 
2 83  GLU n 
2 84  CYS n 
2 85  THR n 
2 86  VAL n 
2 87  ALA n 
2 88  GLN n 
2 89  TYR n 
2 90  PHE n 
2 91  LYS n 
2 92  GLN n 
2 93  LYS n 
2 94  TYR n 
2 95  ASN n 
2 96  LEU n 
2 97  GLN n 
2 98  LEU n 
2 99  LYS n 
2 100 TYR n 
2 101 PRO n 
2 102 HIS n 
2 103 LEU n 
2 104 PRO n 
2 105 CYS n 
2 106 LEU n 
2 107 GLN n 
2 108 VAL n 
2 109 GLY n 
2 110 GLN n 
2 111 GLU n 
2 112 GLN n 
2 113 LYS n 
2 114 HIS n 
2 115 THR n 
2 116 TYR n 
2 117 LEU n 
2 118 PRO n 
2 119 LEU n 
2 120 GLU n 
2 121 VAL n 
2 122 CYS n 
2 123 ASN n 
2 124 ILE n 
2 125 VAL n 
2 126 ALA n 
2 127 GLY n 
2 128 GLN n 
2 129 ARG n 
2 130 CYS n 
2 131 ILE n 
2 132 LYS n 
2 133 LYS n 
2 134 LEU n 
2 135 THR n 
2 136 ASP n 
2 137 ASN n 
2 138 GLN n 
2 139 THR n 
2 140 SER n 
2 141 THR n 
2 142 MSE n 
2 143 ILE n 
2 144 LYS n 
2 145 ALA n 
2 146 THR n 
2 147 ALA n 
2 148 ARG n 
2 149 SER n 
# 
_entity_src_gen.entity_id                          2 
_entity_src_gen.pdbx_src_id                        1 
_entity_src_gen.pdbx_alt_source_flag               sample 
_entity_src_gen.pdbx_seq_type                      ? 
_entity_src_gen.pdbx_beg_seq_num                   ? 
_entity_src_gen.pdbx_end_seq_num                   ? 
_entity_src_gen.gene_src_common_name               human 
_entity_src_gen.gene_src_genus                     Homo 
_entity_src_gen.pdbx_gene_src_gene                 EIF2C1 
_entity_src_gen.gene_src_species                   ? 
_entity_src_gen.gene_src_strain                    ? 
_entity_src_gen.gene_src_tissue                    ? 
_entity_src_gen.gene_src_tissue_fraction           ? 
_entity_src_gen.gene_src_details                   ? 
_entity_src_gen.pdbx_gene_src_fragment             ? 
_entity_src_gen.pdbx_gene_src_scientific_name      'Homo sapiens' 
_entity_src_gen.pdbx_gene_src_ncbi_taxonomy_id     9606 
_entity_src_gen.pdbx_gene_src_variant              ? 
_entity_src_gen.pdbx_gene_src_cell_line            ? 
_entity_src_gen.pdbx_gene_src_atcc                 ? 
_entity_src_gen.pdbx_gene_src_organ                ? 
_entity_src_gen.pdbx_gene_src_organelle            ? 
_entity_src_gen.pdbx_gene_src_cell                 ? 
_entity_src_gen.pdbx_gene_src_cellular_location    ? 
_entity_src_gen.host_org_common_name               ? 
_entity_src_gen.pdbx_host_org_scientific_name      'Escherichia coli BL21(DE3)' 
_entity_src_gen.pdbx_host_org_ncbi_taxonomy_id     469008 
_entity_src_gen.host_org_genus                     Escherichia 
_entity_src_gen.pdbx_host_org_gene                 ? 
_entity_src_gen.pdbx_host_org_organ                ? 
_entity_src_gen.host_org_species                   'Escherichia coli' 
_entity_src_gen.pdbx_host_org_tissue               ? 
_entity_src_gen.pdbx_host_org_tissue_fraction      ? 
_entity_src_gen.pdbx_host_org_strain               'BL21(DE3)' 
_entity_src_gen.pdbx_host_org_variant              ? 
_entity_src_gen.pdbx_host_org_cell_line            ? 
_entity_src_gen.pdbx_host_org_atcc                 ? 
_entity_src_gen.pdbx_host_org_culture_collection   ? 
_entity_src_gen.pdbx_host_org_cell                 ? 
_entity_src_gen.pdbx_host_org_organelle            ? 
_entity_src_gen.pdbx_host_org_cellular_location    ? 
_entity_src_gen.pdbx_host_org_vector_type          Plasmid 
_entity_src_gen.pdbx_host_org_vector               ? 
_entity_src_gen.host_org_details                   ? 
_entity_src_gen.expression_system_id               ? 
_entity_src_gen.plasmid_name                       pET19b 
_entity_src_gen.plasmid_details                    ? 
_entity_src_gen.pdbx_description                   ? 
# 
loop_
_chem_comp.id 
_chem_comp.type 
_chem_comp.mon_nstd_flag 
_chem_comp.name 
_chem_comp.pdbx_synonyms 
_chem_comp.formula 
_chem_comp.formula_weight 
A   'RNA linking'       y "ADENOSINE-5'-MONOPHOSPHATE" ? 'C10 H14 N5 O7 P' 347.221 
ALA 'L-peptide linking' y ALANINE                      ? 'C3 H7 N O2'      89.093  
ARG 'L-peptide linking' y ARGININE                     ? 'C6 H15 N4 O2 1'  175.209 
ASN 'L-peptide linking' y ASPARAGINE                   ? 'C4 H8 N2 O3'     132.118 
ASP 'L-peptide linking' y 'ASPARTIC ACID'              ? 'C4 H7 N O4'      133.103 
C   'RNA linking'       y "CYTIDINE-5'-MONOPHOSPHATE"  ? 'C9 H14 N3 O8 P'  323.197 
CYS 'L-peptide linking' y CYSTEINE                     ? 'C3 H7 N O2 S'    121.158 
G   'RNA linking'       y "GUANOSINE-5'-MONOPHOSPHATE" ? 'C10 H14 N5 O8 P' 363.221 
GLN 'L-peptide linking' y GLUTAMINE                    ? 'C5 H10 N2 O3'    146.144 
GLU 'L-peptide linking' y 'GLUTAMIC ACID'              ? 'C5 H9 N O4'      147.129 
GLY 'peptide linking'   y GLYCINE                      ? 'C2 H5 N O2'      75.067  
HIS 'L-peptide linking' y HISTIDINE                    ? 'C6 H10 N3 O2 1'  156.162 
HOH non-polymer         . WATER                        ? 'H2 O'            18.015  
ILE 'L-peptide linking' y ISOLEUCINE                   ? 'C6 H13 N O2'     131.173 
LEU 'L-peptide linking' y LEUCINE                      ? 'C6 H13 N O2'     131.173 
LYS 'L-peptide linking' y LYSINE                       ? 'C6 H15 N2 O2 1'  147.195 
MET 'L-peptide linking' y METHIONINE                   ? 'C5 H11 N O2 S'   149.211 
MSE 'L-peptide linking' n SELENOMETHIONINE             ? 'C5 H11 N O2 Se'  196.106 
PHE 'L-peptide linking' y PHENYLALANINE                ? 'C9 H11 N O2'     165.189 
PRO 'L-peptide linking' y PROLINE                      ? 'C5 H9 N O2'      115.130 
SER 'L-peptide linking' y SERINE                       ? 'C3 H7 N O3'      105.093 
THR 'L-peptide linking' y THREONINE                    ? 'C4 H9 N O3'      119.119 
TYR 'L-peptide linking' y TYROSINE                     ? 'C9 H11 N O3'     181.189 
U   'RNA linking'       y "URIDINE-5'-MONOPHOSPHATE"   ? 'C9 H13 N2 O9 P'  324.181 
VAL 'L-peptide linking' y VALINE                       ? 'C5 H11 N O2'     117.146 
# 
loop_
_pdbx_poly_seq_scheme.asym_id 
_pdbx_poly_seq_scheme.entity_id 
_pdbx_poly_seq_scheme.seq_id 
_pdbx_poly_seq_scheme.mon_id 
_pdbx_poly_seq_scheme.ndb_seq_num 
_pdbx_poly_seq_scheme.pdb_seq_num 
_pdbx_poly_seq_scheme.auth_seq_num 
_pdbx_poly_seq_scheme.pdb_mon_id 
_pdbx_poly_seq_scheme.auth_mon_id 
_pdbx_poly_seq_scheme.pdb_strand_id 
_pdbx_poly_seq_scheme.pdb_ins_code 
_pdbx_poly_seq_scheme.hetero 
A 1 1   C   1   401 401 C   CYT B . n 
A 1 2   G   2   402 402 G   GUA B . n 
A 1 3   U   3   403 403 U   URI B . n 
A 1 4   G   4   404 404 G   GUA B . n 
A 1 5   A   5   405 405 A   ADE B . n 
A 1 6   C   6   406 406 C   CYT B . n 
A 1 7   U   7   407 407 U   URI B . n 
A 1 8   C   8   408 408 C   CYT B . n 
A 1 9   U   9   409 409 U   URI B . n 
B 2 1   GLY 1   221 ?   ?   ?   A . n 
B 2 2   SER 2   222 ?   ?   ?   A . n 
B 2 3   HIS 3   223 ?   ?   ?   A . n 
B 2 4   MSE 4   224 224 MSE MSE A . n 
B 2 5   ALA 5   225 225 ALA ALA A . n 
B 2 6   GLN 6   226 226 GLN GLN A . n 
B 2 7   PRO 7   227 227 PRO PRO A . n 
B 2 8   VAL 8   228 228 VAL VAL A . n 
B 2 9   ILE 9   229 229 ILE ILE A . n 
B 2 10  GLU 10  230 230 GLU GLU A . n 
B 2 11  PHE 11  231 231 PHE PHE A . n 
B 2 12  MSE 12  232 232 MSE MSE A . n 
B 2 13  CYS 13  233 233 CYS CYS A . n 
B 2 14  GLU 14  234 234 GLU GLU A . n 
B 2 15  VAL 15  235 235 VAL VAL A . n 
B 2 16  LEU 16  236 236 LEU LEU A . n 
B 2 17  ASP 17  237 237 ASP ASP A . n 
B 2 18  ILE 18  238 238 ILE ILE A . n 
B 2 19  ARG 19  239 239 ARG ARG A . n 
B 2 20  ASN 20  240 240 ASN ASN A . n 
B 2 21  ILE 21  241 241 ILE ILE A . n 
B 2 22  ASP 22  242 242 ASP ASP A . n 
B 2 23  GLU 23  243 243 GLU GLU A . n 
B 2 24  GLN 24  244 244 GLN GLN A . n 
B 2 25  PRO 25  245 245 PRO PRO A . n 
B 2 26  LYS 26  246 246 LYS LYS A . n 
B 2 27  PRO 27  247 247 PRO PRO A . n 
B 2 28  LEU 28  248 248 LEU LEU A . n 
B 2 29  THR 29  249 249 THR THR A . n 
B 2 30  ASP 30  250 250 ASP ASP A . n 
B 2 31  SER 31  251 251 SER SER A . n 
B 2 32  GLN 32  252 252 GLN GLN A . n 
B 2 33  ARG 33  253 253 ARG ARG A . n 
B 2 34  VAL 34  254 254 VAL VAL A . n 
B 2 35  ARG 35  255 255 ARG ARG A . n 
B 2 36  PHE 36  256 256 PHE PHE A . n 
B 2 37  THR 37  257 257 THR THR A . n 
B 2 38  LYS 38  258 258 LYS LYS A . n 
B 2 39  GLU 39  259 259 GLU GLU A . n 
B 2 40  ILE 40  260 260 ILE ILE A . n 
B 2 41  LYS 41  261 261 LYS LYS A . n 
B 2 42  GLY 42  262 262 GLY GLY A . n 
B 2 43  LEU 43  263 263 LEU LEU A . n 
B 2 44  LYS 44  264 264 LYS LYS A . n 
B 2 45  VAL 45  265 265 VAL VAL A . n 
B 2 46  GLU 46  266 266 GLU GLU A . n 
B 2 47  VAL 47  267 267 VAL VAL A . n 
B 2 48  THR 48  268 268 THR THR A . n 
B 2 49  HIS 49  269 269 HIS HIS A . n 
B 2 50  CYS 50  270 270 CYS CYS A . n 
B 2 51  GLY 51  271 271 GLY GLY A . n 
B 2 52  GLN 52  272 272 GLN GLN A . n 
B 2 53  MSE 53  273 273 MSE MSE A . n 
B 2 54  LYS 54  274 274 LYS LYS A . n 
B 2 55  ARG 55  275 275 ARG ARG A . n 
B 2 56  LYS 56  276 276 LYS LYS A . n 
B 2 57  TYR 57  277 277 TYR TYR A . n 
B 2 58  ARG 58  278 278 ARG ARG A . n 
B 2 59  VAL 59  279 279 VAL VAL A . n 
B 2 60  CYS 60  280 280 CYS CYS A . n 
B 2 61  ASN 61  281 281 ASN ASN A . n 
B 2 62  VAL 62  282 282 VAL VAL A . n 
B 2 63  THR 63  283 283 THR THR A . n 
B 2 64  ARG 64  284 284 ARG ARG A . n 
B 2 65  ARG 65  285 285 ARG ARG A . n 
B 2 66  PRO 66  286 286 PRO PRO A . n 
B 2 67  ALA 67  287 287 ALA ALA A . n 
B 2 68  SER 68  288 288 SER SER A . n 
B 2 69  HIS 69  289 289 HIS HIS A . n 
B 2 70  GLN 70  290 290 GLN GLN A . n 
B 2 71  THR 71  291 291 THR THR A . n 
B 2 72  PHE 72  292 292 PHE PHE A . n 
B 2 73  PRO 73  293 293 PRO PRO A . n 
B 2 74  LEU 74  294 294 LEU LEU A . n 
B 2 75  GLN 75  295 295 GLN GLN A . n 
B 2 76  LEU 76  296 ?   ?   ?   A . n 
B 2 77  GLU 77  297 ?   ?   ?   A . n 
B 2 78  SER 78  298 ?   ?   ?   A . n 
B 2 79  GLY 79  299 ?   ?   ?   A . n 
B 2 80  GLN 80  300 ?   ?   ?   A . n 
B 2 81  THR 81  301 ?   ?   ?   A . n 
B 2 82  VAL 82  302 302 VAL VAL A . n 
B 2 83  GLU 83  303 303 GLU GLU A . n 
B 2 84  CYS 84  304 304 CYS CYS A . n 
B 2 85  THR 85  305 305 THR THR A . n 
B 2 86  VAL 86  306 306 VAL VAL A . n 
B 2 87  ALA 87  307 307 ALA ALA A . n 
B 2 88  GLN 88  308 308 GLN GLN A . n 
B 2 89  TYR 89  309 309 TYR TYR A . n 
B 2 90  PHE 90  310 310 PHE PHE A . n 
B 2 91  LYS 91  311 311 LYS LYS A . n 
B 2 92  GLN 92  312 312 GLN GLN A . n 
B 2 93  LYS 93  313 313 LYS LYS A . n 
B 2 94  TYR 94  314 314 TYR TYR A . n 
B 2 95  ASN 95  315 315 ASN ASN A . n 
B 2 96  LEU 96  316 316 LEU LEU A . n 
B 2 97  GLN 97  317 317 GLN GLN A . n 
B 2 98  LEU 98  318 318 LEU LEU A . n 
B 2 99  LYS 99  319 319 LYS LYS A . n 
B 2 100 TYR 100 320 320 TYR TYR A . n 
B 2 101 PRO 101 321 321 PRO PRO A . n 
B 2 102 HIS 102 322 322 HIS HIS A . n 
B 2 103 LEU 103 323 323 LEU LEU A . n 
B 2 104 PRO 104 324 324 PRO PRO A . n 
B 2 105 CYS 105 325 325 CYS CYS A . n 
B 2 106 LEU 106 326 326 LEU LEU A . n 
B 2 107 GLN 107 327 327 GLN GLN A . n 
B 2 108 VAL 108 328 328 VAL VAL A . n 
B 2 109 GLY 109 329 329 GLY GLY A . n 
B 2 110 GLN 110 330 330 GLN GLN A . n 
B 2 111 GLU 111 331 331 GLU GLU A . n 
B 2 112 GLN 112 332 332 GLN GLN A . n 
B 2 113 LYS 113 333 333 LYS LYS A . n 
B 2 114 HIS 114 334 334 HIS HIS A . n 
B 2 115 THR 115 335 335 THR THR A . n 
B 2 116 TYR 116 336 336 TYR TYR A . n 
B 2 117 LEU 117 337 337 LEU LEU A . n 
B 2 118 PRO 118 338 338 PRO PRO A . n 
B 2 119 LEU 119 339 339 LEU LEU A . n 
B 2 120 GLU 120 340 340 GLU GLU A . n 
B 2 121 VAL 121 341 341 VAL VAL A . n 
B 2 122 CYS 122 342 342 CYS CYS A . n 
B 2 123 ASN 123 343 343 ASN ASN A . n 
B 2 124 ILE 124 344 344 ILE ILE A . n 
B 2 125 VAL 125 345 345 VAL VAL A . n 
B 2 126 ALA 126 346 346 ALA ALA A . n 
B 2 127 GLY 127 347 347 GLY GLY A . n 
B 2 128 GLN 128 348 348 GLN GLN A . n 
B 2 129 ARG 129 349 349 ARG ARG A . n 
B 2 130 CYS 130 350 ?   ?   ?   A . n 
B 2 131 ILE 131 351 ?   ?   ?   A . n 
B 2 132 LYS 132 352 ?   ?   ?   A . n 
B 2 133 LYS 133 353 ?   ?   ?   A . n 
B 2 134 LEU 134 354 ?   ?   ?   A . n 
B 2 135 THR 135 355 ?   ?   ?   A . n 
B 2 136 ASP 136 356 ?   ?   ?   A . n 
B 2 137 ASN 137 357 ?   ?   ?   A . n 
B 2 138 GLN 138 358 ?   ?   ?   A . n 
B 2 139 THR 139 359 ?   ?   ?   A . n 
B 2 140 SER 140 360 ?   ?   ?   A . n 
B 2 141 THR 141 361 ?   ?   ?   A . n 
B 2 142 MSE 142 362 ?   ?   ?   A . n 
B 2 143 ILE 143 363 ?   ?   ?   A . n 
B 2 144 LYS 144 364 ?   ?   ?   A . n 
B 2 145 ALA 145 365 ?   ?   ?   A . n 
B 2 146 THR 146 366 ?   ?   ?   A . n 
B 2 147 ALA 147 367 ?   ?   ?   A . n 
B 2 148 ARG 148 368 ?   ?   ?   A . n 
B 2 149 SER 149 369 ?   ?   ?   A . n 
# 
loop_
_pdbx_nonpoly_scheme.asym_id 
_pdbx_nonpoly_scheme.entity_id 
_pdbx_nonpoly_scheme.mon_id 
_pdbx_nonpoly_scheme.ndb_seq_num 
_pdbx_nonpoly_scheme.pdb_seq_num 
_pdbx_nonpoly_scheme.auth_seq_num 
_pdbx_nonpoly_scheme.pdb_mon_id 
_pdbx_nonpoly_scheme.auth_mon_id 
_pdbx_nonpoly_scheme.pdb_strand_id 
_pdbx_nonpoly_scheme.pdb_ins_code 
C 3 HOH 1  501 501 HOH WAT A . 
C 3 HOH 2  502 502 HOH WAT A . 
C 3 HOH 3  503 503 HOH WAT A . 
C 3 HOH 4  504 504 HOH WAT A . 
C 3 HOH 5  505 505 HOH WAT A . 
C 3 HOH 6  506 506 HOH WAT A . 
C 3 HOH 7  507 507 HOH WAT A . 
C 3 HOH 8  508 508 HOH WAT A . 
C 3 HOH 9  509 509 HOH WAT A . 
C 3 HOH 10 510 510 HOH WAT A . 
C 3 HOH 11 511 511 HOH WAT A . 
C 3 HOH 12 512 512 HOH WAT A . 
C 3 HOH 13 513 513 HOH WAT A . 
C 3 HOH 14 514 514 HOH WAT A . 
C 3 HOH 15 515 515 HOH WAT A . 
# 
loop_
_pdbx_unobs_or_zero_occ_atoms.id 
_pdbx_unobs_or_zero_occ_atoms.PDB_model_num 
_pdbx_unobs_or_zero_occ_atoms.polymer_flag 
_pdbx_unobs_or_zero_occ_atoms.occupancy_flag 
_pdbx_unobs_or_zero_occ_atoms.auth_asym_id 
_pdbx_unobs_or_zero_occ_atoms.auth_comp_id 
_pdbx_unobs_or_zero_occ_atoms.auth_seq_id 
_pdbx_unobs_or_zero_occ_atoms.PDB_ins_code 
_pdbx_unobs_or_zero_occ_atoms.auth_atom_id 
_pdbx_unobs_or_zero_occ_atoms.label_alt_id 
_pdbx_unobs_or_zero_occ_atoms.label_asym_id 
_pdbx_unobs_or_zero_occ_atoms.label_comp_id 
_pdbx_unobs_or_zero_occ_atoms.label_seq_id 
_pdbx_unobs_or_zero_occ_atoms.label_atom_id 
1 1 Y 1 A MSE 224 ? CG  ? B MSE 4  CG  
2 1 Y 1 A MSE 224 ? SE  ? B MSE 4  SE  
3 1 Y 1 A MSE 224 ? CE  ? B MSE 4  CE  
4 1 Y 1 A GLN 295 ? CG  ? B GLN 75 CG  
5 1 Y 1 A GLN 295 ? CD  ? B GLN 75 CD  
6 1 Y 1 A GLN 295 ? OE1 ? B GLN 75 OE1 
7 1 Y 1 A GLN 295 ? NE2 ? B GLN 75 NE2 
# 
loop_
_software.name 
_software.classification 
_software.version 
_software.citation_id 
_software.pdbx_ordinal 
HKL-2000  'data collection' .   ? 1 
SCALEPACK 'data scaling'    .   ? 2 
CNS       refinement        1.1 ? 3 
HKL-2000  'data reduction'  .   ? 4 
CNS       phasing           1.1 ? 5 
# 
_cell.entry_id           1SI3 
_cell.length_a           99.799 
_cell.length_b           99.799 
_cell.length_c           34.933 
_cell.angle_alpha        90.00 
_cell.angle_beta         90.00 
_cell.angle_gamma        120.00 
_cell.Z_PDB              6 
_cell.pdbx_unique_axis   ? 
# 
_symmetry.entry_id                         1SI3 
_symmetry.space_group_name_H-M             'P 64' 
_symmetry.pdbx_full_space_group_name_H-M   ? 
_symmetry.cell_setting                     ? 
_symmetry.Int_Tables_number                172 
# 
_exptl.entry_id          1SI3 
_exptl.method            'X-RAY DIFFRACTION' 
_exptl.crystals_number   1 
# 
_exptl_crystal.id                    1 
_exptl_crystal.density_meas          ? 
_exptl_crystal.density_percent_sol   50 
_exptl_crystal.description           ? 
_exptl_crystal.density_Matthews      2.49 
# 
_exptl_crystal_grow.crystal_id      1 
_exptl_crystal_grow.method          'VAPOR DIFFUSION, HANGING DROP' 
_exptl_crystal_grow.temp            293 
_exptl_crystal_grow.temp_details    ? 
_exptl_crystal_grow.pH              7.60 
_exptl_crystal_grow.pdbx_details    
'PEG 1000, POTASSIUM CHLORIDE, HEPES-NAOH, DITHIOTHREITOL, pH 7.60, VAPOR DIFFUSION, HANGING DROP, temperature 293K' 
_exptl_crystal_grow.pdbx_pH_range   . 
# 
loop_
_exptl_crystal_grow_comp.crystal_id 
_exptl_crystal_grow_comp.id 
_exptl_crystal_grow_comp.sol_id 
_exptl_crystal_grow_comp.name 
_exptl_crystal_grow_comp.volume 
_exptl_crystal_grow_comp.conc 
_exptl_crystal_grow_comp.details 
1 1 1 'PEG 1000'           ? ? ? 
1 2 1 'POTASSIUM CHLORIDE' ? ? ? 
1 3 1 HEPES-NAOH           ? ? ? 
1 4 1 DITHIOTHREITOL       ? ? ? 
# 
_diffrn.id                     1 
_diffrn.ambient_temp           100.0 
_diffrn.ambient_temp_details   ? 
_diffrn.crystal_id             1 
# 
_diffrn_detector.diffrn_id              1 
_diffrn_detector.detector               CCD 
_diffrn_detector.type                   MARRESEARCH 
_diffrn_detector.pdbx_collection_date   2003-10-18 
_diffrn_detector.details                ? 
# 
_diffrn_radiation.diffrn_id                        1 
_diffrn_radiation.wavelength_id                    1 
_diffrn_radiation.pdbx_monochromatic_or_laue_m_l   M 
_diffrn_radiation.monochromator                    'SI 111' 
_diffrn_radiation.pdbx_diffrn_protocol             SAD 
_diffrn_radiation.pdbx_scattering_type             x-ray 
# 
_diffrn_radiation_wavelength.id           1 
_diffrn_radiation_wavelength.wavelength   0.9796 
_diffrn_radiation_wavelength.wt           1.0 
# 
_diffrn_source.diffrn_id                   1 
_diffrn_source.source                      SYNCHROTRON 
_diffrn_source.type                        'APS BEAMLINE 19-BM' 
_diffrn_source.pdbx_synchrotron_site       APS 
_diffrn_source.pdbx_synchrotron_beamline   19-BM 
_diffrn_source.pdbx_wavelength             0.9796 
_diffrn_source.pdbx_wavelength_list        0.9796 
# 
_reflns.entry_id                     1SI3 
_reflns.observed_criterion_sigma_I   -3.000 
_reflns.observed_criterion_sigma_F   ? 
_reflns.d_resolution_low             20.000 
_reflns.d_resolution_high            2.60 
_reflns.number_obs                   6431 
_reflns.number_all                   ? 
_reflns.percent_possible_obs         99.9 
_reflns.pdbx_Rmerge_I_obs            ? 
_reflns.pdbx_Rsym_value              0.115 
_reflns.pdbx_netI_over_sigmaI        28.6 
_reflns.B_iso_Wilson_estimate        59.2 
_reflns.pdbx_redundancy              12.6 
_reflns.R_free_details               ? 
_reflns.pdbx_diffrn_id               1 
_reflns.pdbx_ordinal                 1 
# 
_reflns_shell.d_res_high             2.60 
_reflns_shell.d_res_low              2.69 
_reflns_shell.percent_possible_all   100.0 
_reflns_shell.Rmerge_I_obs           ? 
_reflns_shell.pdbx_Rsym_value        0.663 
_reflns_shell.meanI_over_sigI_obs    3.4 
_reflns_shell.pdbx_redundancy        ? 
_reflns_shell.percent_possible_obs   ? 
_reflns_shell.number_unique_all      ? 
_reflns_shell.pdbx_diffrn_id         ? 
_reflns_shell.pdbx_ordinal           1 
# 
_refine.entry_id                                 1SI3 
_refine.ls_number_reflns_obs                     5908 
_refine.ls_number_reflns_all                     6310 
_refine.pdbx_ls_sigma_I                          ? 
_refine.pdbx_ls_sigma_F                          0.0 
_refine.pdbx_data_cutoff_high_absF               ? 
_refine.pdbx_data_cutoff_low_absF                ? 
_refine.pdbx_data_cutoff_high_rms_absF           ? 
_refine.ls_d_res_low                             19.83 
_refine.ls_d_res_high                            2.60 
_refine.ls_percent_reflns_obs                    93.6 
_refine.ls_R_factor_obs                          0.247 
_refine.ls_R_factor_all                          0.253 
_refine.ls_R_factor_R_work                       0.247 
_refine.ls_R_factor_R_free                       0.304 
_refine.ls_R_factor_R_free_error                 0.012 
_refine.ls_R_factor_R_free_error_details         ? 
_refine.ls_percent_reflns_R_free                 10.0 
_refine.ls_number_reflns_R_free                  593 
_refine.ls_number_parameters                     ? 
_refine.ls_number_restraints                     ? 
_refine.occupancy_min                            ? 
_refine.occupancy_max                            ? 
_refine.correlation_coeff_Fo_to_Fc               ? 
_refine.correlation_coeff_Fo_to_Fc_free          ? 
_refine.B_iso_mean                               58.9 
_refine.aniso_B[1][1]                            3.73 
_refine.aniso_B[2][2]                            3.73 
_refine.aniso_B[3][3]                            -7.47 
_refine.aniso_B[1][2]                            4.90 
_refine.aniso_B[1][3]                            0.00 
_refine.aniso_B[2][3]                            0.00 
_refine.solvent_model_details                    'FLAT MODEL' 
_refine.solvent_model_param_ksol                 0.317842 
_refine.solvent_model_param_bsol                 35.0057 
_refine.pdbx_solvent_vdw_probe_radii             ? 
_refine.pdbx_solvent_ion_probe_radii             ? 
_refine.pdbx_solvent_shrinkage_radii             ? 
_refine.pdbx_ls_cross_valid_method               THROUGHOUT 
_refine.details                                  ? 
_refine.pdbx_starting_model                      ? 
_refine.pdbx_method_to_determine_struct          SAD 
_refine.pdbx_isotropic_thermal_model             RESTRAINED 
_refine.pdbx_stereochemistry_target_values       'Engh & Huber' 
_refine.pdbx_stereochem_target_val_spec_case     ? 
_refine.pdbx_R_Free_selection_details            RANDOM 
_refine.pdbx_overall_ESU_R                       ? 
_refine.pdbx_overall_ESU_R_Free                  ? 
_refine.overall_SU_ML                            ? 
_refine.overall_SU_B                             ? 
_refine.ls_redundancy_reflns_obs                 ? 
_refine.overall_SU_R_Cruickshank_DPI             ? 
_refine.overall_SU_R_free                        ? 
_refine.pdbx_refine_id                           'X-RAY DIFFRACTION' 
_refine.pdbx_diffrn_id                           1 
_refine.pdbx_TLS_residual_ADP_flag               ? 
_refine.pdbx_overall_phase_error                 ? 
_refine.pdbx_overall_SU_R_free_Cruickshank_DPI   ? 
_refine.pdbx_overall_SU_R_Blow_DPI               ? 
_refine.pdbx_overall_SU_R_free_Blow_DPI          ? 
# 
_refine_analyze.entry_id                        1SI3 
_refine_analyze.Luzzati_coordinate_error_obs    0.41 
_refine_analyze.Luzzati_sigma_a_obs             0.48 
_refine_analyze.Luzzati_d_res_low_obs           5.00 
_refine_analyze.Luzzati_coordinate_error_free   0.59 
_refine_analyze.Luzzati_sigma_a_free            0.58 
_refine_analyze.Luzzati_d_res_low_free          ? 
_refine_analyze.number_disordered_residues      ? 
_refine_analyze.occupancy_sum_hydrogen          ? 
_refine_analyze.occupancy_sum_non_hydrogen      ? 
_refine_analyze.pdbx_refine_id                  'X-RAY DIFFRACTION' 
# 
_refine_hist.pdbx_refine_id                   'X-RAY DIFFRACTION' 
_refine_hist.cycle_id                         LAST 
_refine_hist.pdbx_number_atoms_protein        977 
_refine_hist.pdbx_number_atoms_nucleic_acid   185 
_refine_hist.pdbx_number_atoms_ligand         0 
_refine_hist.number_atoms_solvent             15 
_refine_hist.number_atoms_total               1177 
_refine_hist.d_res_high                       2.60 
_refine_hist.d_res_low                        19.83 
# 
loop_
_refine_ls_restr.type 
_refine_ls_restr.dev_ideal 
_refine_ls_restr.dev_ideal_target 
_refine_ls_restr.weight 
_refine_ls_restr.number 
_refine_ls_restr.pdbx_refine_id 
_refine_ls_restr.pdbx_restraint_function 
c_bond_d                0.008 ?    ? ? 'X-RAY DIFFRACTION' ? 
c_bond_d_na             ?     ?    ? ? 'X-RAY DIFFRACTION' ? 
c_bond_d_prot           ?     ?    ? ? 'X-RAY DIFFRACTION' ? 
c_angle_d               ?     ?    ? ? 'X-RAY DIFFRACTION' ? 
c_angle_d_na            ?     ?    ? ? 'X-RAY DIFFRACTION' ? 
c_angle_d_prot          ?     ?    ? ? 'X-RAY DIFFRACTION' ? 
c_angle_deg             1.2   ?    ? ? 'X-RAY DIFFRACTION' ? 
c_angle_deg_na          ?     ?    ? ? 'X-RAY DIFFRACTION' ? 
c_angle_deg_prot        ?     ?    ? ? 'X-RAY DIFFRACTION' ? 
c_dihedral_angle_d      21.0  ?    ? ? 'X-RAY DIFFRACTION' ? 
c_dihedral_angle_d_na   ?     ?    ? ? 'X-RAY DIFFRACTION' ? 
c_dihedral_angle_d_prot ?     ?    ? ? 'X-RAY DIFFRACTION' ? 
c_improper_angle_d      1.17  ?    ? ? 'X-RAY DIFFRACTION' ? 
c_improper_angle_d_na   ?     ?    ? ? 'X-RAY DIFFRACTION' ? 
c_improper_angle_d_prot ?     ?    ? ? 'X-RAY DIFFRACTION' ? 
c_mcbond_it             1.60  1.50 ? ? 'X-RAY DIFFRACTION' ? 
c_mcangle_it            2.77  2.00 ? ? 'X-RAY DIFFRACTION' ? 
c_scbond_it             1.90  2.00 ? ? 'X-RAY DIFFRACTION' ? 
c_scangle_it            3.00  2.50 ? ? 'X-RAY DIFFRACTION' ? 
# 
_refine_ls_shell.pdbx_total_number_of_bins_used   10 
_refine_ls_shell.d_res_high                       2.60 
_refine_ls_shell.d_res_low                        2.69 
_refine_ls_shell.number_reflns_R_work             503 
_refine_ls_shell.R_factor_R_work                  0.396 
_refine_ls_shell.percent_reflns_obs               89.8 
_refine_ls_shell.R_factor_R_free                  0.501 
_refine_ls_shell.R_factor_R_free_error            0.066 
_refine_ls_shell.percent_reflns_R_free            10.3 
_refine_ls_shell.number_reflns_R_free             58 
_refine_ls_shell.redundancy_reflns_obs            ? 
_refine_ls_shell.pdbx_refine_id                   'X-RAY DIFFRACTION' 
_refine_ls_shell.number_reflns_all                ? 
_refine_ls_shell.R_factor_all                     ? 
# 
loop_
_pdbx_xplor_file.serial_no 
_pdbx_xplor_file.param_file 
_pdbx_xplor_file.topol_file 
_pdbx_xplor_file.pdbx_refine_id 
1 PROTEIN_REP.PARAM PROTEIN.TOP 'X-RAY DIFFRACTION' 
2 DNA-RNA_REP.PARAM DNA-RNA.TOP 'X-RAY DIFFRACTION' 
3 WATER_REP.PARAM   WATER.TOP   'X-RAY DIFFRACTION' 
4 ION.PARAM         ION.TOP     'X-RAY DIFFRACTION' 
# 
_struct.entry_id                  1SI3 
_struct.title                     'Crystal structure of the PAZ domain of human eIF2c1 in complex with a 9-mer siRNA-like duplex' 
_struct.pdbx_model_details        ? 
_struct.pdbx_CASP_flag            ? 
_struct.pdbx_model_type_details   ? 
# 
_struct_keywords.entry_id        1SI3 
_struct_keywords.pdbx_keywords   'GENE REGULATION/RNA' 
_struct_keywords.text            'PROTEIN-RNA COMPLEX, RNA INTERFERENCE, DOUBLE HELIX, OVERHANG, GENE REGULATION-RNA COMPLEX' 
# 
loop_
_struct_asym.id 
_struct_asym.pdbx_blank_PDB_chainid_flag 
_struct_asym.pdbx_modified 
_struct_asym.entity_id 
_struct_asym.details 
A N N 1 ? 
B N N 2 ? 
C N N 3 ? 
# 
loop_
_struct_ref.id 
_struct_ref.db_name 
_struct_ref.db_code 
_struct_ref.pdbx_db_accession 
_struct_ref.entity_id 
_struct_ref.pdbx_seq_one_letter_code 
_struct_ref.pdbx_align_begin 
_struct_ref.pdbx_db_isoform 
1 UNP I2C1_HUMAN Q9UL18 2 
;AQPVIEFMCEVLDIRNIDEQPKPLTDSQRVRFTKEIKGLKVEVTHCGQMKRKYRVCNVTRRPASHQTFPLQLESGQTVEC
TVAQYFKQKYNLQLKYPHLPCLQVGQEQKHTYLPLEVCNIVAGQRCIKKLTDNQTSTMIKATARS
;
225 ? 
2 PDB 1SI3       1SI3   1 ? ?   ? 
# 
loop_
_struct_ref_seq.align_id 
_struct_ref_seq.ref_id 
_struct_ref_seq.pdbx_PDB_id_code 
_struct_ref_seq.pdbx_strand_id 
_struct_ref_seq.seq_align_beg 
_struct_ref_seq.pdbx_seq_align_beg_ins_code 
_struct_ref_seq.seq_align_end 
_struct_ref_seq.pdbx_seq_align_end_ins_code 
_struct_ref_seq.pdbx_db_accession 
_struct_ref_seq.db_align_beg 
_struct_ref_seq.pdbx_db_align_beg_ins_code 
_struct_ref_seq.db_align_end 
_struct_ref_seq.pdbx_db_align_end_ins_code 
_struct_ref_seq.pdbx_auth_seq_align_beg 
_struct_ref_seq.pdbx_auth_seq_align_end 
1 1 1SI3 A 5 ? 149 ? Q9UL18 225 ? 369 ? 225 369 
2 2 1SI3 B 1 ? 9   ? 1SI3   401 ? 409 ? 401 409 
# 
loop_
_struct_ref_seq_dif.align_id 
_struct_ref_seq_dif.pdbx_pdb_id_code 
_struct_ref_seq_dif.mon_id 
_struct_ref_seq_dif.pdbx_pdb_strand_id 
_struct_ref_seq_dif.seq_num 
_struct_ref_seq_dif.pdbx_pdb_ins_code 
_struct_ref_seq_dif.pdbx_seq_db_name 
_struct_ref_seq_dif.pdbx_seq_db_accession_code 
_struct_ref_seq_dif.db_mon_id 
_struct_ref_seq_dif.pdbx_seq_db_seq_num 
_struct_ref_seq_dif.details 
_struct_ref_seq_dif.pdbx_auth_seq_num 
_struct_ref_seq_dif.pdbx_ordinal 
1 1SI3 GLY A 1   ? UNP Q9UL18 ?   ?   'cloning artifact' 221 1 
1 1SI3 SER A 2   ? UNP Q9UL18 ?   ?   'cloning artifact' 222 2 
1 1SI3 HIS A 3   ? UNP Q9UL18 ?   ?   'cloning artifact' 223 3 
1 1SI3 MSE A 4   ? UNP Q9UL18 ?   ?   'cloning artifact' 224 4 
1 1SI3 MSE A 12  ? UNP Q9UL18 MET 232 'modified residue' 232 5 
1 1SI3 MSE A 53  ? UNP Q9UL18 MET 273 'modified residue' 273 6 
1 1SI3 MSE A 142 ? UNP Q9UL18 MET 362 'modified residue' 362 7 
# 
_pdbx_struct_assembly.id                   1 
_pdbx_struct_assembly.details              author_defined_assembly 
_pdbx_struct_assembly.method_details       ? 
_pdbx_struct_assembly.oligomeric_details   tetrameric 
_pdbx_struct_assembly.oligomeric_count     4 
# 
_pdbx_struct_assembly_gen.assembly_id       1 
_pdbx_struct_assembly_gen.oper_expression   1,2 
_pdbx_struct_assembly_gen.asym_id_list      A,B,C 
# 
loop_
_pdbx_struct_oper_list.id 
_pdbx_struct_oper_list.type 
_pdbx_struct_oper_list.name 
_pdbx_struct_oper_list.symmetry_operation 
_pdbx_struct_oper_list.matrix[1][1] 
_pdbx_struct_oper_list.matrix[1][2] 
_pdbx_struct_oper_list.matrix[1][3] 
_pdbx_struct_oper_list.vector[1] 
_pdbx_struct_oper_list.matrix[2][1] 
_pdbx_struct_oper_list.matrix[2][2] 
_pdbx_struct_oper_list.matrix[2][3] 
_pdbx_struct_oper_list.vector[2] 
_pdbx_struct_oper_list.matrix[3][1] 
_pdbx_struct_oper_list.matrix[3][2] 
_pdbx_struct_oper_list.matrix[3][3] 
_pdbx_struct_oper_list.vector[3] 
1 'identity operation'         1_555 x,y,z       1.0000000000  0.0000000000  0.0000000000 0.0000000000   0.0000000000  1.0000000000  0.0000000000  0.0000000000  0.0000000000 0.0000000000  1.0000000000 0.0000000000  
2 'crystal symmetry operation' 4_675 -x+1,-y+2,z -0.8321265658 -0.2765661942 0.4807041905 -21.3118272406 -0.2765661942 -0.5443659081 -0.7919450097 29.3651849067 0.4807041905 -0.7919450097 0.3764924738 24.3374351434 
# 
_struct_biol.id                    1 
_struct_biol.details               
;The biological assemble consists of two PAZ domains bound to each end of a 9-mer siRNA-like duplex generated from 
the protein monomer and the 9-mer single stranded RNA in the asymmetric unit 
by the operation: -X+1,-Y+2,Z.
;
_struct_biol.pdbx_parent_biol_id   ? 
# 
loop_
_struct_conf.conf_type_id 
_struct_conf.id 
_struct_conf.pdbx_PDB_helix_id 
_struct_conf.beg_label_comp_id 
_struct_conf.beg_label_asym_id 
_struct_conf.beg_label_seq_id 
_struct_conf.pdbx_beg_PDB_ins_code 
_struct_conf.end_label_comp_id 
_struct_conf.end_label_asym_id 
_struct_conf.end_label_seq_id 
_struct_conf.pdbx_end_PDB_ins_code 
_struct_conf.beg_auth_comp_id 
_struct_conf.beg_auth_asym_id 
_struct_conf.beg_auth_seq_id 
_struct_conf.end_auth_comp_id 
_struct_conf.end_auth_asym_id 
_struct_conf.end_auth_seq_id 
_struct_conf.pdbx_PDB_helix_class 
_struct_conf.details 
_struct_conf.pdbx_PDB_helix_length 
HELX_P HELX_P1 1 VAL B 8  ? ASP B 17 ? VAL A 228 ASP A 237 1 ? 10 
HELX_P HELX_P2 2 THR B 29 ? LYS B 41 ? THR A 249 LYS A 261 1 ? 13 
HELX_P HELX_P3 3 VAL B 86 ? LYS B 93 ? VAL A 306 LYS A 313 1 ? 8  
# 
_struct_conf_type.id          HELX_P 
_struct_conf_type.criteria    ? 
_struct_conf_type.reference   ? 
# 
loop_
_struct_conn.id 
_struct_conn.conn_type_id 
_struct_conn.pdbx_leaving_atom_flag 
_struct_conn.pdbx_PDB_id 
_struct_conn.ptnr1_label_asym_id 
_struct_conn.ptnr1_label_comp_id 
_struct_conn.ptnr1_label_seq_id 
_struct_conn.ptnr1_label_atom_id 
_struct_conn.pdbx_ptnr1_label_alt_id 
_struct_conn.pdbx_ptnr1_PDB_ins_code 
_struct_conn.pdbx_ptnr1_standard_comp_id 
_struct_conn.ptnr1_symmetry 
_struct_conn.ptnr2_label_asym_id 
_struct_conn.ptnr2_label_comp_id 
_struct_conn.ptnr2_label_seq_id 
_struct_conn.ptnr2_label_atom_id 
_struct_conn.pdbx_ptnr2_label_alt_id 
_struct_conn.pdbx_ptnr2_PDB_ins_code 
_struct_conn.ptnr1_auth_asym_id 
_struct_conn.ptnr1_auth_comp_id 
_struct_conn.ptnr1_auth_seq_id 
_struct_conn.ptnr2_auth_asym_id 
_struct_conn.ptnr2_auth_comp_id 
_struct_conn.ptnr2_auth_seq_id 
_struct_conn.ptnr2_symmetry 
_struct_conn.pdbx_ptnr3_label_atom_id 
_struct_conn.pdbx_ptnr3_label_seq_id 
_struct_conn.pdbx_ptnr3_label_comp_id 
_struct_conn.pdbx_ptnr3_label_asym_id 
_struct_conn.pdbx_ptnr3_label_alt_id 
_struct_conn.pdbx_ptnr3_PDB_ins_code 
_struct_conn.details 
_struct_conn.pdbx_dist_value 
_struct_conn.pdbx_value_order 
_struct_conn.pdbx_role 
covale1  covale both ? B MSE 4  C  ? ? ? 1_555 B ALA 5  N  ? ? A MSE 224 A ALA 225 1_555 ? ? ? ? ? ? ?             1.328 ? ? 
covale2  covale both ? B PHE 11 C  ? ? ? 1_555 B MSE 12 N  ? ? A PHE 231 A MSE 232 1_555 ? ? ? ? ? ? ?             1.331 ? ? 
covale3  covale both ? B MSE 12 C  ? ? ? 1_555 B CYS 13 N  ? ? A MSE 232 A CYS 233 1_555 ? ? ? ? ? ? ?             1.326 ? ? 
covale4  covale both ? B GLN 52 C  ? ? ? 1_555 B MSE 53 N  ? ? A GLN 272 A MSE 273 1_555 ? ? ? ? ? ? ?             1.321 ? ? 
covale5  covale both ? B MSE 53 C  ? ? ? 1_555 B LYS 54 N  ? ? A MSE 273 A LYS 274 1_555 ? ? ? ? ? ? ?             1.331 ? ? 
hydrog1  hydrog ?    ? A C   1  N4 ? ? ? 1_555 A U   7  O4 ? ? B C   401 B U   407 4_675 ? ? ? ? ? ? 'C-U MISPAIR' ?     ? ? 
hydrog2  hydrog ?    ? A G   2  N1 ? ? ? 1_555 A C   6  N3 ? ? B G   402 B C   406 4_675 ? ? ? ? ? ? WATSON-CRICK  ?     ? ? 
hydrog3  hydrog ?    ? A G   2  N2 ? ? ? 1_555 A C   6  O2 ? ? B G   402 B C   406 4_675 ? ? ? ? ? ? WATSON-CRICK  ?     ? ? 
hydrog4  hydrog ?    ? A G   2  O6 ? ? ? 1_555 A C   6  N4 ? ? B G   402 B C   406 4_675 ? ? ? ? ? ? WATSON-CRICK  ?     ? ? 
hydrog5  hydrog ?    ? A G   2  N1 ? ? ? 1_555 A U   7  O4 ? ? B G   402 B U   407 4_675 ? ? ? ? ? ? 'G-U MISPAIR' ?     ? ? 
hydrog6  hydrog ?    ? A U   3  N3 ? ? ? 1_555 A A   5  N1 ? ? B U   403 B A   405 4_675 ? ? ? ? ? ? WATSON-CRICK  ?     ? ? 
hydrog7  hydrog ?    ? A U   3  O4 ? ? ? 1_555 A A   5  N6 ? ? B U   403 B A   405 4_675 ? ? ? ? ? ? WATSON-CRICK  ?     ? ? 
hydrog8  hydrog ?    ? A A   5  N1 ? ? ? 1_555 A U   3  N3 ? ? B A   405 B U   403 4_675 ? ? ? ? ? ? WATSON-CRICK  ?     ? ? 
hydrog9  hydrog ?    ? A A   5  N6 ? ? ? 1_555 A U   3  O4 ? ? B A   405 B U   403 4_675 ? ? ? ? ? ? WATSON-CRICK  ?     ? ? 
hydrog10 hydrog ?    ? A C   6  N3 ? ? ? 1_555 A G   2  N1 ? ? B C   406 B G   402 4_675 ? ? ? ? ? ? WATSON-CRICK  ?     ? ? 
hydrog11 hydrog ?    ? A C   6  N4 ? ? ? 1_555 A G   2  O6 ? ? B C   406 B G   402 4_675 ? ? ? ? ? ? WATSON-CRICK  ?     ? ? 
hydrog12 hydrog ?    ? A C   6  O2 ? ? ? 1_555 A G   2  N2 ? ? B C   406 B G   402 4_675 ? ? ? ? ? ? WATSON-CRICK  ?     ? ? 
hydrog13 hydrog ?    ? A U   7  O4 ? ? ? 1_555 A C   1  N4 ? ? B U   407 B C   401 4_675 ? ? ? ? ? ? 'U-C MISPAIR' ?     ? ? 
hydrog14 hydrog ?    ? A U   7  O4 ? ? ? 1_555 A G   2  N1 ? ? B U   407 B G   402 4_675 ? ? ? ? ? ? 'U-G MISPAIR' ?     ? ? 
# 
loop_
_struct_conn_type.id 
_struct_conn_type.criteria 
_struct_conn_type.reference 
covale ? ? 
hydrog ? ? 
# 
loop_
_pdbx_modification_feature.ordinal 
_pdbx_modification_feature.label_comp_id 
_pdbx_modification_feature.label_asym_id 
_pdbx_modification_feature.label_seq_id 
_pdbx_modification_feature.label_alt_id 
_pdbx_modification_feature.modified_residue_label_comp_id 
_pdbx_modification_feature.modified_residue_label_asym_id 
_pdbx_modification_feature.modified_residue_label_seq_id 
_pdbx_modification_feature.modified_residue_label_alt_id 
_pdbx_modification_feature.auth_comp_id 
_pdbx_modification_feature.auth_asym_id 
_pdbx_modification_feature.auth_seq_id 
_pdbx_modification_feature.PDB_ins_code 
_pdbx_modification_feature.symmetry 
_pdbx_modification_feature.modified_residue_auth_comp_id 
_pdbx_modification_feature.modified_residue_auth_asym_id 
_pdbx_modification_feature.modified_residue_auth_seq_id 
_pdbx_modification_feature.modified_residue_PDB_ins_code 
_pdbx_modification_feature.modified_residue_symmetry 
_pdbx_modification_feature.comp_id_linking_atom 
_pdbx_modification_feature.modified_residue_id_linking_atom 
_pdbx_modification_feature.modified_residue_id 
_pdbx_modification_feature.ref_pcm_id 
_pdbx_modification_feature.ref_comp_id 
_pdbx_modification_feature.type 
_pdbx_modification_feature.category 
1 MSE B 4  ? . . . . MSE A 224 ? 1_555 . . . . . . . MET 1 MSE Selenomethionine 'Named protein modification' 
2 MSE B 12 ? . . . . MSE A 232 ? 1_555 . . . . . . . MET 1 MSE Selenomethionine 'Named protein modification' 
3 MSE B 53 ? . . . . MSE A 273 ? 1_555 . . . . . . . MET 1 MSE Selenomethionine 'Named protein modification' 
# 
loop_
_struct_sheet.id 
_struct_sheet.type 
_struct_sheet.number_strands 
_struct_sheet.details 
A ? 6 ? 
B ? 2 ? 
# 
loop_
_struct_sheet_order.sheet_id 
_struct_sheet_order.range_id_1 
_struct_sheet_order.range_id_2 
_struct_sheet_order.offset 
_struct_sheet_order.sense 
A 1 2 ? anti-parallel 
A 2 3 ? anti-parallel 
A 3 4 ? anti-parallel 
A 4 5 ? anti-parallel 
A 5 6 ? anti-parallel 
B 1 2 ? anti-parallel 
# 
loop_
_struct_sheet_range.sheet_id 
_struct_sheet_range.id 
_struct_sheet_range.beg_label_comp_id 
_struct_sheet_range.beg_label_asym_id 
_struct_sheet_range.beg_label_seq_id 
_struct_sheet_range.pdbx_beg_PDB_ins_code 
_struct_sheet_range.end_label_comp_id 
_struct_sheet_range.end_label_asym_id 
_struct_sheet_range.end_label_seq_id 
_struct_sheet_range.pdbx_end_PDB_ins_code 
_struct_sheet_range.beg_auth_comp_id 
_struct_sheet_range.beg_auth_asym_id 
_struct_sheet_range.beg_auth_seq_id 
_struct_sheet_range.end_auth_comp_id 
_struct_sheet_range.end_auth_asym_id 
_struct_sheet_range.end_auth_seq_id 
A 1 GLN B 6   ? PRO B 7   ? GLN A 226 PRO A 227 
A 2 CYS B 122 ? ILE B 124 ? CYS A 342 ILE A 344 
A 3 LYS B 44  ? VAL B 47  ? LYS A 264 VAL A 267 
A 4 LYS B 56  ? PRO B 66  ? LYS A 276 PRO A 286 
A 5 PRO B 104 ? VAL B 108 ? PRO A 324 VAL A 328 
A 6 THR B 115 ? PRO B 118 ? THR A 335 PRO A 338 
B 1 THR B 71  ? PRO B 73  ? THR A 291 PRO A 293 
B 2 GLU B 83  ? THR B 85  ? GLU A 303 THR A 305 
# 
loop_
_pdbx_struct_sheet_hbond.sheet_id 
_pdbx_struct_sheet_hbond.range_id_1 
_pdbx_struct_sheet_hbond.range_id_2 
_pdbx_struct_sheet_hbond.range_1_label_atom_id 
_pdbx_struct_sheet_hbond.range_1_label_comp_id 
_pdbx_struct_sheet_hbond.range_1_label_asym_id 
_pdbx_struct_sheet_hbond.range_1_label_seq_id 
_pdbx_struct_sheet_hbond.range_1_PDB_ins_code 
_pdbx_struct_sheet_hbond.range_1_auth_atom_id 
_pdbx_struct_sheet_hbond.range_1_auth_comp_id 
_pdbx_struct_sheet_hbond.range_1_auth_asym_id 
_pdbx_struct_sheet_hbond.range_1_auth_seq_id 
_pdbx_struct_sheet_hbond.range_2_label_atom_id 
_pdbx_struct_sheet_hbond.range_2_label_comp_id 
_pdbx_struct_sheet_hbond.range_2_label_asym_id 
_pdbx_struct_sheet_hbond.range_2_label_seq_id 
_pdbx_struct_sheet_hbond.range_2_PDB_ins_code 
_pdbx_struct_sheet_hbond.range_2_auth_atom_id 
_pdbx_struct_sheet_hbond.range_2_auth_comp_id 
_pdbx_struct_sheet_hbond.range_2_auth_asym_id 
_pdbx_struct_sheet_hbond.range_2_auth_seq_id 
A 1 2 N GLN B 6   ? N GLN A 226 O ILE B 124 ? O ILE A 344 
A 2 3 O ASN B 123 ? O ASN A 343 N GLU B 46  ? N GLU A 266 
A 3 4 N VAL B 45  ? N VAL A 265 O TYR B 57  ? O TYR A 277 
A 4 5 N THR B 63  ? N THR A 283 O CYS B 105 ? O CYS A 325 
A 5 6 N LEU B 106 ? N LEU A 326 O LEU B 117 ? O LEU A 337 
B 1 2 N PHE B 72  ? N PHE A 292 O CYS B 84  ? O CYS A 304 
# 
_pdbx_entry_details.entry_id                   1SI3 
_pdbx_entry_details.compound_details           ? 
_pdbx_entry_details.source_details             ? 
_pdbx_entry_details.nonpolymer_details         ? 
_pdbx_entry_details.sequence_details           ? 
_pdbx_entry_details.has_ligand_of_interest     ? 
_pdbx_entry_details.has_protein_modification   Y 
# 
loop_
_pdbx_validate_torsion.id 
_pdbx_validate_torsion.PDB_model_num 
_pdbx_validate_torsion.auth_comp_id 
_pdbx_validate_torsion.auth_asym_id 
_pdbx_validate_torsion.auth_seq_id 
_pdbx_validate_torsion.PDB_ins_code 
_pdbx_validate_torsion.label_alt_id 
_pdbx_validate_torsion.phi 
_pdbx_validate_torsion.psi 
1 1 ASN A 240 ? ? -92.47  38.44  
2 1 PRO A 245 ? ? -79.10  29.75  
3 1 ASN A 281 ? ? 176.21  171.60 
4 1 LYS A 333 ? ? -160.35 -16.11 
# 
_pdbx_validate_planes.id              1 
_pdbx_validate_planes.PDB_model_num   1 
_pdbx_validate_planes.auth_comp_id    U 
_pdbx_validate_planes.auth_asym_id    B 
_pdbx_validate_planes.auth_seq_id     407 
_pdbx_validate_planes.PDB_ins_code    ? 
_pdbx_validate_planes.label_alt_id    ? 
_pdbx_validate_planes.rmsd            0.067 
_pdbx_validate_planes.type            'SIDE CHAIN' 
# 
loop_
_pdbx_struct_mod_residue.id 
_pdbx_struct_mod_residue.label_asym_id 
_pdbx_struct_mod_residue.label_comp_id 
_pdbx_struct_mod_residue.label_seq_id 
_pdbx_struct_mod_residue.auth_asym_id 
_pdbx_struct_mod_residue.auth_comp_id 
_pdbx_struct_mod_residue.auth_seq_id 
_pdbx_struct_mod_residue.PDB_ins_code 
_pdbx_struct_mod_residue.parent_comp_id 
_pdbx_struct_mod_residue.details 
1 B MSE 4  A MSE 224 ? MET SELENOMETHIONINE 
2 B MSE 12 A MSE 232 ? MET SELENOMETHIONINE 
3 B MSE 53 A MSE 273 ? MET SELENOMETHIONINE 
# 
loop_
_pdbx_unobs_or_zero_occ_residues.id 
_pdbx_unobs_or_zero_occ_residues.PDB_model_num 
_pdbx_unobs_or_zero_occ_residues.polymer_flag 
_pdbx_unobs_or_zero_occ_residues.occupancy_flag 
_pdbx_unobs_or_zero_occ_residues.auth_asym_id 
_pdbx_unobs_or_zero_occ_residues.auth_comp_id 
_pdbx_unobs_or_zero_occ_residues.auth_seq_id 
_pdbx_unobs_or_zero_occ_residues.PDB_ins_code 
_pdbx_unobs_or_zero_occ_residues.label_asym_id 
_pdbx_unobs_or_zero_occ_residues.label_comp_id 
_pdbx_unobs_or_zero_occ_residues.label_seq_id 
1  1 Y 1 A GLY 221 ? B GLY 1   
2  1 Y 1 A SER 222 ? B SER 2   
3  1 Y 1 A HIS 223 ? B HIS 3   
4  1 Y 1 A LEU 296 ? B LEU 76  
5  1 Y 1 A GLU 297 ? B GLU 77  
6  1 Y 1 A SER 298 ? B SER 78  
7  1 Y 1 A GLY 299 ? B GLY 79  
8  1 Y 1 A GLN 300 ? B GLN 80  
9  1 Y 1 A THR 301 ? B THR 81  
10 1 Y 1 A CYS 350 ? B CYS 130 
11 1 Y 1 A ILE 351 ? B ILE 131 
12 1 Y 1 A LYS 352 ? B LYS 132 
13 1 Y 1 A LYS 353 ? B LYS 133 
14 1 Y 1 A LEU 354 ? B LEU 134 
15 1 Y 1 A THR 355 ? B THR 135 
16 1 Y 1 A ASP 356 ? B ASP 136 
17 1 Y 1 A ASN 357 ? B ASN 137 
18 1 Y 1 A GLN 358 ? B GLN 138 
19 1 Y 1 A THR 359 ? B THR 139 
20 1 Y 1 A SER 360 ? B SER 140 
21 1 Y 1 A THR 361 ? B THR 141 
22 1 Y 1 A MSE 362 ? B MSE 142 
23 1 Y 1 A ILE 363 ? B ILE 143 
24 1 Y 1 A LYS 364 ? B LYS 144 
25 1 Y 1 A ALA 365 ? B ALA 145 
26 1 Y 1 A THR 366 ? B THR 146 
27 1 Y 1 A ALA 367 ? B ALA 147 
28 1 Y 1 A ARG 368 ? B ARG 148 
29 1 Y 1 A SER 369 ? B SER 149 
# 
loop_
_chem_comp_atom.comp_id 
_chem_comp_atom.atom_id 
_chem_comp_atom.type_symbol 
_chem_comp_atom.pdbx_aromatic_flag 
_chem_comp_atom.pdbx_stereo_config 
_chem_comp_atom.pdbx_ordinal 
A   OP3    O  N N 1   
A   P      P  N N 2   
A   OP1    O  N N 3   
A   OP2    O  N N 4   
A   "O5'"  O  N N 5   
A   "C5'"  C  N N 6   
A   "C4'"  C  N R 7   
A   "O4'"  O  N N 8   
A   "C3'"  C  N S 9   
A   "O3'"  O  N N 10  
A   "C2'"  C  N R 11  
A   "O2'"  O  N N 12  
A   "C1'"  C  N R 13  
A   N9     N  Y N 14  
A   C8     C  Y N 15  
A   N7     N  Y N 16  
A   C5     C  Y N 17  
A   C6     C  Y N 18  
A   N6     N  N N 19  
A   N1     N  Y N 20  
A   C2     C  Y N 21  
A   N3     N  Y N 22  
A   C4     C  Y N 23  
A   HOP3   H  N N 24  
A   HOP2   H  N N 25  
A   "H5'"  H  N N 26  
A   "H5''" H  N N 27  
A   "H4'"  H  N N 28  
A   "H3'"  H  N N 29  
A   "HO3'" H  N N 30  
A   "H2'"  H  N N 31  
A   "HO2'" H  N N 32  
A   "H1'"  H  N N 33  
A   H8     H  N N 34  
A   H61    H  N N 35  
A   H62    H  N N 36  
A   H2     H  N N 37  
ALA N      N  N N 38  
ALA CA     C  N S 39  
ALA C      C  N N 40  
ALA O      O  N N 41  
ALA CB     C  N N 42  
ALA OXT    O  N N 43  
ALA H      H  N N 44  
ALA H2     H  N N 45  
ALA HA     H  N N 46  
ALA HB1    H  N N 47  
ALA HB2    H  N N 48  
ALA HB3    H  N N 49  
ALA HXT    H  N N 50  
ARG N      N  N N 51  
ARG CA     C  N S 52  
ARG C      C  N N 53  
ARG O      O  N N 54  
ARG CB     C  N N 55  
ARG CG     C  N N 56  
ARG CD     C  N N 57  
ARG NE     N  N N 58  
ARG CZ     C  N N 59  
ARG NH1    N  N N 60  
ARG NH2    N  N N 61  
ARG OXT    O  N N 62  
ARG H      H  N N 63  
ARG H2     H  N N 64  
ARG HA     H  N N 65  
ARG HB2    H  N N 66  
ARG HB3    H  N N 67  
ARG HG2    H  N N 68  
ARG HG3    H  N N 69  
ARG HD2    H  N N 70  
ARG HD3    H  N N 71  
ARG HE     H  N N 72  
ARG HH11   H  N N 73  
ARG HH12   H  N N 74  
ARG HH21   H  N N 75  
ARG HH22   H  N N 76  
ARG HXT    H  N N 77  
ASN N      N  N N 78  
ASN CA     C  N S 79  
ASN C      C  N N 80  
ASN O      O  N N 81  
ASN CB     C  N N 82  
ASN CG     C  N N 83  
ASN OD1    O  N N 84  
ASN ND2    N  N N 85  
ASN OXT    O  N N 86  
ASN H      H  N N 87  
ASN H2     H  N N 88  
ASN HA     H  N N 89  
ASN HB2    H  N N 90  
ASN HB3    H  N N 91  
ASN HD21   H  N N 92  
ASN HD22   H  N N 93  
ASN HXT    H  N N 94  
ASP N      N  N N 95  
ASP CA     C  N S 96  
ASP C      C  N N 97  
ASP O      O  N N 98  
ASP CB     C  N N 99  
ASP CG     C  N N 100 
ASP OD1    O  N N 101 
ASP OD2    O  N N 102 
ASP OXT    O  N N 103 
ASP H      H  N N 104 
ASP H2     H  N N 105 
ASP HA     H  N N 106 
ASP HB2    H  N N 107 
ASP HB3    H  N N 108 
ASP HD2    H  N N 109 
ASP HXT    H  N N 110 
C   OP3    O  N N 111 
C   P      P  N N 112 
C   OP1    O  N N 113 
C   OP2    O  N N 114 
C   "O5'"  O  N N 115 
C   "C5'"  C  N N 116 
C   "C4'"  C  N R 117 
C   "O4'"  O  N N 118 
C   "C3'"  C  N S 119 
C   "O3'"  O  N N 120 
C   "C2'"  C  N R 121 
C   "O2'"  O  N N 122 
C   "C1'"  C  N R 123 
C   N1     N  N N 124 
C   C2     C  N N 125 
C   O2     O  N N 126 
C   N3     N  N N 127 
C   C4     C  N N 128 
C   N4     N  N N 129 
C   C5     C  N N 130 
C   C6     C  N N 131 
C   HOP3   H  N N 132 
C   HOP2   H  N N 133 
C   "H5'"  H  N N 134 
C   "H5''" H  N N 135 
C   "H4'"  H  N N 136 
C   "H3'"  H  N N 137 
C   "HO3'" H  N N 138 
C   "H2'"  H  N N 139 
C   "HO2'" H  N N 140 
C   "H1'"  H  N N 141 
C   H41    H  N N 142 
C   H42    H  N N 143 
C   H5     H  N N 144 
C   H6     H  N N 145 
CYS N      N  N N 146 
CYS CA     C  N R 147 
CYS C      C  N N 148 
CYS O      O  N N 149 
CYS CB     C  N N 150 
CYS SG     S  N N 151 
CYS OXT    O  N N 152 
CYS H      H  N N 153 
CYS H2     H  N N 154 
CYS HA     H  N N 155 
CYS HB2    H  N N 156 
CYS HB3    H  N N 157 
CYS HG     H  N N 158 
CYS HXT    H  N N 159 
G   OP3    O  N N 160 
G   P      P  N N 161 
G   OP1    O  N N 162 
G   OP2    O  N N 163 
G   "O5'"  O  N N 164 
G   "C5'"  C  N N 165 
G   "C4'"  C  N R 166 
G   "O4'"  O  N N 167 
G   "C3'"  C  N S 168 
G   "O3'"  O  N N 169 
G   "C2'"  C  N R 170 
G   "O2'"  O  N N 171 
G   "C1'"  C  N R 172 
G   N9     N  Y N 173 
G   C8     C  Y N 174 
G   N7     N  Y N 175 
G   C5     C  Y N 176 
G   C6     C  N N 177 
G   O6     O  N N 178 
G   N1     N  N N 179 
G   C2     C  N N 180 
G   N2     N  N N 181 
G   N3     N  N N 182 
G   C4     C  Y N 183 
G   HOP3   H  N N 184 
G   HOP2   H  N N 185 
G   "H5'"  H  N N 186 
G   "H5''" H  N N 187 
G   "H4'"  H  N N 188 
G   "H3'"  H  N N 189 
G   "HO3'" H  N N 190 
G   "H2'"  H  N N 191 
G   "HO2'" H  N N 192 
G   "H1'"  H  N N 193 
G   H8     H  N N 194 
G   H1     H  N N 195 
G   H21    H  N N 196 
G   H22    H  N N 197 
GLN N      N  N N 198 
GLN CA     C  N S 199 
GLN C      C  N N 200 
GLN O      O  N N 201 
GLN CB     C  N N 202 
GLN CG     C  N N 203 
GLN CD     C  N N 204 
GLN OE1    O  N N 205 
GLN NE2    N  N N 206 
GLN OXT    O  N N 207 
GLN H      H  N N 208 
GLN H2     H  N N 209 
GLN HA     H  N N 210 
GLN HB2    H  N N 211 
GLN HB3    H  N N 212 
GLN HG2    H  N N 213 
GLN HG3    H  N N 214 
GLN HE21   H  N N 215 
GLN HE22   H  N N 216 
GLN HXT    H  N N 217 
GLU N      N  N N 218 
GLU CA     C  N S 219 
GLU C      C  N N 220 
GLU O      O  N N 221 
GLU CB     C  N N 222 
GLU CG     C  N N 223 
GLU CD     C  N N 224 
GLU OE1    O  N N 225 
GLU OE2    O  N N 226 
GLU OXT    O  N N 227 
GLU H      H  N N 228 
GLU H2     H  N N 229 
GLU HA     H  N N 230 
GLU HB2    H  N N 231 
GLU HB3    H  N N 232 
GLU HG2    H  N N 233 
GLU HG3    H  N N 234 
GLU HE2    H  N N 235 
GLU HXT    H  N N 236 
GLY N      N  N N 237 
GLY CA     C  N N 238 
GLY C      C  N N 239 
GLY O      O  N N 240 
GLY OXT    O  N N 241 
GLY H      H  N N 242 
GLY H2     H  N N 243 
GLY HA2    H  N N 244 
GLY HA3    H  N N 245 
GLY HXT    H  N N 246 
HIS N      N  N N 247 
HIS CA     C  N S 248 
HIS C      C  N N 249 
HIS O      O  N N 250 
HIS CB     C  N N 251 
HIS CG     C  Y N 252 
HIS ND1    N  Y N 253 
HIS CD2    C  Y N 254 
HIS CE1    C  Y N 255 
HIS NE2    N  Y N 256 
HIS OXT    O  N N 257 
HIS H      H  N N 258 
HIS H2     H  N N 259 
HIS HA     H  N N 260 
HIS HB2    H  N N 261 
HIS HB3    H  N N 262 
HIS HD1    H  N N 263 
HIS HD2    H  N N 264 
HIS HE1    H  N N 265 
HIS HE2    H  N N 266 
HIS HXT    H  N N 267 
HOH O      O  N N 268 
HOH H1     H  N N 269 
HOH H2     H  N N 270 
ILE N      N  N N 271 
ILE CA     C  N S 272 
ILE C      C  N N 273 
ILE O      O  N N 274 
ILE CB     C  N S 275 
ILE CG1    C  N N 276 
ILE CG2    C  N N 277 
ILE CD1    C  N N 278 
ILE OXT    O  N N 279 
ILE H      H  N N 280 
ILE H2     H  N N 281 
ILE HA     H  N N 282 
ILE HB     H  N N 283 
ILE HG12   H  N N 284 
ILE HG13   H  N N 285 
ILE HG21   H  N N 286 
ILE HG22   H  N N 287 
ILE HG23   H  N N 288 
ILE HD11   H  N N 289 
ILE HD12   H  N N 290 
ILE HD13   H  N N 291 
ILE HXT    H  N N 292 
LEU N      N  N N 293 
LEU CA     C  N S 294 
LEU C      C  N N 295 
LEU O      O  N N 296 
LEU CB     C  N N 297 
LEU CG     C  N N 298 
LEU CD1    C  N N 299 
LEU CD2    C  N N 300 
LEU OXT    O  N N 301 
LEU H      H  N N 302 
LEU H2     H  N N 303 
LEU HA     H  N N 304 
LEU HB2    H  N N 305 
LEU HB3    H  N N 306 
LEU HG     H  N N 307 
LEU HD11   H  N N 308 
LEU HD12   H  N N 309 
LEU HD13   H  N N 310 
LEU HD21   H  N N 311 
LEU HD22   H  N N 312 
LEU HD23   H  N N 313 
LEU HXT    H  N N 314 
LYS N      N  N N 315 
LYS CA     C  N S 316 
LYS C      C  N N 317 
LYS O      O  N N 318 
LYS CB     C  N N 319 
LYS CG     C  N N 320 
LYS CD     C  N N 321 
LYS CE     C  N N 322 
LYS NZ     N  N N 323 
LYS OXT    O  N N 324 
LYS H      H  N N 325 
LYS H2     H  N N 326 
LYS HA     H  N N 327 
LYS HB2    H  N N 328 
LYS HB3    H  N N 329 
LYS HG2    H  N N 330 
LYS HG3    H  N N 331 
LYS HD2    H  N N 332 
LYS HD3    H  N N 333 
LYS HE2    H  N N 334 
LYS HE3    H  N N 335 
LYS HZ1    H  N N 336 
LYS HZ2    H  N N 337 
LYS HZ3    H  N N 338 
LYS HXT    H  N N 339 
MET N      N  N N 340 
MET CA     C  N S 341 
MET C      C  N N 342 
MET O      O  N N 343 
MET CB     C  N N 344 
MET CG     C  N N 345 
MET SD     S  N N 346 
MET CE     C  N N 347 
MET OXT    O  N N 348 
MET H      H  N N 349 
MET H2     H  N N 350 
MET HA     H  N N 351 
MET HB2    H  N N 352 
MET HB3    H  N N 353 
MET HG2    H  N N 354 
MET HG3    H  N N 355 
MET HE1    H  N N 356 
MET HE2    H  N N 357 
MET HE3    H  N N 358 
MET HXT    H  N N 359 
MSE N      N  N N 360 
MSE CA     C  N S 361 
MSE C      C  N N 362 
MSE O      O  N N 363 
MSE OXT    O  N N 364 
MSE CB     C  N N 365 
MSE CG     C  N N 366 
MSE SE     SE N N 367 
MSE CE     C  N N 368 
MSE H      H  N N 369 
MSE H2     H  N N 370 
MSE HA     H  N N 371 
MSE HXT    H  N N 372 
MSE HB2    H  N N 373 
MSE HB3    H  N N 374 
MSE HG2    H  N N 375 
MSE HG3    H  N N 376 
MSE HE1    H  N N 377 
MSE HE2    H  N N 378 
MSE HE3    H  N N 379 
PHE N      N  N N 380 
PHE CA     C  N S 381 
PHE C      C  N N 382 
PHE O      O  N N 383 
PHE CB     C  N N 384 
PHE CG     C  Y N 385 
PHE CD1    C  Y N 386 
PHE CD2    C  Y N 387 
PHE CE1    C  Y N 388 
PHE CE2    C  Y N 389 
PHE CZ     C  Y N 390 
PHE OXT    O  N N 391 
PHE H      H  N N 392 
PHE H2     H  N N 393 
PHE HA     H  N N 394 
PHE HB2    H  N N 395 
PHE HB3    H  N N 396 
PHE HD1    H  N N 397 
PHE HD2    H  N N 398 
PHE HE1    H  N N 399 
PHE HE2    H  N N 400 
PHE HZ     H  N N 401 
PHE HXT    H  N N 402 
PRO N      N  N N 403 
PRO CA     C  N S 404 
PRO C      C  N N 405 
PRO O      O  N N 406 
PRO CB     C  N N 407 
PRO CG     C  N N 408 
PRO CD     C  N N 409 
PRO OXT    O  N N 410 
PRO H      H  N N 411 
PRO HA     H  N N 412 
PRO HB2    H  N N 413 
PRO HB3    H  N N 414 
PRO HG2    H  N N 415 
PRO HG3    H  N N 416 
PRO HD2    H  N N 417 
PRO HD3    H  N N 418 
PRO HXT    H  N N 419 
SER N      N  N N 420 
SER CA     C  N S 421 
SER C      C  N N 422 
SER O      O  N N 423 
SER CB     C  N N 424 
SER OG     O  N N 425 
SER OXT    O  N N 426 
SER H      H  N N 427 
SER H2     H  N N 428 
SER HA     H  N N 429 
SER HB2    H  N N 430 
SER HB3    H  N N 431 
SER HG     H  N N 432 
SER HXT    H  N N 433 
THR N      N  N N 434 
THR CA     C  N S 435 
THR C      C  N N 436 
THR O      O  N N 437 
THR CB     C  N R 438 
THR OG1    O  N N 439 
THR CG2    C  N N 440 
THR OXT    O  N N 441 
THR H      H  N N 442 
THR H2     H  N N 443 
THR HA     H  N N 444 
THR HB     H  N N 445 
THR HG1    H  N N 446 
THR HG21   H  N N 447 
THR HG22   H  N N 448 
THR HG23   H  N N 449 
THR HXT    H  N N 450 
TYR N      N  N N 451 
TYR CA     C  N S 452 
TYR C      C  N N 453 
TYR O      O  N N 454 
TYR CB     C  N N 455 
TYR CG     C  Y N 456 
TYR CD1    C  Y N 457 
TYR CD2    C  Y N 458 
TYR CE1    C  Y N 459 
TYR CE2    C  Y N 460 
TYR CZ     C  Y N 461 
TYR OH     O  N N 462 
TYR OXT    O  N N 463 
TYR H      H  N N 464 
TYR H2     H  N N 465 
TYR HA     H  N N 466 
TYR HB2    H  N N 467 
TYR HB3    H  N N 468 
TYR HD1    H  N N 469 
TYR HD2    H  N N 470 
TYR HE1    H  N N 471 
TYR HE2    H  N N 472 
TYR HH     H  N N 473 
TYR HXT    H  N N 474 
U   OP3    O  N N 475 
U   P      P  N N 476 
U   OP1    O  N N 477 
U   OP2    O  N N 478 
U   "O5'"  O  N N 479 
U   "C5'"  C  N N 480 
U   "C4'"  C  N R 481 
U   "O4'"  O  N N 482 
U   "C3'"  C  N S 483 
U   "O3'"  O  N N 484 
U   "C2'"  C  N R 485 
U   "O2'"  O  N N 486 
U   "C1'"  C  N R 487 
U   N1     N  N N 488 
U   C2     C  N N 489 
U   O2     O  N N 490 
U   N3     N  N N 491 
U   C4     C  N N 492 
U   O4     O  N N 493 
U   C5     C  N N 494 
U   C6     C  N N 495 
U   HOP3   H  N N 496 
U   HOP2   H  N N 497 
U   "H5'"  H  N N 498 
U   "H5''" H  N N 499 
U   "H4'"  H  N N 500 
U   "H3'"  H  N N 501 
U   "HO3'" H  N N 502 
U   "H2'"  H  N N 503 
U   "HO2'" H  N N 504 
U   "H1'"  H  N N 505 
U   H3     H  N N 506 
U   H5     H  N N 507 
U   H6     H  N N 508 
VAL N      N  N N 509 
VAL CA     C  N S 510 
VAL C      C  N N 511 
VAL O      O  N N 512 
VAL CB     C  N N 513 
VAL CG1    C  N N 514 
VAL CG2    C  N N 515 
VAL OXT    O  N N 516 
VAL H      H  N N 517 
VAL H2     H  N N 518 
VAL HA     H  N N 519 
VAL HB     H  N N 520 
VAL HG11   H  N N 521 
VAL HG12   H  N N 522 
VAL HG13   H  N N 523 
VAL HG21   H  N N 524 
VAL HG22   H  N N 525 
VAL HG23   H  N N 526 
VAL HXT    H  N N 527 
# 
loop_
_chem_comp_bond.comp_id 
_chem_comp_bond.atom_id_1 
_chem_comp_bond.atom_id_2 
_chem_comp_bond.value_order 
_chem_comp_bond.pdbx_aromatic_flag 
_chem_comp_bond.pdbx_stereo_config 
_chem_comp_bond.pdbx_ordinal 
A   OP3   P      sing N N 1   
A   OP3   HOP3   sing N N 2   
A   P     OP1    doub N N 3   
A   P     OP2    sing N N 4   
A   P     "O5'"  sing N N 5   
A   OP2   HOP2   sing N N 6   
A   "O5'" "C5'"  sing N N 7   
A   "C5'" "C4'"  sing N N 8   
A   "C5'" "H5'"  sing N N 9   
A   "C5'" "H5''" sing N N 10  
A   "C4'" "O4'"  sing N N 11  
A   "C4'" "C3'"  sing N N 12  
A   "C4'" "H4'"  sing N N 13  
A   "O4'" "C1'"  sing N N 14  
A   "C3'" "O3'"  sing N N 15  
A   "C3'" "C2'"  sing N N 16  
A   "C3'" "H3'"  sing N N 17  
A   "O3'" "HO3'" sing N N 18  
A   "C2'" "O2'"  sing N N 19  
A   "C2'" "C1'"  sing N N 20  
A   "C2'" "H2'"  sing N N 21  
A   "O2'" "HO2'" sing N N 22  
A   "C1'" N9     sing N N 23  
A   "C1'" "H1'"  sing N N 24  
A   N9    C8     sing Y N 25  
A   N9    C4     sing Y N 26  
A   C8    N7     doub Y N 27  
A   C8    H8     sing N N 28  
A   N7    C5     sing Y N 29  
A   C5    C6     sing Y N 30  
A   C5    C4     doub Y N 31  
A   C6    N6     sing N N 32  
A   C6    N1     doub Y N 33  
A   N6    H61    sing N N 34  
A   N6    H62    sing N N 35  
A   N1    C2     sing Y N 36  
A   C2    N3     doub Y N 37  
A   C2    H2     sing N N 38  
A   N3    C4     sing Y N 39  
ALA N     CA     sing N N 40  
ALA N     H      sing N N 41  
ALA N     H2     sing N N 42  
ALA CA    C      sing N N 43  
ALA CA    CB     sing N N 44  
ALA CA    HA     sing N N 45  
ALA C     O      doub N N 46  
ALA C     OXT    sing N N 47  
ALA CB    HB1    sing N N 48  
ALA CB    HB2    sing N N 49  
ALA CB    HB3    sing N N 50  
ALA OXT   HXT    sing N N 51  
ARG N     CA     sing N N 52  
ARG N     H      sing N N 53  
ARG N     H2     sing N N 54  
ARG CA    C      sing N N 55  
ARG CA    CB     sing N N 56  
ARG CA    HA     sing N N 57  
ARG C     O      doub N N 58  
ARG C     OXT    sing N N 59  
ARG CB    CG     sing N N 60  
ARG CB    HB2    sing N N 61  
ARG CB    HB3    sing N N 62  
ARG CG    CD     sing N N 63  
ARG CG    HG2    sing N N 64  
ARG CG    HG3    sing N N 65  
ARG CD    NE     sing N N 66  
ARG CD    HD2    sing N N 67  
ARG CD    HD3    sing N N 68  
ARG NE    CZ     sing N N 69  
ARG NE    HE     sing N N 70  
ARG CZ    NH1    sing N N 71  
ARG CZ    NH2    doub N N 72  
ARG NH1   HH11   sing N N 73  
ARG NH1   HH12   sing N N 74  
ARG NH2   HH21   sing N N 75  
ARG NH2   HH22   sing N N 76  
ARG OXT   HXT    sing N N 77  
ASN N     CA     sing N N 78  
ASN N     H      sing N N 79  
ASN N     H2     sing N N 80  
ASN CA    C      sing N N 81  
ASN CA    CB     sing N N 82  
ASN CA    HA     sing N N 83  
ASN C     O      doub N N 84  
ASN C     OXT    sing N N 85  
ASN CB    CG     sing N N 86  
ASN CB    HB2    sing N N 87  
ASN CB    HB3    sing N N 88  
ASN CG    OD1    doub N N 89  
ASN CG    ND2    sing N N 90  
ASN ND2   HD21   sing N N 91  
ASN ND2   HD22   sing N N 92  
ASN OXT   HXT    sing N N 93  
ASP N     CA     sing N N 94  
ASP N     H      sing N N 95  
ASP N     H2     sing N N 96  
ASP CA    C      sing N N 97  
ASP CA    CB     sing N N 98  
ASP CA    HA     sing N N 99  
ASP C     O      doub N N 100 
ASP C     OXT    sing N N 101 
ASP CB    CG     sing N N 102 
ASP CB    HB2    sing N N 103 
ASP CB    HB3    sing N N 104 
ASP CG    OD1    doub N N 105 
ASP CG    OD2    sing N N 106 
ASP OD2   HD2    sing N N 107 
ASP OXT   HXT    sing N N 108 
C   OP3   P      sing N N 109 
C   OP3   HOP3   sing N N 110 
C   P     OP1    doub N N 111 
C   P     OP2    sing N N 112 
C   P     "O5'"  sing N N 113 
C   OP2   HOP2   sing N N 114 
C   "O5'" "C5'"  sing N N 115 
C   "C5'" "C4'"  sing N N 116 
C   "C5'" "H5'"  sing N N 117 
C   "C5'" "H5''" sing N N 118 
C   "C4'" "O4'"  sing N N 119 
C   "C4'" "C3'"  sing N N 120 
C   "C4'" "H4'"  sing N N 121 
C   "O4'" "C1'"  sing N N 122 
C   "C3'" "O3'"  sing N N 123 
C   "C3'" "C2'"  sing N N 124 
C   "C3'" "H3'"  sing N N 125 
C   "O3'" "HO3'" sing N N 126 
C   "C2'" "O2'"  sing N N 127 
C   "C2'" "C1'"  sing N N 128 
C   "C2'" "H2'"  sing N N 129 
C   "O2'" "HO2'" sing N N 130 
C   "C1'" N1     sing N N 131 
C   "C1'" "H1'"  sing N N 132 
C   N1    C2     sing N N 133 
C   N1    C6     sing N N 134 
C   C2    O2     doub N N 135 
C   C2    N3     sing N N 136 
C   N3    C4     doub N N 137 
C   C4    N4     sing N N 138 
C   C4    C5     sing N N 139 
C   N4    H41    sing N N 140 
C   N4    H42    sing N N 141 
C   C5    C6     doub N N 142 
C   C5    H5     sing N N 143 
C   C6    H6     sing N N 144 
CYS N     CA     sing N N 145 
CYS N     H      sing N N 146 
CYS N     H2     sing N N 147 
CYS CA    C      sing N N 148 
CYS CA    CB     sing N N 149 
CYS CA    HA     sing N N 150 
CYS C     O      doub N N 151 
CYS C     OXT    sing N N 152 
CYS CB    SG     sing N N 153 
CYS CB    HB2    sing N N 154 
CYS CB    HB3    sing N N 155 
CYS SG    HG     sing N N 156 
CYS OXT   HXT    sing N N 157 
G   OP3   P      sing N N 158 
G   OP3   HOP3   sing N N 159 
G   P     OP1    doub N N 160 
G   P     OP2    sing N N 161 
G   P     "O5'"  sing N N 162 
G   OP2   HOP2   sing N N 163 
G   "O5'" "C5'"  sing N N 164 
G   "C5'" "C4'"  sing N N 165 
G   "C5'" "H5'"  sing N N 166 
G   "C5'" "H5''" sing N N 167 
G   "C4'" "O4'"  sing N N 168 
G   "C4'" "C3'"  sing N N 169 
G   "C4'" "H4'"  sing N N 170 
G   "O4'" "C1'"  sing N N 171 
G   "C3'" "O3'"  sing N N 172 
G   "C3'" "C2'"  sing N N 173 
G   "C3'" "H3'"  sing N N 174 
G   "O3'" "HO3'" sing N N 175 
G   "C2'" "O2'"  sing N N 176 
G   "C2'" "C1'"  sing N N 177 
G   "C2'" "H2'"  sing N N 178 
G   "O2'" "HO2'" sing N N 179 
G   "C1'" N9     sing N N 180 
G   "C1'" "H1'"  sing N N 181 
G   N9    C8     sing Y N 182 
G   N9    C4     sing Y N 183 
G   C8    N7     doub Y N 184 
G   C8    H8     sing N N 185 
G   N7    C5     sing Y N 186 
G   C5    C6     sing N N 187 
G   C5    C4     doub Y N 188 
G   C6    O6     doub N N 189 
G   C6    N1     sing N N 190 
G   N1    C2     sing N N 191 
G   N1    H1     sing N N 192 
G   C2    N2     sing N N 193 
G   C2    N3     doub N N 194 
G   N2    H21    sing N N 195 
G   N2    H22    sing N N 196 
G   N3    C4     sing N N 197 
GLN N     CA     sing N N 198 
GLN N     H      sing N N 199 
GLN N     H2     sing N N 200 
GLN CA    C      sing N N 201 
GLN CA    CB     sing N N 202 
GLN CA    HA     sing N N 203 
GLN C     O      doub N N 204 
GLN C     OXT    sing N N 205 
GLN CB    CG     sing N N 206 
GLN CB    HB2    sing N N 207 
GLN CB    HB3    sing N N 208 
GLN CG    CD     sing N N 209 
GLN CG    HG2    sing N N 210 
GLN CG    HG3    sing N N 211 
GLN CD    OE1    doub N N 212 
GLN CD    NE2    sing N N 213 
GLN NE2   HE21   sing N N 214 
GLN NE2   HE22   sing N N 215 
GLN OXT   HXT    sing N N 216 
GLU N     CA     sing N N 217 
GLU N     H      sing N N 218 
GLU N     H2     sing N N 219 
GLU CA    C      sing N N 220 
GLU CA    CB     sing N N 221 
GLU CA    HA     sing N N 222 
GLU C     O      doub N N 223 
GLU C     OXT    sing N N 224 
GLU CB    CG     sing N N 225 
GLU CB    HB2    sing N N 226 
GLU CB    HB3    sing N N 227 
GLU CG    CD     sing N N 228 
GLU CG    HG2    sing N N 229 
GLU CG    HG3    sing N N 230 
GLU CD    OE1    doub N N 231 
GLU CD    OE2    sing N N 232 
GLU OE2   HE2    sing N N 233 
GLU OXT   HXT    sing N N 234 
GLY N     CA     sing N N 235 
GLY N     H      sing N N 236 
GLY N     H2     sing N N 237 
GLY CA    C      sing N N 238 
GLY CA    HA2    sing N N 239 
GLY CA    HA3    sing N N 240 
GLY C     O      doub N N 241 
GLY C     OXT    sing N N 242 
GLY OXT   HXT    sing N N 243 
HIS N     CA     sing N N 244 
HIS N     H      sing N N 245 
HIS N     H2     sing N N 246 
HIS CA    C      sing N N 247 
HIS CA    CB     sing N N 248 
HIS CA    HA     sing N N 249 
HIS C     O      doub N N 250 
HIS C     OXT    sing N N 251 
HIS CB    CG     sing N N 252 
HIS CB    HB2    sing N N 253 
HIS CB    HB3    sing N N 254 
HIS CG    ND1    sing Y N 255 
HIS CG    CD2    doub Y N 256 
HIS ND1   CE1    doub Y N 257 
HIS ND1   HD1    sing N N 258 
HIS CD2   NE2    sing Y N 259 
HIS CD2   HD2    sing N N 260 
HIS CE1   NE2    sing Y N 261 
HIS CE1   HE1    sing N N 262 
HIS NE2   HE2    sing N N 263 
HIS OXT   HXT    sing N N 264 
HOH O     H1     sing N N 265 
HOH O     H2     sing N N 266 
ILE N     CA     sing N N 267 
ILE N     H      sing N N 268 
ILE N     H2     sing N N 269 
ILE CA    C      sing N N 270 
ILE CA    CB     sing N N 271 
ILE CA    HA     sing N N 272 
ILE C     O      doub N N 273 
ILE C     OXT    sing N N 274 
ILE CB    CG1    sing N N 275 
ILE CB    CG2    sing N N 276 
ILE CB    HB     sing N N 277 
ILE CG1   CD1    sing N N 278 
ILE CG1   HG12   sing N N 279 
ILE CG1   HG13   sing N N 280 
ILE CG2   HG21   sing N N 281 
ILE CG2   HG22   sing N N 282 
ILE CG2   HG23   sing N N 283 
ILE CD1   HD11   sing N N 284 
ILE CD1   HD12   sing N N 285 
ILE CD1   HD13   sing N N 286 
ILE OXT   HXT    sing N N 287 
LEU N     CA     sing N N 288 
LEU N     H      sing N N 289 
LEU N     H2     sing N N 290 
LEU CA    C      sing N N 291 
LEU CA    CB     sing N N 292 
LEU CA    HA     sing N N 293 
LEU C     O      doub N N 294 
LEU C     OXT    sing N N 295 
LEU CB    CG     sing N N 296 
LEU CB    HB2    sing N N 297 
LEU CB    HB3    sing N N 298 
LEU CG    CD1    sing N N 299 
LEU CG    CD2    sing N N 300 
LEU CG    HG     sing N N 301 
LEU CD1   HD11   sing N N 302 
LEU CD1   HD12   sing N N 303 
LEU CD1   HD13   sing N N 304 
LEU CD2   HD21   sing N N 305 
LEU CD2   HD22   sing N N 306 
LEU CD2   HD23   sing N N 307 
LEU OXT   HXT    sing N N 308 
LYS N     CA     sing N N 309 
LYS N     H      sing N N 310 
LYS N     H2     sing N N 311 
LYS CA    C      sing N N 312 
LYS CA    CB     sing N N 313 
LYS CA    HA     sing N N 314 
LYS C     O      doub N N 315 
LYS C     OXT    sing N N 316 
LYS CB    CG     sing N N 317 
LYS CB    HB2    sing N N 318 
LYS CB    HB3    sing N N 319 
LYS CG    CD     sing N N 320 
LYS CG    HG2    sing N N 321 
LYS CG    HG3    sing N N 322 
LYS CD    CE     sing N N 323 
LYS CD    HD2    sing N N 324 
LYS CD    HD3    sing N N 325 
LYS CE    NZ     sing N N 326 
LYS CE    HE2    sing N N 327 
LYS CE    HE3    sing N N 328 
LYS NZ    HZ1    sing N N 329 
LYS NZ    HZ2    sing N N 330 
LYS NZ    HZ3    sing N N 331 
LYS OXT   HXT    sing N N 332 
MET N     CA     sing N N 333 
MET N     H      sing N N 334 
MET N     H2     sing N N 335 
MET CA    C      sing N N 336 
MET CA    CB     sing N N 337 
MET CA    HA     sing N N 338 
MET C     O      doub N N 339 
MET C     OXT    sing N N 340 
MET CB    CG     sing N N 341 
MET CB    HB2    sing N N 342 
MET CB    HB3    sing N N 343 
MET CG    SD     sing N N 344 
MET CG    HG2    sing N N 345 
MET CG    HG3    sing N N 346 
MET SD    CE     sing N N 347 
MET CE    HE1    sing N N 348 
MET CE    HE2    sing N N 349 
MET CE    HE3    sing N N 350 
MET OXT   HXT    sing N N 351 
MSE N     CA     sing N N 352 
MSE N     H      sing N N 353 
MSE N     H2     sing N N 354 
MSE CA    C      sing N N 355 
MSE CA    CB     sing N N 356 
MSE CA    HA     sing N N 357 
MSE C     O      doub N N 358 
MSE C     OXT    sing N N 359 
MSE OXT   HXT    sing N N 360 
MSE CB    CG     sing N N 361 
MSE CB    HB2    sing N N 362 
MSE CB    HB3    sing N N 363 
MSE CG    SE     sing N N 364 
MSE CG    HG2    sing N N 365 
MSE CG    HG3    sing N N 366 
MSE SE    CE     sing N N 367 
MSE CE    HE1    sing N N 368 
MSE CE    HE2    sing N N 369 
MSE CE    HE3    sing N N 370 
PHE N     CA     sing N N 371 
PHE N     H      sing N N 372 
PHE N     H2     sing N N 373 
PHE CA    C      sing N N 374 
PHE CA    CB     sing N N 375 
PHE CA    HA     sing N N 376 
PHE C     O      doub N N 377 
PHE C     OXT    sing N N 378 
PHE CB    CG     sing N N 379 
PHE CB    HB2    sing N N 380 
PHE CB    HB3    sing N N 381 
PHE CG    CD1    doub Y N 382 
PHE CG    CD2    sing Y N 383 
PHE CD1   CE1    sing Y N 384 
PHE CD1   HD1    sing N N 385 
PHE CD2   CE2    doub Y N 386 
PHE CD2   HD2    sing N N 387 
PHE CE1   CZ     doub Y N 388 
PHE CE1   HE1    sing N N 389 
PHE CE2   CZ     sing Y N 390 
PHE CE2   HE2    sing N N 391 
PHE CZ    HZ     sing N N 392 
PHE OXT   HXT    sing N N 393 
PRO N     CA     sing N N 394 
PRO N     CD     sing N N 395 
PRO N     H      sing N N 396 
PRO CA    C      sing N N 397 
PRO CA    CB     sing N N 398 
PRO CA    HA     sing N N 399 
PRO C     O      doub N N 400 
PRO C     OXT    sing N N 401 
PRO CB    CG     sing N N 402 
PRO CB    HB2    sing N N 403 
PRO CB    HB3    sing N N 404 
PRO CG    CD     sing N N 405 
PRO CG    HG2    sing N N 406 
PRO CG    HG3    sing N N 407 
PRO CD    HD2    sing N N 408 
PRO CD    HD3    sing N N 409 
PRO OXT   HXT    sing N N 410 
SER N     CA     sing N N 411 
SER N     H      sing N N 412 
SER N     H2     sing N N 413 
SER CA    C      sing N N 414 
SER CA    CB     sing N N 415 
SER CA    HA     sing N N 416 
SER C     O      doub N N 417 
SER C     OXT    sing N N 418 
SER CB    OG     sing N N 419 
SER CB    HB2    sing N N 420 
SER CB    HB3    sing N N 421 
SER OG    HG     sing N N 422 
SER OXT   HXT    sing N N 423 
THR N     CA     sing N N 424 
THR N     H      sing N N 425 
THR N     H2     sing N N 426 
THR CA    C      sing N N 427 
THR CA    CB     sing N N 428 
THR CA    HA     sing N N 429 
THR C     O      doub N N 430 
THR C     OXT    sing N N 431 
THR CB    OG1    sing N N 432 
THR CB    CG2    sing N N 433 
THR CB    HB     sing N N 434 
THR OG1   HG1    sing N N 435 
THR CG2   HG21   sing N N 436 
THR CG2   HG22   sing N N 437 
THR CG2   HG23   sing N N 438 
THR OXT   HXT    sing N N 439 
TYR N     CA     sing N N 440 
TYR N     H      sing N N 441 
TYR N     H2     sing N N 442 
TYR CA    C      sing N N 443 
TYR CA    CB     sing N N 444 
TYR CA    HA     sing N N 445 
TYR C     O      doub N N 446 
TYR C     OXT    sing N N 447 
TYR CB    CG     sing N N 448 
TYR CB    HB2    sing N N 449 
TYR CB    HB3    sing N N 450 
TYR CG    CD1    doub Y N 451 
TYR CG    CD2    sing Y N 452 
TYR CD1   CE1    sing Y N 453 
TYR CD1   HD1    sing N N 454 
TYR CD2   CE2    doub Y N 455 
TYR CD2   HD2    sing N N 456 
TYR CE1   CZ     doub Y N 457 
TYR CE1   HE1    sing N N 458 
TYR CE2   CZ     sing Y N 459 
TYR CE2   HE2    sing N N 460 
TYR CZ    OH     sing N N 461 
TYR OH    HH     sing N N 462 
TYR OXT   HXT    sing N N 463 
U   OP3   P      sing N N 464 
U   OP3   HOP3   sing N N 465 
U   P     OP1    doub N N 466 
U   P     OP2    sing N N 467 
U   P     "O5'"  sing N N 468 
U   OP2   HOP2   sing N N 469 
U   "O5'" "C5'"  sing N N 470 
U   "C5'" "C4'"  sing N N 471 
U   "C5'" "H5'"  sing N N 472 
U   "C5'" "H5''" sing N N 473 
U   "C4'" "O4'"  sing N N 474 
U   "C4'" "C3'"  sing N N 475 
U   "C4'" "H4'"  sing N N 476 
U   "O4'" "C1'"  sing N N 477 
U   "C3'" "O3'"  sing N N 478 
U   "C3'" "C2'"  sing N N 479 
U   "C3'" "H3'"  sing N N 480 
U   "O3'" "HO3'" sing N N 481 
U   "C2'" "O2'"  sing N N 482 
U   "C2'" "C1'"  sing N N 483 
U   "C2'" "H2'"  sing N N 484 
U   "O2'" "HO2'" sing N N 485 
U   "C1'" N1     sing N N 486 
U   "C1'" "H1'"  sing N N 487 
U   N1    C2     sing N N 488 
U   N1    C6     sing N N 489 
U   C2    O2     doub N N 490 
U   C2    N3     sing N N 491 
U   N3    C4     sing N N 492 
U   N3    H3     sing N N 493 
U   C4    O4     doub N N 494 
U   C4    C5     sing N N 495 
U   C5    C6     doub N N 496 
U   C5    H5     sing N N 497 
U   C6    H6     sing N N 498 
VAL N     CA     sing N N 499 
VAL N     H      sing N N 500 
VAL N     H2     sing N N 501 
VAL CA    C      sing N N 502 
VAL CA    CB     sing N N 503 
VAL CA    HA     sing N N 504 
VAL C     O      doub N N 505 
VAL C     OXT    sing N N 506 
VAL CB    CG1    sing N N 507 
VAL CB    CG2    sing N N 508 
VAL CB    HB     sing N N 509 
VAL CG1   HG11   sing N N 510 
VAL CG1   HG12   sing N N 511 
VAL CG1   HG13   sing N N 512 
VAL CG2   HG21   sing N N 513 
VAL CG2   HG22   sing N N 514 
VAL CG2   HG23   sing N N 515 
VAL OXT   HXT    sing N N 516 
# 
loop_
_ndb_struct_conf_na.entry_id 
_ndb_struct_conf_na.feature 
1SI3 'double helix'         
1SI3 'mismatched base pair' 
# 
loop_
_ndb_struct_na_base_pair.model_number 
_ndb_struct_na_base_pair.i_label_asym_id 
_ndb_struct_na_base_pair.i_label_comp_id 
_ndb_struct_na_base_pair.i_label_seq_id 
_ndb_struct_na_base_pair.i_symmetry 
_ndb_struct_na_base_pair.j_label_asym_id 
_ndb_struct_na_base_pair.j_label_comp_id 
_ndb_struct_na_base_pair.j_label_seq_id 
_ndb_struct_na_base_pair.j_symmetry 
_ndb_struct_na_base_pair.shear 
_ndb_struct_na_base_pair.stretch 
_ndb_struct_na_base_pair.stagger 
_ndb_struct_na_base_pair.buckle 
_ndb_struct_na_base_pair.propeller 
_ndb_struct_na_base_pair.opening 
_ndb_struct_na_base_pair.pair_number 
_ndb_struct_na_base_pair.pair_name 
_ndb_struct_na_base_pair.i_auth_asym_id 
_ndb_struct_na_base_pair.i_auth_seq_id 
_ndb_struct_na_base_pair.i_PDB_ins_code 
_ndb_struct_na_base_pair.j_auth_asym_id 
_ndb_struct_na_base_pair.j_auth_seq_id 
_ndb_struct_na_base_pair.j_PDB_ins_code 
_ndb_struct_na_base_pair.hbond_type_28 
_ndb_struct_na_base_pair.hbond_type_12 
1 A C 1 1_555 A U 7 4_675 0.255  0.162 -1.973 -24.273 -22.411 -37.448 1 B_C401:U407_B B 401 ? B 407 ? ?  ? 
1 A G 2 1_555 A C 6 4_675 -0.327 0.128 -0.199 -15.620 -9.505  1.374   2 B_G402:C406_B B 402 ? B 406 ? 19 1 
1 A U 3 1_555 A A 5 4_675 0.184  0.080 0.250  13.876  -3.768  8.264   3 B_U403:A405_B B 403 ? B 405 ? 20 1 
1 A C 1 1_555 A U 7 1_555 0.255  0.162 -1.973 -24.273 -22.411 -37.448 4 B_C401:U407_B B 401 ? B 407 ? ?  ? 
1 A G 2 1_555 A C 6 1_555 -0.327 0.128 -0.199 -15.620 -9.505  1.374   5 B_G402:C406_B B 402 ? B 406 ? 19 1 
1 A U 3 1_555 A A 5 1_555 0.184  0.080 0.250  13.876  -3.768  8.264   6 B_U403:A405_B B 403 ? B 405 ? 20 1 
# 
loop_
_ndb_struct_na_base_pair_step.model_number 
_ndb_struct_na_base_pair_step.i_label_asym_id_1 
_ndb_struct_na_base_pair_step.i_label_comp_id_1 
_ndb_struct_na_base_pair_step.i_label_seq_id_1 
_ndb_struct_na_base_pair_step.i_symmetry_1 
_ndb_struct_na_base_pair_step.j_label_asym_id_1 
_ndb_struct_na_base_pair_step.j_label_comp_id_1 
_ndb_struct_na_base_pair_step.j_label_seq_id_1 
_ndb_struct_na_base_pair_step.j_symmetry_1 
_ndb_struct_na_base_pair_step.i_label_asym_id_2 
_ndb_struct_na_base_pair_step.i_label_comp_id_2 
_ndb_struct_na_base_pair_step.i_label_seq_id_2 
_ndb_struct_na_base_pair_step.i_symmetry_2 
_ndb_struct_na_base_pair_step.j_label_asym_id_2 
_ndb_struct_na_base_pair_step.j_label_comp_id_2 
_ndb_struct_na_base_pair_step.j_label_seq_id_2 
_ndb_struct_na_base_pair_step.j_symmetry_2 
_ndb_struct_na_base_pair_step.shift 
_ndb_struct_na_base_pair_step.slide 
_ndb_struct_na_base_pair_step.rise 
_ndb_struct_na_base_pair_step.tilt 
_ndb_struct_na_base_pair_step.roll 
_ndb_struct_na_base_pair_step.twist 
_ndb_struct_na_base_pair_step.x_displacement 
_ndb_struct_na_base_pair_step.y_displacement 
_ndb_struct_na_base_pair_step.helical_rise 
_ndb_struct_na_base_pair_step.inclination 
_ndb_struct_na_base_pair_step.tip 
_ndb_struct_na_base_pair_step.helical_twist 
_ndb_struct_na_base_pair_step.step_number 
_ndb_struct_na_base_pair_step.step_name 
_ndb_struct_na_base_pair_step.i_auth_asym_id_1 
_ndb_struct_na_base_pair_step.i_auth_seq_id_1 
_ndb_struct_na_base_pair_step.i_PDB_ins_code_1 
_ndb_struct_na_base_pair_step.j_auth_asym_id_1 
_ndb_struct_na_base_pair_step.j_auth_seq_id_1 
_ndb_struct_na_base_pair_step.j_PDB_ins_code_1 
_ndb_struct_na_base_pair_step.i_auth_asym_id_2 
_ndb_struct_na_base_pair_step.i_auth_seq_id_2 
_ndb_struct_na_base_pair_step.i_PDB_ins_code_2 
_ndb_struct_na_base_pair_step.j_auth_asym_id_2 
_ndb_struct_na_base_pair_step.j_auth_seq_id_2 
_ndb_struct_na_base_pair_step.j_PDB_ins_code_2 
1 A C 1 1_555 A U 7 4_675 A G 2 1_555 A C 6 4_675 1.540 -0.943 3.156 -13.254 15.348 25.498 -3.818 -4.595 1.435 29.534 25.504 
32.474 1 BB_C401G402:C406U407_BB B 401 ? B 407 ? B 402 ? B 406 ? 
1 A G 2 1_555 A C 6 4_675 A U 3 1_555 A A 5 4_675 0.671 -1.487 2.699 -7.044  -2.624 33.391 -2.189 -2.054 2.614 -4.496 12.069 
34.203 2 BB_G402U403:A405C406_BB B 402 ? B 406 ? B 403 ? B 405 ? 
1 A C 1 1_555 A U 7 1_555 A G 2 1_555 A C 6 1_555 1.540 -0.943 3.156 -13.254 15.348 25.498 -3.818 -4.595 1.435 29.534 25.504 
32.474 3 BB_C401G402:C406U407_BB B 401 ? B 407 ? B 402 ? B 406 ? 
1 A G 2 1_555 A C 6 1_555 A U 3 1_555 A A 5 1_555 0.671 -1.487 2.699 -7.044  -2.624 33.391 -2.189 -2.054 2.614 -4.496 12.069 
34.203 4 BB_G402U403:A405C406_BB B 402 ? B 406 ? B 403 ? B 405 ? 
# 
_atom_sites.entry_id                    1SI3 
_atom_sites.fract_transf_matrix[1][1]   -0.00896318 
_atom_sites.fract_transf_matrix[1][2]   -0.00724247 
_atom_sites.fract_transf_matrix[1][3]   -0.00103669 
_atom_sites.fract_transf_matrix[2][1]   -0.01011345 
_atom_sites.fract_transf_matrix[2][2]   0.00255836 
_atom_sites.fract_transf_matrix[2][3]   0.00500378 
_atom_sites.fract_transf_matrix[3][1]   -0.00829348 
_atom_sites.fract_transf_matrix[3][2]   0.01366324 
_atom_sites.fract_transf_matrix[3][3]   -0.02374830 
_atom_sites.fract_transf_vector[1]      0.523431 
_atom_sites.fract_transf_vector[2]      0.793756 
_atom_sites.fract_transf_vector[3]      -0.065225 
# 
loop_
_atom_type.symbol 
C  
N  
O  
P  
S  
SE 
# 
loop_
_atom_site.group_PDB 
_atom_site.id 
_atom_site.type_symbol 
_atom_site.label_atom_id 
_atom_site.label_alt_id 
_atom_site.label_comp_id 
_atom_site.label_asym_id 
_atom_site.label_entity_id 
_atom_site.label_seq_id 
_atom_site.pdbx_PDB_ins_code 
_atom_site.Cartn_x 
_atom_site.Cartn_y 
_atom_site.Cartn_z 
_atom_site.occupancy 
_atom_site.B_iso_or_equiv 
_atom_site.pdbx_formal_charge 
_atom_site.auth_seq_id 
_atom_site.auth_comp_id 
_atom_site.auth_asym_id 
_atom_site.auth_atom_id 
_atom_site.pdbx_PDB_model_num 
ATOM   1    O  "O5'" . C   A 1 1   ? -9.491  22.179  8.960   1.00 63.33  ? 401 C   B "O5'" 1 
ATOM   2    C  "C5'" . C   A 1 1   ? -8.843  23.073  8.063   1.00 60.47  ? 401 C   B "C5'" 1 
ATOM   3    C  "C4'" . C   A 1 1   ? -7.506  23.499  8.623   1.00 59.60  ? 401 C   B "C4'" 1 
ATOM   4    O  "O4'" . C   A 1 1   ? -7.706  24.261  9.844   1.00 59.55  ? 401 C   B "O4'" 1 
ATOM   5    C  "C3'" . C   A 1 1   ? -6.569  22.390  9.070   1.00 58.67  ? 401 C   B "C3'" 1 
ATOM   6    O  "O3'" . C   A 1 1   ? -5.912  21.754  7.979   1.00 57.85  ? 401 C   B "O3'" 1 
ATOM   7    C  "C2'" . C   A 1 1   ? -5.608  23.151  9.976   1.00 59.15  ? 401 C   B "C2'" 1 
ATOM   8    O  "O2'" . C   A 1 1   ? -4.602  23.873  9.290   1.00 58.65  ? 401 C   B "O2'" 1 
ATOM   9    C  "C1'" . C   A 1 1   ? -6.565  24.118  10.678  1.00 59.73  ? 401 C   B "C1'" 1 
ATOM   10   N  N1    . C   A 1 1   ? -6.991  23.586  11.977  1.00 59.81  ? 401 C   B N1    1 
ATOM   11   C  C2    . C   A 1 1   ? -6.089  23.640  13.045  1.00 59.25  ? 401 C   B C2    1 
ATOM   12   O  O2    . C   A 1 1   ? -4.996  24.180  12.871  1.00 60.09  ? 401 C   B O2    1 
ATOM   13   N  N3    . C   A 1 1   ? -6.435  23.109  14.234  1.00 60.40  ? 401 C   B N3    1 
ATOM   14   C  C4    . C   A 1 1   ? -7.638  22.550  14.390  1.00 61.36  ? 401 C   B C4    1 
ATOM   15   N  N4    . C   A 1 1   ? -7.933  22.031  15.587  1.00 61.16  ? 401 C   B N4    1 
ATOM   16   C  C5    . C   A 1 1   ? -8.592  22.498  13.323  1.00 60.63  ? 401 C   B C5    1 
ATOM   17   C  C6    . C   A 1 1   ? -8.229  23.027  12.145  1.00 59.90  ? 401 C   B C6    1 
ATOM   18   P  P     . G   A 1 2   ? -5.526  20.187  8.076   1.00 58.18  ? 402 G   B P     1 
ATOM   19   O  OP1   . G   A 1 2   ? -4.891  19.842  6.777   1.00 59.06  ? 402 G   B OP1   1 
ATOM   20   O  OP2   . G   A 1 2   ? -6.704  19.399  8.546   1.00 56.71  ? 402 G   B OP2   1 
ATOM   21   O  "O5'" . G   A 1 2   ? -4.400  20.137  9.205   1.00 55.55  ? 402 G   B "O5'" 1 
ATOM   22   C  "C5'" . G   A 1 2   ? -3.104  20.675  8.963   1.00 54.41  ? 402 G   B "C5'" 1 
ATOM   23   C  "C4'" . G   A 1 2   ? -2.223  20.489  10.176  1.00 54.07  ? 402 G   B "C4'" 1 
ATOM   24   O  "O4'" . G   A 1 2   ? -2.712  21.322  11.258  1.00 54.21  ? 402 G   B "O4'" 1 
ATOM   25   C  "C3'" . G   A 1 2   ? -2.195  19.089  10.766  1.00 53.33  ? 402 G   B "C3'" 1 
ATOM   26   O  "O3'" . G   A 1 2   ? -1.267  18.243  10.113  1.00 53.33  ? 402 G   B "O3'" 1 
ATOM   27   C  "C2'" . G   A 1 2   ? -1.779  19.354  12.203  1.00 53.26  ? 402 G   B "C2'" 1 
ATOM   28   O  "O2'" . G   A 1 2   ? -0.386  19.540  12.366  1.00 52.95  ? 402 G   B "O2'" 1 
ATOM   29   C  "C1'" . G   A 1 2   ? -2.549  20.642  12.493  1.00 53.85  ? 402 G   B "C1'" 1 
ATOM   30   N  N9    . G   A 1 2   ? -3.873  20.343  13.012  1.00 54.58  ? 402 G   B N9    1 
ATOM   31   C  C8    . G   A 1 2   ? -5.072  20.506  12.365  1.00 55.06  ? 402 G   B C8    1 
ATOM   32   N  N7    . G   A 1 2   ? -6.094  20.128  13.077  1.00 55.67  ? 402 G   B N7    1 
ATOM   33   C  C5    . G   A 1 2   ? -5.536  19.692  14.271  1.00 55.65  ? 402 G   B C5    1 
ATOM   34   C  C6    . G   A 1 2   ? -6.151  19.168  15.436  1.00 55.97  ? 402 G   B C6    1 
ATOM   35   O  O6    . G   A 1 2   ? -7.349  18.980  15.653  1.00 55.99  ? 402 G   B O6    1 
ATOM   36   N  N1    . G   A 1 2   ? -5.211  18.856  16.412  1.00 56.03  ? 402 G   B N1    1 
ATOM   37   C  C2    . G   A 1 2   ? -3.854  19.029  16.285  1.00 54.30  ? 402 G   B C2    1 
ATOM   38   N  N2    . G   A 1 2   ? -3.114  18.675  17.335  1.00 53.31  ? 402 G   B N2    1 
ATOM   39   N  N3    . G   A 1 2   ? -3.269  19.515  15.206  1.00 54.55  ? 402 G   B N3    1 
ATOM   40   C  C4    . G   A 1 2   ? -4.166  19.823  14.245  1.00 54.76  ? 402 G   B C4    1 
ATOM   41   P  P     . U   A 1 3   ? -1.567  16.672  10.023  1.00 54.17  ? 403 U   B P     1 
ATOM   42   O  OP1   . U   A 1 3   ? -0.575  16.078  9.098   1.00 55.30  ? 403 U   B OP1   1 
ATOM   43   O  OP2   . U   A 1 3   ? -3.011  16.489  9.756   1.00 54.82  ? 403 U   B OP2   1 
ATOM   44   O  "O5'" . U   A 1 3   ? -1.310  16.136  11.502  1.00 54.11  ? 403 U   B "O5'" 1 
ATOM   45   C  "C5'" . U   A 1 3   ? -0.051  16.292  12.140  1.00 53.84  ? 403 U   B "C5'" 1 
ATOM   46   C  "C4'" . U   A 1 3   ? -0.151  15.858  13.586  1.00 55.59  ? 403 U   B "C4'" 1 
ATOM   47   O  "O4'" . U   A 1 3   ? -1.082  16.737  14.279  1.00 55.61  ? 403 U   B "O4'" 1 
ATOM   48   C  "C3'" . U   A 1 3   ? -0.689  14.452  13.840  1.00 55.77  ? 403 U   B "C3'" 1 
ATOM   49   O  "O3'" . U   A 1 3   ? 0.352   13.477  13.758  1.00 56.95  ? 403 U   B "O3'" 1 
ATOM   50   C  "C2'" . U   A 1 3   ? -1.230  14.579  15.262  1.00 55.16  ? 403 U   B "C2'" 1 
ATOM   51   O  "O2'" . U   A 1 3   ? -0.228  14.518  16.250  1.00 54.56  ? 403 U   B "O2'" 1 
ATOM   52   C  "C1'" . U   A 1 3   ? -1.800  15.998  15.249  1.00 55.43  ? 403 U   B "C1'" 1 
ATOM   53   N  N1    . U   A 1 3   ? -3.226  16.052  14.904  1.00 56.06  ? 403 U   B N1    1 
ATOM   54   C  C2    . U   A 1 3   ? -4.133  15.785  15.907  1.00 56.25  ? 403 U   B C2    1 
ATOM   55   O  O2    . U   A 1 3   ? -3.795  15.501  17.031  1.00 56.24  ? 403 U   B O2    1 
ATOM   56   N  N3    . U   A 1 3   ? -5.452  15.865  15.537  1.00 57.73  ? 403 U   B N3    1 
ATOM   57   C  C4    . U   A 1 3   ? -5.946  16.176  14.285  1.00 58.26  ? 403 U   B C4    1 
ATOM   58   O  O4    . U   A 1 3   ? -7.163  16.298  14.128  1.00 58.17  ? 403 U   B O4    1 
ATOM   59   C  C5    . U   A 1 3   ? -4.939  16.426  13.292  1.00 57.15  ? 403 U   B C5    1 
ATOM   60   C  C6    . U   A 1 3   ? -3.646  16.358  13.630  1.00 55.91  ? 403 U   B C6    1 
ATOM   61   P  P     . G   A 1 4   ? 0.067   12.049  13.073  1.00 58.57  ? 404 G   B P     1 
ATOM   62   O  OP1   . G   A 1 4   ? 1.351   11.425  12.664  1.00 58.07  ? 404 G   B OP1   1 
ATOM   63   O  OP2   . G   A 1 4   ? -0.995  12.261  12.066  1.00 57.53  ? 404 G   B OP2   1 
ATOM   64   O  "O5'" . G   A 1 4   ? -0.560  11.166  14.233  1.00 60.09  ? 404 G   B "O5'" 1 
ATOM   65   C  "C5'" . G   A 1 4   ? 0.197   10.841  15.389  1.00 60.47  ? 404 G   B "C5'" 1 
ATOM   66   C  "C4'" . G   A 1 4   ? -0.726  10.478  16.518  1.00 60.55  ? 404 G   B "C4'" 1 
ATOM   67   O  "O4'" . G   A 1 4   ? -1.492  11.655  16.888  1.00 60.74  ? 404 G   B "O4'" 1 
ATOM   68   C  "C3'" . G   A 1 4   ? -1.787  9.437   16.183  1.00 59.71  ? 404 G   B "C3'" 1 
ATOM   69   O  "O3'" . G   A 1 4   ? -1.282  8.104   16.270  1.00 57.96  ? 404 G   B "O3'" 1 
ATOM   70   C  "C2'" . G   A 1 4   ? -2.849  9.734   17.231  1.00 60.47  ? 404 G   B "C2'" 1 
ATOM   71   O  "O2'" . G   A 1 4   ? -2.536  9.192   18.496  1.00 59.11  ? 404 G   B "O2'" 1 
ATOM   72   C  "C1'" . G   A 1 4   ? -2.800  11.266  17.266  1.00 62.06  ? 404 G   B "C1'" 1 
ATOM   73   N  N9    . G   A 1 4   ? -3.748  11.824  16.307  1.00 65.94  ? 404 G   B N9    1 
ATOM   74   C  C8    . G   A 1 4   ? -3.550  12.157  14.985  1.00 67.93  ? 404 G   B C8    1 
ATOM   75   N  N7    . G   A 1 4   ? -4.642  12.567  14.391  1.00 68.26  ? 404 G   B N7    1 
ATOM   76   C  C5    . G   A 1 4   ? -5.605  12.515  15.388  1.00 70.93  ? 404 G   B C5    1 
ATOM   77   C  C6    . G   A 1 4   ? -6.996  12.826  15.357  1.00 72.43  ? 404 G   B C6    1 
ATOM   78   O  O6    . G   A 1 4   ? -7.683  13.235  14.411  1.00 72.51  ? 404 G   B O6    1 
ATOM   79   N  N1    . G   A 1 4   ? -7.586  12.609  16.595  1.00 74.06  ? 404 G   B N1    1 
ATOM   80   C  C2    . G   A 1 4   ? -6.925  12.154  17.716  1.00 73.95  ? 404 G   B C2    1 
ATOM   81   N  N2    . G   A 1 4   ? -7.660  11.983  18.817  1.00 73.06  ? 404 G   B N2    1 
ATOM   82   N  N3    . G   A 1 4   ? -5.646  11.876  17.759  1.00 71.15  ? 404 G   B N3    1 
ATOM   83   C  C4    . G   A 1 4   ? -5.054  12.072  16.575  1.00 69.01  ? 404 G   B C4    1 
ATOM   84   P  P     . A   A 1 5   ? -2.038  6.941   15.488  1.00 55.36  ? 405 A   B P     1 
ATOM   85   O  OP1   . A   A 1 5   ? -1.245  5.710   15.679  1.00 58.21  ? 405 A   B OP1   1 
ATOM   86   O  OP2   . A   A 1 5   ? -2.327  7.424   14.123  1.00 56.16  ? 405 A   B OP2   1 
ATOM   87   O  "O5'" . A   A 1 5   ? -3.403  6.800   16.289  1.00 56.30  ? 405 A   B "O5'" 1 
ATOM   88   C  "C5'" . A   A 1 5   ? -3.391  6.526   17.685  1.00 56.11  ? 405 A   B "C5'" 1 
ATOM   89   C  "C4'" . A   A 1 5   ? -4.782  6.215   18.174  1.00 56.20  ? 405 A   B "C4'" 1 
ATOM   90   O  "O4'" . A   A 1 5   ? -5.535  7.439   18.362  1.00 54.76  ? 405 A   B "O4'" 1 
ATOM   91   C  "C3'" . A   A 1 5   ? -5.659  5.389   17.245  1.00 56.22  ? 405 A   B "C3'" 1 
ATOM   92   O  "O3'" . A   A 1 5   ? -5.385  3.996   17.304  1.00 55.57  ? 405 A   B "O3'" 1 
ATOM   93   C  "C2'" . A   A 1 5   ? -7.042  5.690   17.797  1.00 56.29  ? 405 A   B "C2'" 1 
ATOM   94   O  "O2'" . A   A 1 5   ? -7.318  4.932   18.959  1.00 56.24  ? 405 A   B "O2'" 1 
ATOM   95   C  "C1'" . A   A 1 5   ? -6.911  7.180   18.130  1.00 56.13  ? 405 A   B "C1'" 1 
ATOM   96   N  N9    . A   A 1 5   ? -7.358  8.019   17.016  1.00 57.96  ? 405 A   B N9    1 
ATOM   97   C  C8    . A   A 1 5   ? -6.597  8.762   16.146  1.00 57.66  ? 405 A   B C8    1 
ATOM   98   N  N7    . A   A 1 5   ? -7.298  9.383   15.229  1.00 57.75  ? 405 A   B N7    1 
ATOM   99   C  C5    . A   A 1 5   ? -8.611  9.031   15.514  1.00 58.02  ? 405 A   B C5    1 
ATOM   100  C  C6    . A   A 1 5   ? -9.842  9.363   14.906  1.00 57.54  ? 405 A   B C6    1 
ATOM   101  N  N6    . A   A 1 5   ? -9.954  10.140  13.826  1.00 55.09  ? 405 A   B N6    1 
ATOM   102  N  N1    . A   A 1 5   ? -10.967 8.857   15.451  1.00 58.06  ? 405 A   B N1    1 
ATOM   103  C  C2    . A   A 1 5   ? -10.859 8.064   16.526  1.00 58.87  ? 405 A   B C2    1 
ATOM   104  N  N3    . A   A 1 5   ? -9.766  7.676   17.183  1.00 58.26  ? 405 A   B N3    1 
ATOM   105  C  C4    . A   A 1 5   ? -8.663  8.198   16.618  1.00 57.94  ? 405 A   B C4    1 
ATOM   106  P  P     . C   A 1 6   ? -5.963  3.027   16.159  1.00 57.38  ? 406 C   B P     1 
ATOM   107  O  OP1   . C   A 1 6   ? -5.334  1.688   16.348  1.00 57.02  ? 406 C   B OP1   1 
ATOM   108  O  OP2   . C   A 1 6   ? -5.845  3.711   14.846  1.00 55.41  ? 406 C   B OP2   1 
ATOM   109  O  "O5'" . C   A 1 6   ? -7.520  2.912   16.486  1.00 57.30  ? 406 C   B "O5'" 1 
ATOM   110  C  "C5'" . C   A 1 6   ? -7.980  2.318   17.694  1.00 58.42  ? 406 C   B "C5'" 1 
ATOM   111  C  "C4'" . C   A 1 6   ? -9.478  2.144   17.646  1.00 59.06  ? 406 C   B "C4'" 1 
ATOM   112  O  "O4'" . C   A 1 6   ? -10.116 3.447   17.611  1.00 59.62  ? 406 C   B "O4'" 1 
ATOM   113  C  "C3'" . C   A 1 6   ? -9.983  1.453   16.400  1.00 59.85  ? 406 C   B "C3'" 1 
ATOM   114  O  "O3'" . C   A 1 6   ? -9.910  0.047   16.526  1.00 60.54  ? 406 C   B "O3'" 1 
ATOM   115  C  "C2'" . C   A 1 6   ? -11.413 1.964   16.300  1.00 59.58  ? 406 C   B "C2'" 1 
ATOM   116  O  "O2'" . C   A 1 6   ? -12.305 1.296   17.169  1.00 59.63  ? 406 C   B "O2'" 1 
ATOM   117  C  "C1'" . C   A 1 6   ? -11.238 3.416   16.742  1.00 59.43  ? 406 C   B "C1'" 1 
ATOM   118  N  N1    . C   A 1 6   ? -10.980 4.350   15.628  1.00 59.83  ? 406 C   B N1    1 
ATOM   119  C  C2    . C   A 1 6   ? -12.004 5.216   15.208  1.00 59.43  ? 406 C   B C2    1 
ATOM   120  O  O2    . C   A 1 6   ? -13.101 5.171   15.781  1.00 60.07  ? 406 C   B O2    1 
ATOM   121  N  N3    . C   A 1 6   ? -11.767 6.082   14.193  1.00 58.13  ? 406 C   B N3    1 
ATOM   122  C  C4    . C   A 1 6   ? -10.571 6.110   13.606  1.00 57.08  ? 406 C   B C4    1 
ATOM   123  N  N4    . C   A 1 6   ? -10.378 6.990   12.623  1.00 53.47  ? 406 C   B N4    1 
ATOM   124  C  C5    . C   A 1 6   ? -9.516  5.240   14.005  1.00 59.37  ? 406 C   B C5    1 
ATOM   125  C  C6    . C   A 1 6   ? -9.763  4.383   15.010  1.00 59.72  ? 406 C   B C6    1 
ATOM   126  P  P     . U   A 1 7   ? -9.656  -0.835  15.220  1.00 63.20  ? 407 U   B P     1 
ATOM   127  O  OP1   . U   A 1 7   ? -9.355  -2.230  15.638  1.00 62.72  ? 407 U   B OP1   1 
ATOM   128  O  OP2   . U   A 1 7   ? -8.693  -0.092  14.366  1.00 63.52  ? 407 U   B OP2   1 
ATOM   129  O  "O5'" . U   A 1 7   ? -11.065 -0.830  14.485  1.00 65.08  ? 407 U   B "O5'" 1 
ATOM   130  C  "C5'" . U   A 1 7   ? -12.191 -1.466  15.075  1.00 66.03  ? 407 U   B "C5'" 1 
ATOM   131  C  "C4'" . U   A 1 7   ? -13.435 -1.166  14.284  1.00 66.16  ? 407 U   B "C4'" 1 
ATOM   132  O  "O4'" . U   A 1 7   ? -13.795 0.227   14.446  1.00 67.00  ? 407 U   B "O4'" 1 
ATOM   133  C  "C3'" . U   A 1 7   ? -13.328 -1.330  12.780  1.00 66.83  ? 407 U   B "C3'" 1 
ATOM   134  O  "O3'" . U   A 1 7   ? -13.421 -2.708  12.429  1.00 66.83  ? 407 U   B "O3'" 1 
ATOM   135  C  "C2'" . U   A 1 7   ? -14.519 -0.499  12.296  1.00 67.64  ? 407 U   B "C2'" 1 
ATOM   136  O  "O2'" . U   A 1 7   ? -15.761 -1.175  12.302  1.00 68.28  ? 407 U   B "O2'" 1 
ATOM   137  C  "C1'" . U   A 1 7   ? -14.558 0.640   13.325  1.00 68.35  ? 407 U   B "C1'" 1 
ATOM   138  N  N1    . U   A 1 7   ? -14.010 1.902   12.801  1.00 71.08  ? 407 U   B N1    1 
ATOM   139  C  C2    . U   A 1 7   ? -14.869 2.990   12.704  1.00 72.09  ? 407 U   B C2    1 
ATOM   140  O  O2    . U   A 1 7   ? -16.020 2.970   13.109  1.00 73.59  ? 407 U   B O2    1 
ATOM   141  N  N3    . U   A 1 7   ? -14.328 4.102   12.109  1.00 71.84  ? 407 U   B N3    1 
ATOM   142  C  C4    . U   A 1 7   ? -13.051 4.243   11.622  1.00 71.15  ? 407 U   B C4    1 
ATOM   143  O  O4    . U   A 1 7   ? -12.767 5.249   10.974  1.00 72.04  ? 407 U   B O4    1 
ATOM   144  C  C5    . U   A 1 7   ? -12.209 3.100   11.808  1.00 71.33  ? 407 U   B C5    1 
ATOM   145  C  C6    . U   A 1 7   ? -12.703 1.999   12.379  1.00 71.63  ? 407 U   B C6    1 
ATOM   146  P  P     . C   A 1 8   ? -12.852 -3.226  11.016  1.00 68.35  ? 408 C   B P     1 
ATOM   147  O  OP1   . C   A 1 8   ? -13.525 -2.461  9.934   1.00 66.55  ? 408 C   B OP1   1 
ATOM   148  O  OP2   . C   A 1 8   ? -12.942 -4.708  11.021  1.00 67.57  ? 408 C   B OP2   1 
ATOM   149  O  "O5'" . C   A 1 8   ? -11.288 -2.888  11.057  1.00 69.14  ? 408 C   B "O5'" 1 
ATOM   150  C  "C5'" . C   A 1 8   ? -10.767 -1.712  10.441  1.00 67.82  ? 408 C   B "C5'" 1 
ATOM   151  C  "C4'" . C   A 1 8   ? -9.253  -1.668  10.548  1.00 67.03  ? 408 C   B "C4'" 1 
ATOM   152  O  "O4'" . C   A 1 8   ? -8.844  -1.873  11.927  1.00 68.00  ? 408 C   B "O4'" 1 
ATOM   153  C  "C3'" . C   A 1 8   ? -8.446  -2.719  9.803   1.00 65.57  ? 408 C   B "C3'" 1 
ATOM   154  O  "O3'" . C   A 1 8   ? -8.284  -2.375  8.434   1.00 61.33  ? 408 C   B "O3'" 1 
ATOM   155  C  "C2'" . C   A 1 8   ? -7.093  -2.643  10.506  1.00 66.59  ? 408 C   B "C2'" 1 
ATOM   156  O  "O2'" . C   A 1 8   ? -6.292  -1.590  10.026  1.00 66.99  ? 408 C   B "O2'" 1 
ATOM   157  C  "C1'" . C   A 1 8   ? -7.497  -2.320  11.946  1.00 68.74  ? 408 C   B "C1'" 1 
ATOM   158  N  N1    . C   A 1 8   ? -7.361  -3.462  12.866  1.00 71.96  ? 408 C   B N1    1 
ATOM   159  C  C2    . C   A 1 8   ? -6.092  -3.738  13.417  1.00 74.06  ? 408 C   B C2    1 
ATOM   160  O  O2    . C   A 1 8   ? -5.131  -3.016  13.114  1.00 76.67  ? 408 C   B O2    1 
ATOM   161  N  N3    . C   A 1 8   ? -5.950  -4.777  14.262  1.00 74.37  ? 408 C   B N3    1 
ATOM   162  C  C4    . C   A 1 8   ? -7.007  -5.532  14.570  1.00 75.21  ? 408 C   B C4    1 
ATOM   163  N  N4    . C   A 1 8   ? -6.820  -6.549  15.416  1.00 75.46  ? 408 C   B N4    1 
ATOM   164  C  C5    . C   A 1 8   ? -8.305  -5.278  14.024  1.00 74.20  ? 408 C   B C5    1 
ATOM   165  C  C6    . C   A 1 8   ? -8.434  -4.244  13.184  1.00 72.47  ? 408 C   B C6    1 
ATOM   166  P  P     . U   A 1 9   ? -8.164  -3.538  7.345   1.00 59.43  ? 409 U   B P     1 
ATOM   167  O  OP1   . U   A 1 9   ? -8.127  -2.959  5.983   1.00 57.47  ? 409 U   B OP1   1 
ATOM   168  O  OP2   . U   A 1 9   ? -9.220  -4.525  7.699   1.00 60.95  ? 409 U   B OP2   1 
ATOM   169  O  "O5'" . U   A 1 9   ? -6.749  -4.207  7.635   1.00 58.57  ? 409 U   B "O5'" 1 
ATOM   170  C  "C5'" . U   A 1 9   ? -5.551  -3.631  7.133   1.00 57.58  ? 409 U   B "C5'" 1 
ATOM   171  C  "C4'" . U   A 1 9   ? -4.347  -4.310  7.740   1.00 56.89  ? 409 U   B "C4'" 1 
ATOM   172  O  "O4'" . U   A 1 9   ? -4.457  -4.258  9.183   1.00 57.97  ? 409 U   B "O4'" 1 
ATOM   173  C  "C3'" . U   A 1 9   ? -4.192  -5.790  7.449   1.00 56.29  ? 409 U   B "C3'" 1 
ATOM   174  O  "O3'" . U   A 1 9   ? -3.629  -6.056  6.170   1.00 56.09  ? 409 U   B "O3'" 1 
ATOM   175  C  "C2'" . U   A 1 9   ? -3.304  -6.253  8.592   1.00 56.89  ? 409 U   B "C2'" 1 
ATOM   176  O  "O2'" . U   A 1 9   ? -1.940  -5.984  8.379   1.00 56.51  ? 409 U   B "O2'" 1 
ATOM   177  C  "C1'" . U   A 1 9   ? -3.830  -5.401  9.747   1.00 58.92  ? 409 U   B "C1'" 1 
ATOM   178  N  N1    . U   A 1 9   ? -4.823  -6.127  10.549  1.00 61.92  ? 409 U   B N1    1 
ATOM   179  C  C2    . U   A 1 9   ? -4.471  -6.478  11.832  1.00 63.56  ? 409 U   B C2    1 
ATOM   180  O  O2    . U   A 1 9   ? -3.385  -6.197  12.322  1.00 62.92  ? 409 U   B O2    1 
ATOM   181  N  N3    . U   A 1 9   ? -5.435  -7.174  12.521  1.00 65.35  ? 409 U   B N3    1 
ATOM   182  C  C4    . U   A 1 9   ? -6.686  -7.543  12.061  1.00 63.97  ? 409 U   B C4    1 
ATOM   183  O  O4    . U   A 1 9   ? -7.449  -8.156  12.808  1.00 63.44  ? 409 U   B O4    1 
ATOM   184  C  C5    . U   A 1 9   ? -6.974  -7.137  10.725  1.00 63.00  ? 409 U   B C5    1 
ATOM   185  C  C6    . U   A 1 9   ? -6.060  -6.458  10.032  1.00 62.47  ? 409 U   B C6    1 
HETATM 186  N  N     . MSE B 2 4   ? -8.565  16.864  -4.813  1.00 60.73  ? 224 MSE A N     1 
HETATM 187  C  CA    . MSE B 2 4   ? -8.846  15.400  -4.909  1.00 60.87  ? 224 MSE A CA    1 
HETATM 188  C  C     . MSE B 2 4   ? -7.702  14.523  -4.358  1.00 60.79  ? 224 MSE A C     1 
HETATM 189  O  O     . MSE B 2 4   ? -6.548  14.960  -4.216  1.00 60.33  ? 224 MSE A O     1 
HETATM 190  C  CB    . MSE B 2 4   ? -9.131  15.021  -6.369  1.00 59.75  ? 224 MSE A CB    1 
ATOM   191  N  N     . ALA B 2 5   ? -8.041  13.278  -4.040  1.00 58.52  ? 225 ALA A N     1 
ATOM   192  C  CA    . ALA B 2 5   ? -7.064  12.334  -3.522  1.00 55.89  ? 225 ALA A CA    1 
ATOM   193  C  C     . ALA B 2 5   ? -6.398  11.578  -4.686  1.00 53.69  ? 225 ALA A C     1 
ATOM   194  O  O     . ALA B 2 5   ? -7.084  11.093  -5.597  1.00 53.90  ? 225 ALA A O     1 
ATOM   195  C  CB    . ALA B 2 5   ? -7.756  11.362  -2.580  1.00 55.86  ? 225 ALA A CB    1 
ATOM   196  N  N     . GLN B 2 6   ? -5.069  11.484  -4.656  1.00 49.86  ? 226 GLN A N     1 
ATOM   197  C  CA    . GLN B 2 6   ? -4.314  10.789  -5.708  1.00 45.99  ? 226 GLN A CA    1 
ATOM   198  C  C     . GLN B 2 6   ? -3.967  9.371   -5.303  1.00 42.40  ? 226 GLN A C     1 
ATOM   199  O  O     . GLN B 2 6   ? -3.374  9.168   -4.258  1.00 43.73  ? 226 GLN A O     1 
ATOM   200  C  CB    . GLN B 2 6   ? -3.024  11.541  -6.007  1.00 44.25  ? 226 GLN A CB    1 
ATOM   201  C  CG    . GLN B 2 6   ? -2.035  10.751  -6.841  1.00 46.82  ? 226 GLN A CG    1 
ATOM   202  C  CD    . GLN B 2 6   ? -0.687  11.449  -6.971  1.00 48.64  ? 226 GLN A CD    1 
ATOM   203  O  OE1   . GLN B 2 6   ? -0.057  11.822  -5.967  1.00 48.26  ? 226 GLN A OE1   1 
ATOM   204  N  NE2   . GLN B 2 6   ? -0.233  11.624  -8.210  1.00 48.27  ? 226 GLN A NE2   1 
ATOM   205  N  N     . PRO B 2 7   ? -4.329  8.369   -6.125  1.00 41.16  ? 227 PRO A N     1 
ATOM   206  C  CA    . PRO B 2 7   ? -4.035  6.949   -5.821  1.00 38.82  ? 227 PRO A CA    1 
ATOM   207  C  C     . PRO B 2 7   ? -2.553  6.814   -5.519  1.00 36.81  ? 227 PRO A C     1 
ATOM   208  O  O     . PRO B 2 7   ? -1.741  7.408   -6.224  1.00 35.69  ? 227 PRO A O     1 
ATOM   209  C  CB    . PRO B 2 7   ? -4.413  6.232   -7.110  1.00 37.26  ? 227 PRO A CB    1 
ATOM   210  C  CG    . PRO B 2 7   ? -5.519  7.093   -7.657  1.00 39.49  ? 227 PRO A CG    1 
ATOM   211  C  CD    . PRO B 2 7   ? -4.985  8.502   -7.436  1.00 39.20  ? 227 PRO A CD    1 
ATOM   212  N  N     . VAL B 2 8   ? -2.173  6.058   -4.494  1.00 36.18  ? 228 VAL A N     1 
ATOM   213  C  CA    . VAL B 2 8   ? -0.751  6.004   -4.218  1.00 38.31  ? 228 VAL A CA    1 
ATOM   214  C  C     . VAL B 2 8   ? -0.033  5.300   -5.339  1.00 40.88  ? 228 VAL A C     1 
ATOM   215  O  O     . VAL B 2 8   ? 1.153   5.580   -5.569  1.00 42.17  ? 228 VAL A O     1 
ATOM   216  C  CB    . VAL B 2 8   ? -0.372  5.364   -2.836  1.00 38.11  ? 228 VAL A CB    1 
ATOM   217  C  CG1   . VAL B 2 8   ? -1.500  5.536   -1.832  1.00 37.67  ? 228 VAL A CG1   1 
ATOM   218  C  CG2   . VAL B 2 8   ? 0.052   3.941   -3.008  1.00 36.78  ? 228 VAL A CG2   1 
ATOM   219  N  N     . ILE B 2 9   ? -0.736  4.414   -6.055  1.00 41.45  ? 229 ILE A N     1 
ATOM   220  C  CA    . ILE B 2 9   ? -0.105  3.732   -7.181  1.00 42.58  ? 229 ILE A CA    1 
ATOM   221  C  C     . ILE B 2 9   ? 0.417   4.788   -8.143  1.00 44.32  ? 229 ILE A C     1 
ATOM   222  O  O     . ILE B 2 9   ? 1.572   4.729   -8.571  1.00 45.60  ? 229 ILE A O     1 
ATOM   223  C  CB    . ILE B 2 9   ? -1.074  2.838   -7.957  1.00 42.73  ? 229 ILE A CB    1 
ATOM   224  C  CG1   . ILE B 2 9   ? -1.083  1.428   -7.374  1.00 43.97  ? 229 ILE A CG1   1 
ATOM   225  C  CG2   . ILE B 2 9   ? -0.622  2.733   -9.404  1.00 42.10  ? 229 ILE A CG2   1 
ATOM   226  C  CD1   . ILE B 2 9   ? 0.111   0.598   -7.799  1.00 43.04  ? 229 ILE A CD1   1 
ATOM   227  N  N     . GLU B 2 10  ? -0.441  5.748   -8.482  1.00 45.11  ? 230 GLU A N     1 
ATOM   228  C  CA    . GLU B 2 10  ? -0.083  6.842   -9.390  1.00 46.43  ? 230 GLU A CA    1 
ATOM   229  C  C     . GLU B 2 10  ? 1.056   7.690   -8.857  1.00 45.98  ? 230 GLU A C     1 
ATOM   230  O  O     . GLU B 2 10  ? 1.945   8.105   -9.608  1.00 46.58  ? 230 GLU A O     1 
ATOM   231  C  CB    . GLU B 2 10  ? -1.287  7.742   -9.640  1.00 47.90  ? 230 GLU A CB    1 
ATOM   232  C  CG    . GLU B 2 10  ? -2.222  7.217   -10.692 1.00 52.72  ? 230 GLU A CG    1 
ATOM   233  C  CD    . GLU B 2 10  ? -3.355  8.172   -10.988 1.00 56.22  ? 230 GLU A CD    1 
ATOM   234  O  OE1   . GLU B 2 10  ? -3.098  9.402   -11.125 1.00 54.48  ? 230 GLU A OE1   1 
ATOM   235  O  OE2   . GLU B 2 10  ? -4.500  7.679   -11.094 1.00 57.53  ? 230 GLU A OE2   1 
ATOM   236  N  N     . PHE B 2 11  ? 1.016   7.964   -7.560  1.00 45.47  ? 231 PHE A N     1 
ATOM   237  C  CA    . PHE B 2 11  ? 2.060   8.750   -6.934  1.00 45.17  ? 231 PHE A CA    1 
ATOM   238  C  C     . PHE B 2 11  ? 3.384   7.999   -7.157  1.00 45.87  ? 231 PHE A C     1 
ATOM   239  O  O     . PHE B 2 11  ? 4.393   8.589   -7.561  1.00 44.35  ? 231 PHE A O     1 
ATOM   240  C  CB    . PHE B 2 11  ? 1.756   8.907   -5.444  1.00 43.97  ? 231 PHE A CB    1 
ATOM   241  C  CG    . PHE B 2 11  ? 2.762   9.734   -4.708  1.00 41.84  ? 231 PHE A CG    1 
ATOM   242  C  CD1   . PHE B 2 11  ? 2.926   11.076  -5.005  1.00 42.46  ? 231 PHE A CD1   1 
ATOM   243  C  CD2   . PHE B 2 11  ? 3.541   9.171   -3.714  1.00 39.82  ? 231 PHE A CD2   1 
ATOM   244  C  CE1   . PHE B 2 11  ? 3.859   11.857  -4.316  1.00 40.85  ? 231 PHE A CE1   1 
ATOM   245  C  CE2   . PHE B 2 11  ? 4.471   9.939   -3.024  1.00 40.66  ? 231 PHE A CE2   1 
ATOM   246  C  CZ    . PHE B 2 11  ? 4.627   11.282  -3.325  1.00 40.59  ? 231 PHE A CZ    1 
HETATM 247  N  N     . MSE B 2 12  ? 3.358   6.690   -6.915  1.00 46.35  ? 232 MSE A N     1 
HETATM 248  C  CA    . MSE B 2 12  ? 4.531   5.849   -7.097  1.00 48.45  ? 232 MSE A CA    1 
HETATM 249  C  C     . MSE B 2 12  ? 5.080   5.903   -8.515  1.00 48.44  ? 232 MSE A C     1 
HETATM 250  O  O     . MSE B 2 12  ? 6.275   6.135   -8.723  1.00 49.68  ? 232 MSE A O     1 
HETATM 251  C  CB    . MSE B 2 12  ? 4.200   4.409   -6.769  1.00 51.77  ? 232 MSE A CB    1 
HETATM 252  C  CG    . MSE B 2 12  ? 5.347   3.450   -7.032  1.00 57.63  ? 232 MSE A CG    1 
HETATM 253  SE SE    . MSE B 2 12  ? 4.742   1.575   -6.995  1.00 69.42  ? 232 MSE A SE    1 
HETATM 254  C  CE    . MSE B 2 12  ? 5.051   1.188   -5.133  1.00 66.87  ? 232 MSE A CE    1 
ATOM   255  N  N     . CYS B 2 13  ? 4.218   5.676   -9.496  1.00 47.34  ? 233 CYS A N     1 
ATOM   256  C  CA    . CYS B 2 13  ? 4.660   5.700   -10.883 1.00 46.75  ? 233 CYS A CA    1 
ATOM   257  C  C     . CYS B 2 13  ? 5.337   7.031   -11.216 1.00 46.93  ? 233 CYS A C     1 
ATOM   258  O  O     . CYS B 2 13  ? 6.285   7.076   -11.997 1.00 47.39  ? 233 CYS A O     1 
ATOM   259  C  CB    . CYS B 2 13  ? 3.479   5.423   -11.825 1.00 46.39  ? 233 CYS A CB    1 
ATOM   260  S  SG    . CYS B 2 13  ? 2.820   3.688   -11.756 1.00 46.92  ? 233 CYS A SG    1 
ATOM   261  N  N     . GLU B 2 14  ? 4.870   8.114   -10.612 1.00 47.27  ? 234 GLU A N     1 
ATOM   262  C  CA    . GLU B 2 14  ? 5.474   9.421   -10.860 1.00 47.24  ? 234 GLU A CA    1 
ATOM   263  C  C     . GLU B 2 14  ? 6.848   9.492   -10.221 1.00 46.75  ? 234 GLU A C     1 
ATOM   264  O  O     . GLU B 2 14  ? 7.789   10.048  -10.789 1.00 45.64  ? 234 GLU A O     1 
ATOM   265  C  CB    . GLU B 2 14  ? 4.601   10.534  -10.286 1.00 48.60  ? 234 GLU A CB    1 
ATOM   266  C  CG    . GLU B 2 14  ? 3.372   10.847  -11.109 1.00 52.01  ? 234 GLU A CG    1 
ATOM   267  C  CD    . GLU B 2 14  ? 2.470   11.871  -10.440 1.00 54.36  ? 234 GLU A CD    1 
ATOM   268  O  OE1   . GLU B 2 14  ? 1.458   12.262  -11.061 1.00 53.99  ? 234 GLU A OE1   1 
ATOM   269  O  OE2   . GLU B 2 14  ? 2.774   12.281  -9.294  1.00 53.58  ? 234 GLU A OE2   1 
ATOM   270  N  N     . VAL B 2 15  ? 6.959   8.933   -9.023  1.00 46.95  ? 235 VAL A N     1 
ATOM   271  C  CA    . VAL B 2 15  ? 8.225   8.931   -8.311  1.00 46.60  ? 235 VAL A CA    1 
ATOM   272  C  C     . VAL B 2 15  ? 9.260   8.060   -9.039  1.00 49.10  ? 235 VAL A C     1 
ATOM   273  O  O     . VAL B 2 15  ? 10.403  8.478   -9.273  1.00 47.47  ? 235 VAL A O     1 
ATOM   274  C  CB    . VAL B 2 15  ? 8.015   8.417   -6.878  1.00 45.58  ? 235 VAL A CB    1 
ATOM   275  C  CG1   . VAL B 2 15  ? 9.353   8.282   -6.155  1.00 44.79  ? 235 VAL A CG1   1 
ATOM   276  C  CG2   . VAL B 2 15  ? 7.078   9.364   -6.128  1.00 42.30  ? 235 VAL A CG2   1 
ATOM   277  N  N     . LEU B 2 16  ? 8.845   6.861   -9.433  1.00 51.89  ? 236 LEU A N     1 
ATOM   278  C  CA    . LEU B 2 16  ? 9.740   5.930   -10.110 1.00 54.90  ? 236 LEU A CA    1 
ATOM   279  C  C     . LEU B 2 16  ? 9.835   6.140   -11.618 1.00 58.05  ? 236 LEU A C     1 
ATOM   280  O  O     . LEU B 2 16  ? 10.564  5.411   -12.302 1.00 56.40  ? 236 LEU A O     1 
ATOM   281  C  CB    . LEU B 2 16  ? 9.293   4.497   -9.824  1.00 53.35  ? 236 LEU A CB    1 
ATOM   282  C  CG    . LEU B 2 16  ? 9.097   4.147   -8.346  1.00 52.75  ? 236 LEU A CG    1 
ATOM   283  C  CD1   . LEU B 2 16  ? 8.823   2.666   -8.214  1.00 51.86  ? 236 LEU A CD1   1 
ATOM   284  C  CD2   . LEU B 2 16  ? 10.331  4.518   -7.545  1.00 51.11  ? 236 LEU A CD2   1 
ATOM   285  N  N     . ASP B 2 17  ? 9.112   7.138   -12.126 1.00 61.76  ? 237 ASP A N     1 
ATOM   286  C  CA    . ASP B 2 17  ? 9.089   7.427   -13.558 1.00 66.19  ? 237 ASP A CA    1 
ATOM   287  C  C     . ASP B 2 17  ? 8.610   6.208   -14.348 1.00 69.31  ? 237 ASP A C     1 
ATOM   288  O  O     . ASP B 2 17  ? 9.255   5.783   -15.303 1.00 69.88  ? 237 ASP A O     1 
ATOM   289  C  CB    . ASP B 2 17  ? 10.474  7.841   -14.052 1.00 67.16  ? 237 ASP A CB    1 
ATOM   290  C  CG    . ASP B 2 17  ? 10.814  9.277   -13.705 1.00 69.81  ? 237 ASP A CG    1 
ATOM   291  O  OD1   . ASP B 2 17  ? 12.011  9.637   -13.795 1.00 69.25  ? 237 ASP A OD1   1 
ATOM   292  O  OD2   . ASP B 2 17  ? 9.888   10.048  -13.355 1.00 71.28  ? 237 ASP A OD2   1 
ATOM   293  N  N     . ILE B 2 18  ? 7.485   5.642   -13.929 1.00 71.85  ? 238 ILE A N     1 
ATOM   294  C  CA    . ILE B 2 18  ? 6.902   4.487   -14.600 1.00 74.40  ? 238 ILE A CA    1 
ATOM   295  C  C     . ILE B 2 18  ? 5.662   4.968   -15.335 1.00 78.20  ? 238 ILE A C     1 
ATOM   296  O  O     . ILE B 2 18  ? 4.926   5.812   -14.827 1.00 79.46  ? 238 ILE A O     1 
ATOM   297  C  CB    . ILE B 2 18  ? 6.477   3.398   -13.595 1.00 71.88  ? 238 ILE A CB    1 
ATOM   298  C  CG1   . ILE B 2 18  ? 7.702   2.685   -13.043 1.00 70.72  ? 238 ILE A CG1   1 
ATOM   299  C  CG2   . ILE B 2 18  ? 5.572   2.404   -14.264 1.00 70.31  ? 238 ILE A CG2   1 
ATOM   300  C  CD1   . ILE B 2 18  ? 7.365   1.589   -12.077 1.00 69.18  ? 238 ILE A CD1   1 
ATOM   301  N  N     . ARG B 2 19  ? 5.430   4.438   -16.528 1.00 82.13  ? 239 ARG A N     1 
ATOM   302  C  CA    . ARG B 2 19  ? 4.262   4.829   -17.304 1.00 85.78  ? 239 ARG A CA    1 
ATOM   303  C  C     . ARG B 2 19  ? 3.376   3.621   -17.547 1.00 87.07  ? 239 ARG A C     1 
ATOM   304  O  O     . ARG B 2 19  ? 2.151   3.696   -17.457 1.00 87.28  ? 239 ARG A O     1 
ATOM   305  C  CB    . ARG B 2 19  ? 4.698   5.423   -18.640 1.00 87.94  ? 239 ARG A CB    1 
ATOM   306  C  CG    . ARG B 2 19  ? 5.610   6.635   -18.502 1.00 91.14  ? 239 ARG A CG    1 
ATOM   307  C  CD    . ARG B 2 19  ? 5.857   7.305   -19.847 1.00 93.32  ? 239 ARG A CD    1 
ATOM   308  N  NE    . ARG B 2 19  ? 6.424   8.642   -19.683 1.00 95.46  ? 239 ARG A NE    1 
ATOM   309  C  CZ    . ARG B 2 19  ? 6.397   9.587   -20.618 1.00 95.89  ? 239 ARG A CZ    1 
ATOM   310  N  NH1   . ARG B 2 19  ? 5.833   9.344   -21.794 1.00 95.83  ? 239 ARG A NH1   1 
ATOM   311  N  NH2   . ARG B 2 19  ? 6.916   10.784  -20.371 1.00 95.12  ? 239 ARG A NH2   1 
ATOM   312  N  N     . ASN B 2 20  ? 4.032   2.505   -17.835 1.00 89.31  ? 240 ASN A N     1 
ATOM   313  C  CA    . ASN B 2 20  ? 3.391   1.230   -18.130 1.00 91.05  ? 240 ASN A CA    1 
ATOM   314  C  C     . ASN B 2 20  ? 3.216   0.351   -16.897 1.00 90.46  ? 240 ASN A C     1 
ATOM   315  O  O     . ASN B 2 20  ? 3.367   -0.867  -16.978 1.00 90.26  ? 240 ASN A O     1 
ATOM   316  C  CB    . ASN B 2 20  ? 4.256   0.480   -19.136 1.00 94.13  ? 240 ASN A CB    1 
ATOM   317  C  CG    . ASN B 2 20  ? 5.708   0.366   -18.675 1.00 95.84  ? 240 ASN A CG    1 
ATOM   318  O  OD1   . ASN B 2 20  ? 6.479   1.328   -18.754 1.00 96.71  ? 240 ASN A OD1   1 
ATOM   319  N  ND2   . ASN B 2 20  ? 6.079   -0.809  -18.171 1.00 95.85  ? 240 ASN A ND2   1 
ATOM   320  N  N     . ILE B 2 21  ? 2.886   0.951   -15.763 1.00 90.07  ? 241 ILE A N     1 
ATOM   321  C  CA    . ILE B 2 21  ? 2.743   0.178   -14.541 1.00 90.48  ? 241 ILE A CA    1 
ATOM   322  C  C     . ILE B 2 21  ? 2.154   -1.214  -14.743 1.00 91.02  ? 241 ILE A C     1 
ATOM   323  O  O     . ILE B 2 21  ? 2.664   -2.188  -14.189 1.00 90.88  ? 241 ILE A O     1 
ATOM   324  C  CB    . ILE B 2 21  ? 1.900   0.925   -13.493 1.00 90.19  ? 241 ILE A CB    1 
ATOM   325  C  CG1   . ILE B 2 21  ? 1.795   0.067   -12.232 1.00 88.87  ? 241 ILE A CG1   1 
ATOM   326  C  CG2   . ILE B 2 21  ? 0.532   1.272   -14.066 1.00 90.01  ? 241 ILE A CG2   1 
ATOM   327  C  CD1   . ILE B 2 21  ? 1.175   0.770   -11.075 1.00 89.02  ? 241 ILE A CD1   1 
ATOM   328  N  N     . ASP B 2 22  ? 1.098   -1.311  -15.544 1.00 91.95  ? 242 ASP A N     1 
ATOM   329  C  CA    . ASP B 2 22  ? 0.445   -2.599  -15.789 1.00 92.54  ? 242 ASP A CA    1 
ATOM   330  C  C     . ASP B 2 22  ? 1.025   -3.429  -16.926 1.00 92.13  ? 242 ASP A C     1 
ATOM   331  O  O     . ASP B 2 22  ? 0.557   -4.536  -17.193 1.00 91.40  ? 242 ASP A O     1 
ATOM   332  C  CB    . ASP B 2 22  ? -1.050  -2.391  -16.030 1.00 92.26  ? 242 ASP A CB    1 
ATOM   333  C  CG    . ASP B 2 22  ? -1.863  -2.577  -14.774 1.00 93.16  ? 242 ASP A CG    1 
ATOM   334  O  OD1   . ASP B 2 22  ? -3.083  -2.322  -14.803 1.00 93.90  ? 242 ASP A OD1   1 
ATOM   335  O  OD2   . ASP B 2 22  ? -1.282  -2.988  -13.751 1.00 93.99  ? 242 ASP A OD2   1 
ATOM   336  N  N     . GLU B 2 23  ? 2.045   -2.895  -17.587 1.00 91.94  ? 243 GLU A N     1 
ATOM   337  C  CA    . GLU B 2 23  ? 2.691   -3.585  -18.694 1.00 92.00  ? 243 GLU A CA    1 
ATOM   338  C  C     . GLU B 2 23  ? 3.696   -4.579  -18.112 1.00 91.70  ? 243 GLU A C     1 
ATOM   339  O  O     . GLU B 2 23  ? 3.810   -5.720  -18.566 1.00 90.73  ? 243 GLU A O     1 
ATOM   340  C  CB    . GLU B 2 23  ? 3.399   -2.558  -19.574 1.00 92.47  ? 243 GLU A CB    1 
ATOM   341  C  CG    . GLU B 2 23  ? 3.622   -2.979  -21.011 1.00 94.76  ? 243 GLU A CG    1 
ATOM   342  C  CD    . GLU B 2 23  ? 4.211   -1.857  -21.849 1.00 95.80  ? 243 GLU A CD    1 
ATOM   343  O  OE1   . GLU B 2 23  ? 5.326   -1.397  -21.523 1.00 96.41  ? 243 GLU A OE1   1 
ATOM   344  O  OE2   . GLU B 2 23  ? 3.559   -1.432  -22.829 1.00 96.15  ? 243 GLU A OE2   1 
ATOM   345  N  N     . GLN B 2 24  ? 4.412   -4.129  -17.087 1.00 91.64  ? 244 GLN A N     1 
ATOM   346  C  CA    . GLN B 2 24  ? 5.405   -4.953  -16.417 1.00 91.62  ? 244 GLN A CA    1 
ATOM   347  C  C     . GLN B 2 24  ? 4.895   -5.381  -15.044 1.00 90.48  ? 244 GLN A C     1 
ATOM   348  O  O     . GLN B 2 24  ? 4.918   -4.598  -14.090 1.00 91.54  ? 244 GLN A O     1 
ATOM   349  C  CB    . GLN B 2 24  ? 6.706   -4.177  -16.219 1.00 93.26  ? 244 GLN A CB    1 
ATOM   350  C  CG    . GLN B 2 24  ? 7.307   -3.561  -17.469 1.00 95.51  ? 244 GLN A CG    1 
ATOM   351  C  CD    . GLN B 2 24  ? 8.613   -2.838  -17.167 1.00 96.77  ? 244 GLN A CD    1 
ATOM   352  O  OE1   . GLN B 2 24  ? 9.594   -3.457  -16.747 1.00 96.71  ? 244 GLN A OE1   1 
ATOM   353  N  NE2   . GLN B 2 24  ? 8.629   -1.523  -17.369 1.00 97.69  ? 244 GLN A NE2   1 
ATOM   354  N  N     . PRO B 2 25  ? 4.407   -6.622  -14.928 1.00 88.30  ? 245 PRO A N     1 
ATOM   355  C  CA    . PRO B 2 25  ? 3.910   -7.091  -13.628 1.00 85.75  ? 245 PRO A CA    1 
ATOM   356  C  C     . PRO B 2 25  ? 5.085   -7.497  -12.724 1.00 83.42  ? 245 PRO A C     1 
ATOM   357  O  O     . PRO B 2 25  ? 4.953   -8.374  -11.865 1.00 84.46  ? 245 PRO A O     1 
ATOM   358  C  CB    . PRO B 2 25  ? 3.033   -8.287  -14.005 1.00 85.91  ? 245 PRO A CB    1 
ATOM   359  C  CG    . PRO B 2 25  ? 2.624   -7.987  -15.428 1.00 86.99  ? 245 PRO A CG    1 
ATOM   360  C  CD    . PRO B 2 25  ? 3.903   -7.470  -16.020 1.00 87.46  ? 245 PRO A CD    1 
ATOM   361  N  N     . LYS B 2 26  ? 6.227   -6.843  -12.926 1.00 78.96  ? 246 LYS A N     1 
ATOM   362  C  CA    . LYS B 2 26  ? 7.454   -7.121  -12.176 1.00 74.31  ? 246 LYS A CA    1 
ATOM   363  C  C     . LYS B 2 26  ? 7.548   -6.380  -10.840 1.00 69.90  ? 246 LYS A C     1 
ATOM   364  O  O     . LYS B 2 26  ? 7.141   -5.224  -10.727 1.00 68.74  ? 246 LYS A O     1 
ATOM   365  C  CB    . LYS B 2 26  ? 8.649   -6.754  -13.048 1.00 76.23  ? 246 LYS A CB    1 
ATOM   366  C  CG    . LYS B 2 26  ? 8.447   -7.133  -14.509 1.00 78.47  ? 246 LYS A CG    1 
ATOM   367  C  CD    . LYS B 2 26  ? 9.469   -6.474  -15.411 1.00 80.36  ? 246 LYS A CD    1 
ATOM   368  C  CE    . LYS B 2 26  ? 9.117   -6.687  -16.880 1.00 82.06  ? 246 LYS A CE    1 
ATOM   369  N  NZ    . LYS B 2 26  ? 10.104  -6.032  -17.790 1.00 81.83  ? 246 LYS A NZ    1 
ATOM   370  N  N     . PRO B 2 27  ? 8.102   -7.039  -9.809  1.00 66.28  ? 247 PRO A N     1 
ATOM   371  C  CA    . PRO B 2 27  ? 8.242   -6.425  -8.486  1.00 62.78  ? 247 PRO A CA    1 
ATOM   372  C  C     . PRO B 2 27  ? 9.222   -5.255  -8.495  1.00 59.87  ? 247 PRO A C     1 
ATOM   373  O  O     . PRO B 2 27  ? 10.047  -5.121  -9.400  1.00 59.19  ? 247 PRO A O     1 
ATOM   374  C  CB    . PRO B 2 27  ? 8.740   -7.579  -7.612  1.00 62.55  ? 247 PRO A CB    1 
ATOM   375  C  CG    . PRO B 2 27  ? 8.265   -8.795  -8.329  1.00 64.50  ? 247 PRO A CG    1 
ATOM   376  C  CD    . PRO B 2 27  ? 8.540   -8.442  -9.768  1.00 65.23  ? 247 PRO A CD    1 
ATOM   377  N  N     . LEU B 2 28  ? 9.126   -4.409  -7.479  1.00 56.71  ? 248 LEU A N     1 
ATOM   378  C  CA    . LEU B 2 28  ? 10.009  -3.262  -7.377  1.00 53.46  ? 248 LEU A CA    1 
ATOM   379  C  C     . LEU B 2 28  ? 11.398  -3.716  -6.969  1.00 52.63  ? 248 LEU A C     1 
ATOM   380  O  O     . LEU B 2 28  ? 11.553  -4.710  -6.258  1.00 50.55  ? 248 LEU A O     1 
ATOM   381  C  CB    . LEU B 2 28  ? 9.483   -2.277  -6.338  1.00 51.13  ? 248 LEU A CB    1 
ATOM   382  C  CG    . LEU B 2 28  ? 8.189   -1.531  -6.631  1.00 50.31  ? 248 LEU A CG    1 
ATOM   383  C  CD1   . LEU B 2 28  ? 7.788   -0.758  -5.390  1.00 48.90  ? 248 LEU A CD1   1 
ATOM   384  C  CD2   . LEU B 2 28  ? 8.368   -0.606  -7.820  1.00 46.60  ? 248 LEU A CD2   1 
ATOM   385  N  N     . THR B 2 29  ? 12.406  -2.987  -7.434  1.00 51.19  ? 249 THR A N     1 
ATOM   386  C  CA    . THR B 2 29  ? 13.779  -3.294  -7.080  1.00 51.87  ? 249 THR A CA    1 
ATOM   387  C  C     . THR B 2 29  ? 14.035  -2.614  -5.742  1.00 51.51  ? 249 THR A C     1 
ATOM   388  O  O     . THR B 2 29  ? 13.244  -1.776  -5.308  1.00 53.14  ? 249 THR A O     1 
ATOM   389  C  CB    . THR B 2 29  ? 14.765  -2.732  -8.114  1.00 52.97  ? 249 THR A CB    1 
ATOM   390  O  OG1   . THR B 2 29  ? 14.531  -1.324  -8.275  1.00 53.45  ? 249 THR A OG1   1 
ATOM   391  C  CG2   . THR B 2 29  ? 14.601  -3.451  -9.454  1.00 51.63  ? 249 THR A CG2   1 
ATOM   392  N  N     . ASP B 2 30  ? 15.135  -2.973  -5.092  1.00 50.10  ? 250 ASP A N     1 
ATOM   393  C  CA    . ASP B 2 30  ? 15.491  -2.393  -3.804  1.00 48.14  ? 250 ASP A CA    1 
ATOM   394  C  C     . ASP B 2 30  ? 15.693  -0.888  -3.981  1.00 46.91  ? 250 ASP A C     1 
ATOM   395  O  O     . ASP B 2 30  ? 15.372  -0.071  -3.104  1.00 45.00  ? 250 ASP A O     1 
ATOM   396  C  CB    . ASP B 2 30  ? 16.763  -3.054  -3.296  1.00 48.51  ? 250 ASP A CB    1 
ATOM   397  C  CG    . ASP B 2 30  ? 16.624  -4.564  -3.190  1.00 51.78  ? 250 ASP A CG    1 
ATOM   398  O  OD1   . ASP B 2 30  ? 16.054  -5.020  -2.174  1.00 51.08  ? 250 ASP A OD1   1 
ATOM   399  O  OD2   . ASP B 2 30  ? 17.069  -5.289  -4.124  1.00 48.64  ? 250 ASP A OD2   1 
ATOM   400  N  N     . SER B 2 31  ? 16.213  -0.530  -5.144  1.00 44.11  ? 251 SER A N     1 
ATOM   401  C  CA    . SER B 2 31  ? 16.442  0.856   -5.463  1.00 41.83  ? 251 SER A CA    1 
ATOM   402  C  C     . SER B 2 31  ? 15.089  1.560   -5.603  1.00 43.21  ? 251 SER A C     1 
ATOM   403  O  O     . SER B 2 31  ? 14.898  2.666   -5.103  1.00 42.47  ? 251 SER A O     1 
ATOM   404  C  CB    . SER B 2 31  ? 17.238  0.943   -6.761  1.00 38.95  ? 251 SER A CB    1 
ATOM   405  O  OG    . SER B 2 31  ? 17.472  2.277   -7.148  1.00 40.15  ? 251 SER A OG    1 
ATOM   406  N  N     . GLN B 2 32  ? 14.139  0.914   -6.275  1.00 44.91  ? 252 GLN A N     1 
ATOM   407  C  CA    . GLN B 2 32  ? 12.834  1.530   -6.458  1.00 46.14  ? 252 GLN A CA    1 
ATOM   408  C  C     . GLN B 2 32  ? 12.084  1.640   -5.134  1.00 46.13  ? 252 GLN A C     1 
ATOM   409  O  O     . GLN B 2 32  ? 11.461  2.670   -4.850  1.00 46.56  ? 252 GLN A O     1 
ATOM   410  C  CB    . GLN B 2 32  ? 11.997  0.734   -7.451  1.00 47.57  ? 252 GLN A CB    1 
ATOM   411  C  CG    . GLN B 2 32  ? 12.530  0.747   -8.871  1.00 50.54  ? 252 GLN A CG    1 
ATOM   412  C  CD    . GLN B 2 32  ? 11.803  -0.257  -9.769  1.00 51.53  ? 252 GLN A CD    1 
ATOM   413  O  OE1   . GLN B 2 32  ? 11.812  -1.476  -9.519  1.00 49.26  ? 252 GLN A OE1   1 
ATOM   414  N  NE2   . GLN B 2 32  ? 11.165  0.256   -10.818 1.00 51.25  ? 252 GLN A NE2   1 
ATOM   415  N  N     . ARG B 2 33  ? 12.145  0.588   -4.326  1.00 43.54  ? 253 ARG A N     1 
ATOM   416  C  CA    . ARG B 2 33  ? 11.468  0.603   -3.044  1.00 42.74  ? 253 ARG A CA    1 
ATOM   417  C  C     . ARG B 2 33  ? 12.006  1.717   -2.164  1.00 43.89  ? 253 ARG A C     1 
ATOM   418  O  O     . ARG B 2 33  ? 11.233  2.414   -1.511  1.00 43.85  ? 253 ARG A O     1 
ATOM   419  C  CB    . ARG B 2 33  ? 11.634  -0.740  -2.333  1.00 42.02  ? 253 ARG A CB    1 
ATOM   420  C  CG    . ARG B 2 33  ? 11.042  -0.794  -0.925  1.00 40.64  ? 253 ARG A CG    1 
ATOM   421  C  CD    . ARG B 2 33  ? 11.007  -2.226  -0.396  1.00 41.26  ? 253 ARG A CD    1 
ATOM   422  N  NE    . ARG B 2 33  ? 12.279  -2.906  -0.590  1.00 42.25  ? 253 ARG A NE    1 
ATOM   423  C  CZ    . ARG B 2 33  ? 13.417  -2.543  -0.012  1.00 44.60  ? 253 ARG A CZ    1 
ATOM   424  N  NH1   . ARG B 2 33  ? 14.528  -3.222  -0.262  1.00 45.16  ? 253 ARG A NH1   1 
ATOM   425  N  NH2   . ARG B 2 33  ? 13.451  -1.510  0.823   1.00 44.23  ? 253 ARG A NH2   1 
ATOM   426  N  N     . VAL B 2 34  ? 13.329  1.887   -2.146  1.00 45.39  ? 254 VAL A N     1 
ATOM   427  C  CA    . VAL B 2 34  ? 13.955  2.922   -1.324  1.00 44.61  ? 254 VAL A CA    1 
ATOM   428  C  C     . VAL B 2 34  ? 13.574  4.339   -1.734  1.00 45.89  ? 254 VAL A C     1 
ATOM   429  O  O     . VAL B 2 34  ? 13.336  5.191   -0.866  1.00 46.59  ? 254 VAL A O     1 
ATOM   430  C  CB    . VAL B 2 34  ? 15.485  2.803   -1.331  1.00 44.47  ? 254 VAL A CB    1 
ATOM   431  C  CG1   . VAL B 2 34  ? 16.118  4.090   -0.785  1.00 43.93  ? 254 VAL A CG1   1 
ATOM   432  C  CG2   . VAL B 2 34  ? 15.904  1.615   -0.478  1.00 43.23  ? 254 VAL A CG2   1 
ATOM   433  N  N     . ARG B 2 35  ? 13.519  4.594   -3.043  1.00 44.37  ? 255 ARG A N     1 
ATOM   434  C  CA    . ARG B 2 35  ? 13.147  5.916   -3.540  1.00 42.87  ? 255 ARG A CA    1 
ATOM   435  C  C     . ARG B 2 35  ? 11.675  6.197   -3.262  1.00 41.16  ? 255 ARG A C     1 
ATOM   436  O  O     . ARG B 2 35  ? 11.295  7.322   -2.926  1.00 42.60  ? 255 ARG A O     1 
ATOM   437  C  CB    . ARG B 2 35  ? 13.400  6.031   -5.037  1.00 44.88  ? 255 ARG A CB    1 
ATOM   438  C  CG    . ARG B 2 35  ? 14.837  6.340   -5.411  1.00 51.48  ? 255 ARG A CG    1 
ATOM   439  C  CD    . ARG B 2 35  ? 14.951  6.557   -6.910  1.00 55.79  ? 255 ARG A CD    1 
ATOM   440  N  NE    . ARG B 2 35  ? 14.945  5.291   -7.636  1.00 60.66  ? 255 ARG A NE    1 
ATOM   441  C  CZ    . ARG B 2 35  ? 14.365  5.115   -8.815  1.00 62.82  ? 255 ARG A CZ    1 
ATOM   442  N  NH1   . ARG B 2 35  ? 13.734  6.125   -9.401  1.00 65.00  ? 255 ARG A NH1   1 
ATOM   443  N  NH2   . ARG B 2 35  ? 14.424  3.930   -9.411  1.00 65.75  ? 255 ARG A NH2   1 
ATOM   444  N  N     . PHE B 2 36  ? 10.846  5.176   -3.405  1.00 34.71  ? 256 PHE A N     1 
ATOM   445  C  CA    . PHE B 2 36  ? 9.440   5.347   -3.153  1.00 32.67  ? 256 PHE A CA    1 
ATOM   446  C  C     . PHE B 2 36  ? 9.177   5.586   -1.660  1.00 34.37  ? 256 PHE A C     1 
ATOM   447  O  O     . PHE B 2 36  ? 8.379   6.456   -1.301  1.00 34.07  ? 256 PHE A O     1 
ATOM   448  C  CB    . PHE B 2 36  ? 8.684   4.107   -3.629  1.00 30.99  ? 256 PHE A CB    1 
ATOM   449  C  CG    . PHE B 2 36  ? 7.202   4.139   -3.342  1.00 27.97  ? 256 PHE A CG    1 
ATOM   450  C  CD1   . PHE B 2 36  ? 6.589   3.079   -2.684  1.00 28.85  ? 256 PHE A CD1   1 
ATOM   451  C  CD2   . PHE B 2 36  ? 6.408   5.180   -3.800  1.00 26.18  ? 256 PHE A CD2   1 
ATOM   452  C  CE1   . PHE B 2 36  ? 5.214   3.056   -2.503  1.00 27.60  ? 256 PHE A CE1   1 
ATOM   453  C  CE2   . PHE B 2 36  ? 5.031   5.153   -3.617  1.00 23.24  ? 256 PHE A CE2   1 
ATOM   454  C  CZ    . PHE B 2 36  ? 4.442   4.098   -2.974  1.00 24.00  ? 256 PHE A CZ    1 
ATOM   455  N  N     . THR B 2 37  ? 9.845   4.823   -0.790  1.00 33.83  ? 257 THR A N     1 
ATOM   456  C  CA    . THR B 2 37  ? 9.630   4.968   0.639   1.00 33.38  ? 257 THR A CA    1 
ATOM   457  C  C     . THR B 2 37  ? 9.951   6.376   1.118   1.00 35.98  ? 257 THR A C     1 
ATOM   458  O  O     . THR B 2 37  ? 9.202   6.941   1.907   1.00 37.18  ? 257 THR A O     1 
ATOM   459  C  CB    . THR B 2 37  ? 10.471  3.975   1.454   1.00 33.83  ? 257 THR A CB    1 
ATOM   460  O  OG1   . THR B 2 37  ? 10.188  2.641   1.032   1.00 34.41  ? 257 THR A OG1   1 
ATOM   461  C  CG2   . THR B 2 37  ? 10.141  4.093   2.929   1.00 31.71  ? 257 THR A CG2   1 
ATOM   462  N  N     . LYS B 2 38  ? 11.053  6.950   0.646   1.00 36.92  ? 258 LYS A N     1 
ATOM   463  C  CA    . LYS B 2 38  ? 11.417  8.305   1.058   1.00 39.18  ? 258 LYS A CA    1 
ATOM   464  C  C     . LYS B 2 38  ? 10.290  9.282   0.813   1.00 39.84  ? 258 LYS A C     1 
ATOM   465  O  O     . LYS B 2 38  ? 10.081  10.201  1.597   1.00 40.19  ? 258 LYS A O     1 
ATOM   466  C  CB    . LYS B 2 38  ? 12.643  8.817   0.295   1.00 39.82  ? 258 LYS A CB    1 
ATOM   467  C  CG    . LYS B 2 38  ? 13.990  8.404   0.870   1.00 40.33  ? 258 LYS A CG    1 
ATOM   468  C  CD    . LYS B 2 38  ? 15.111  8.968   -0.007  1.00 42.84  ? 258 LYS A CD    1 
ATOM   469  C  CE    . LYS B 2 38  ? 16.468  8.490   0.453   1.00 43.69  ? 258 LYS A CE    1 
ATOM   470  N  NZ    . LYS B 2 38  ? 17.540  8.824   -0.526  1.00 46.90  ? 258 LYS A NZ    1 
ATOM   471  N  N     . GLU B 2 39  ? 9.563   9.073   -0.282  1.00 40.98  ? 259 GLU A N     1 
ATOM   472  C  CA    . GLU B 2 39  ? 8.471   9.965   -0.658  1.00 40.85  ? 259 GLU A CA    1 
ATOM   473  C  C     . GLU B 2 39  ? 7.130   9.694   0.000   1.00 40.53  ? 259 GLU A C     1 
ATOM   474  O  O     . GLU B 2 39  ? 6.403   10.642  0.319   1.00 40.85  ? 259 GLU A O     1 
ATOM   475  C  CB    . GLU B 2 39  ? 8.302   9.965   -2.180  1.00 40.83  ? 259 GLU A CB    1 
ATOM   476  C  CG    . GLU B 2 39  ? 9.562   10.381  -2.928  1.00 44.54  ? 259 GLU A CG    1 
ATOM   477  C  CD    . GLU B 2 39  ? 10.078  11.750  -2.495  1.00 49.57  ? 259 GLU A CD    1 
ATOM   478  O  OE1   . GLU B 2 39  ? 11.312  11.933  -2.403  1.00 50.44  ? 259 GLU A OE1   1 
ATOM   479  O  OE2   . GLU B 2 39  ? 9.246   12.654  -2.249  1.00 55.11  ? 259 GLU A OE2   1 
ATOM   480  N  N     . ILE B 2 40  ? 6.798   8.421   0.216   1.00 38.27  ? 260 ILE A N     1 
ATOM   481  C  CA    . ILE B 2 40  ? 5.505   8.087   0.811   1.00 36.42  ? 260 ILE A CA    1 
ATOM   482  C  C     . ILE B 2 40  ? 5.501   8.141   2.339   1.00 35.84  ? 260 ILE A C     1 
ATOM   483  O  O     . ILE B 2 40  ? 4.486   8.441   2.942   1.00 36.50  ? 260 ILE A O     1 
ATOM   484  C  CB    . ILE B 2 40  ? 4.994   6.688   0.309   1.00 34.70  ? 260 ILE A CB    1 
ATOM   485  C  CG1   . ILE B 2 40  ? 3.540   6.461   0.745   1.00 34.94  ? 260 ILE A CG1   1 
ATOM   486  C  CG2   . ILE B 2 40  ? 5.848   5.577   0.855   1.00 33.90  ? 260 ILE A CG2   1 
ATOM   487  C  CD1   . ILE B 2 40  ? 2.518   7.235   -0.064  1.00 29.55  ? 260 ILE A CD1   1 
ATOM   488  N  N     . LYS B 2 41  ? 6.637   7.858   2.959   1.00 35.61  ? 261 LYS A N     1 
ATOM   489  C  CA    . LYS B 2 41  ? 6.754   7.900   4.416   1.00 36.69  ? 261 LYS A CA    1 
ATOM   490  C  C     . LYS B 2 41  ? 6.389   9.305   4.932   1.00 37.61  ? 261 LYS A C     1 
ATOM   491  O  O     . LYS B 2 41  ? 6.852   10.314  4.398   1.00 38.06  ? 261 LYS A O     1 
ATOM   492  C  CB    . LYS B 2 41  ? 8.192   7.557   4.809   1.00 39.49  ? 261 LYS A CB    1 
ATOM   493  C  CG    . LYS B 2 41  ? 8.471   7.465   6.298   1.00 44.33  ? 261 LYS A CG    1 
ATOM   494  C  CD    . LYS B 2 41  ? 9.929   7.035   6.555   1.00 47.72  ? 261 LYS A CD    1 
ATOM   495  C  CE    . LYS B 2 41  ? 10.234  5.645   5.969   1.00 50.07  ? 261 LYS A CE    1 
ATOM   496  N  NZ    . LYS B 2 41  ? 11.611  5.127   6.274   1.00 49.95  ? 261 LYS A NZ    1 
ATOM   497  N  N     . GLY B 2 42  ? 5.560   9.375   5.967   1.00 35.99  ? 262 GLY A N     1 
ATOM   498  C  CA    . GLY B 2 42  ? 5.168   10.664  6.499   1.00 34.57  ? 262 GLY A CA    1 
ATOM   499  C  C     . GLY B 2 42  ? 3.890   11.235  5.906   1.00 35.28  ? 262 GLY A C     1 
ATOM   500  O  O     . GLY B 2 42  ? 3.289   12.127  6.494   1.00 36.24  ? 262 GLY A O     1 
ATOM   501  N  N     . LEU B 2 43  ? 3.467   10.741  4.745   1.00 34.62  ? 263 LEU A N     1 
ATOM   502  C  CA    . LEU B 2 43  ? 2.246   11.237  4.114   1.00 32.94  ? 263 LEU A CA    1 
ATOM   503  C  C     . LEU B 2 43  ? 1.013   10.605  4.720   1.00 34.40  ? 263 LEU A C     1 
ATOM   504  O  O     . LEU B 2 43  ? 1.086   9.577   5.383   1.00 35.21  ? 263 LEU A O     1 
ATOM   505  C  CB    . LEU B 2 43  ? 2.258   10.972  2.603   1.00 30.15  ? 263 LEU A CB    1 
ATOM   506  C  CG    . LEU B 2 43  ? 3.334   11.737  1.817   1.00 30.03  ? 263 LEU A CG    1 
ATOM   507  C  CD1   . LEU B 2 43  ? 3.030   11.647  0.330   1.00 26.15  ? 263 LEU A CD1   1 
ATOM   508  C  CD2   . LEU B 2 43  ? 3.373   13.206  2.265   1.00 24.68  ? 263 LEU A CD2   1 
ATOM   509  N  N     . LYS B 2 44  ? -0.131  11.233  4.502   1.00 36.72  ? 264 LYS A N     1 
ATOM   510  C  CA    . LYS B 2 44  ? -1.378  10.709  5.035   1.00 36.84  ? 264 LYS A CA    1 
ATOM   511  C  C     . LYS B 2 44  ? -2.170  10.079  3.897   1.00 36.35  ? 264 LYS A C     1 
ATOM   512  O  O     . LYS B 2 44  ? -2.277  10.653  2.803   1.00 34.69  ? 264 LYS A O     1 
ATOM   513  C  CB    . LYS B 2 44  ? -2.203  11.830  5.704   1.00 36.50  ? 264 LYS A CB    1 
ATOM   514  C  CG    . LYS B 2 44  ? -3.467  11.325  6.412   1.00 39.15  ? 264 LYS A CG    1 
ATOM   515  C  CD    . LYS B 2 44  ? -4.378  12.451  6.940   1.00 41.11  ? 264 LYS A CD    1 
ATOM   516  C  CE    . LYS B 2 44  ? -3.743  13.226  8.104   1.00 42.74  ? 264 LYS A CE    1 
ATOM   517  N  NZ    . LYS B 2 44  ? -4.703  14.092  8.882   1.00 40.69  ? 264 LYS A NZ    1 
ATOM   518  N  N     . VAL B 2 45  ? -2.705  8.888   4.145   1.00 34.35  ? 265 VAL A N     1 
ATOM   519  C  CA    . VAL B 2 45  ? -3.505  8.222   3.132   1.00 34.05  ? 265 VAL A CA    1 
ATOM   520  C  C     . VAL B 2 45  ? -4.895  7.846   3.641   1.00 34.02  ? 265 VAL A C     1 
ATOM   521  O  O     . VAL B 2 45  ? -5.102  7.641   4.832   1.00 32.33  ? 265 VAL A O     1 
ATOM   522  C  CB    . VAL B 2 45  ? -2.809  6.942   2.590   1.00 31.37  ? 265 VAL A CB    1 
ATOM   523  C  CG1   . VAL B 2 45  ? -1.479  7.307   1.967   1.00 30.84  ? 265 VAL A CG1   1 
ATOM   524  C  CG2   . VAL B 2 45  ? -2.645  5.911   3.693   1.00 27.58  ? 265 VAL A CG2   1 
ATOM   525  N  N     . GLU B 2 46  ? -5.839  7.767   2.716   1.00 35.53  ? 266 GLU A N     1 
ATOM   526  C  CA    . GLU B 2 46  ? -7.205  7.386   3.034   1.00 39.60  ? 266 GLU A CA    1 
ATOM   527  C  C     . GLU B 2 46  ? -7.524  6.106   2.276   1.00 39.89  ? 266 GLU A C     1 
ATOM   528  O  O     . GLU B 2 46  ? -7.238  5.984   1.089   1.00 41.19  ? 266 GLU A O     1 
ATOM   529  C  CB    . GLU B 2 46  ? -8.187  8.484   2.626   1.00 42.10  ? 266 GLU A CB    1 
ATOM   530  C  CG    . GLU B 2 46  ? -8.026  8.956   1.193   1.00 45.22  ? 266 GLU A CG    1 
ATOM   531  C  CD    . GLU B 2 46  ? -9.278  9.641   0.676   1.00 49.16  ? 266 GLU A CD    1 
ATOM   532  O  OE1   . GLU B 2 46  ? -9.862  10.456  1.428   1.00 49.57  ? 266 GLU A OE1   1 
ATOM   533  O  OE2   . GLU B 2 46  ? -9.671  9.369   -0.486  1.00 49.55  ? 266 GLU A OE2   1 
ATOM   534  N  N     . VAL B 2 47  ? -8.108  5.157   2.985   1.00 41.19  ? 267 VAL A N     1 
ATOM   535  C  CA    . VAL B 2 47  ? -8.487  3.859   2.441   1.00 44.83  ? 267 VAL A CA    1 
ATOM   536  C  C     . VAL B 2 47  ? -9.659  3.972   1.457   1.00 45.96  ? 267 VAL A C     1 
ATOM   537  O  O     . VAL B 2 47  ? -10.532 4.820   1.630   1.00 46.48  ? 267 VAL A O     1 
ATOM   538  C  CB    . VAL B 2 47  ? -8.851  2.927   3.611   1.00 46.27  ? 267 VAL A CB    1 
ATOM   539  C  CG1   . VAL B 2 47  ? -10.141 2.209   3.339   1.00 47.47  ? 267 VAL A CG1   1 
ATOM   540  C  CG2   . VAL B 2 47  ? -7.709  1.964   3.867   1.00 47.94  ? 267 VAL A CG2   1 
ATOM   541  N  N     . THR B 2 48  ? -9.688  3.114   0.438   1.00 47.09  ? 268 THR A N     1 
ATOM   542  C  CA    . THR B 2 48  ? -10.751 3.165   -0.568  1.00 49.86  ? 268 THR A CA    1 
ATOM   543  C  C     . THR B 2 48  ? -11.458 1.852   -0.859  1.00 51.47  ? 268 THR A C     1 
ATOM   544  O  O     . THR B 2 48  ? -11.979 1.676   -1.963  1.00 52.04  ? 268 THR A O     1 
ATOM   545  C  CB    . THR B 2 48  ? -10.222 3.627   -1.919  1.00 51.09  ? 268 THR A CB    1 
ATOM   546  O  OG1   . THR B 2 48  ? -9.505  2.547   -2.535  1.00 53.44  ? 268 THR A OG1   1 
ATOM   547  C  CG2   . THR B 2 48  ? -9.308  4.823   -1.756  1.00 51.58  ? 268 THR A CG2   1 
ATOM   548  N  N     . HIS B 2 49  ? -11.478 0.941   0.111   1.00 53.23  ? 269 HIS A N     1 
ATOM   549  C  CA    . HIS B 2 49  ? -12.099 -0.375  -0.063  1.00 52.25  ? 269 HIS A CA    1 
ATOM   550  C  C     . HIS B 2 49  ? -13.155 -0.651  1.010   1.00 52.06  ? 269 HIS A C     1 
ATOM   551  O  O     . HIS B 2 49  ? -13.543 -1.793  1.224   1.00 50.70  ? 269 HIS A O     1 
ATOM   552  C  CB    . HIS B 2 49  ? -11.014 -1.463  -0.005  1.00 53.16  ? 269 HIS A CB    1 
ATOM   553  C  CG    . HIS B 2 49  ? -10.359 -1.593  1.340   1.00 53.97  ? 269 HIS A CG    1 
ATOM   554  N  ND1   . HIS B 2 49  ? -9.639  -0.571  1.921   1.00 52.44  ? 269 HIS A ND1   1 
ATOM   555  C  CD2   . HIS B 2 49  ? -10.366 -2.605  2.242   1.00 54.16  ? 269 HIS A CD2   1 
ATOM   556  C  CE1   . HIS B 2 49  ? -9.234  -0.945  3.122   1.00 53.10  ? 269 HIS A CE1   1 
ATOM   557  N  NE2   . HIS B 2 49  ? -9.662  -2.175  3.342   1.00 54.59  ? 269 HIS A NE2   1 
ATOM   558  N  N     . CYS B 2 50  ? -13.608 0.398   1.684   1.00 52.59  ? 270 CYS A N     1 
ATOM   559  C  CA    . CYS B 2 50  ? -14.601 0.257   2.737   1.00 52.99  ? 270 CYS A CA    1 
ATOM   560  C  C     . CYS B 2 50  ? -15.745 1.240   2.540   1.00 53.51  ? 270 CYS A C     1 
ATOM   561  O  O     . CYS B 2 50  ? -16.254 1.824   3.499   1.00 52.59  ? 270 CYS A O     1 
ATOM   562  C  CB    . CYS B 2 50  ? -13.957 0.504   4.098   1.00 53.68  ? 270 CYS A CB    1 
ATOM   563  S  SG    . CYS B 2 50  ? -12.637 -0.638  4.509   1.00 56.70  ? 270 CYS A SG    1 
ATOM   564  N  N     . GLY B 2 51  ? -16.136 1.427   1.288   1.00 54.32  ? 271 GLY A N     1 
ATOM   565  C  CA    . GLY B 2 51  ? -17.224 2.334   0.996   1.00 57.28  ? 271 GLY A CA    1 
ATOM   566  C  C     . GLY B 2 51  ? -16.997 3.745   1.504   1.00 59.47  ? 271 GLY A C     1 
ATOM   567  O  O     . GLY B 2 51  ? -16.021 4.404   1.131   1.00 60.75  ? 271 GLY A O     1 
ATOM   568  N  N     . GLN B 2 52  ? -17.895 4.216   2.363   1.00 60.30  ? 272 GLN A N     1 
ATOM   569  C  CA    . GLN B 2 52  ? -17.795 5.570   2.884   1.00 60.12  ? 272 GLN A CA    1 
ATOM   570  C  C     . GLN B 2 52  ? -16.954 5.714   4.136   1.00 58.86  ? 272 GLN A C     1 
ATOM   571  O  O     . GLN B 2 52  ? -16.766 6.817   4.664   1.00 58.05  ? 272 GLN A O     1 
ATOM   572  C  CB    . GLN B 2 52  ? -19.194 6.140   3.110   1.00 62.43  ? 272 GLN A CB    1 
ATOM   573  C  CG    . GLN B 2 52  ? -19.839 6.589   1.815   1.00 64.30  ? 272 GLN A CG    1 
ATOM   574  C  CD    . GLN B 2 52  ? -18.891 7.435   0.973   1.00 65.22  ? 272 GLN A CD    1 
ATOM   575  O  OE1   . GLN B 2 52  ? -18.508 8.546   1.365   1.00 65.19  ? 272 GLN A OE1   1 
ATOM   576  N  NE2   . GLN B 2 52  ? -18.500 6.905   -0.188  1.00 64.57  ? 272 GLN A NE2   1 
HETATM 577  N  N     . MSE B 2 53  ? -16.440 4.595   4.617   1.00 57.23  ? 273 MSE A N     1 
HETATM 578  C  CA    . MSE B 2 53  ? -15.590 4.653   5.785   1.00 57.67  ? 273 MSE A CA    1 
HETATM 579  C  C     . MSE B 2 53  ? -14.153 4.795   5.248   1.00 56.67  ? 273 MSE A C     1 
HETATM 580  O  O     . MSE B 2 53  ? -13.390 3.821   5.179   1.00 55.79  ? 273 MSE A O     1 
HETATM 581  C  CB    . MSE B 2 53  ? -15.746 3.381   6.604   1.00 59.17  ? 273 MSE A CB    1 
HETATM 582  C  CG    . MSE B 2 53  ? -15.034 3.416   7.925   1.00 62.00  ? 273 MSE A CG    1 
HETATM 583  SE SE    . MSE B 2 53  ? -14.687 1.586   8.487   1.00 72.10  ? 273 MSE A SE    1 
HETATM 584  C  CE    . MSE B 2 53  ? -15.302 1.673   10.274  1.00 67.31  ? 273 MSE A CE    1 
ATOM   585  N  N     . LYS B 2 54  ? -13.809 6.012   4.833   1.00 53.18  ? 274 LYS A N     1 
ATOM   586  C  CA    . LYS B 2 54  ? -12.482 6.282   4.301   1.00 51.10  ? 274 LYS A CA    1 
ATOM   587  C  C     . LYS B 2 54  ? -11.510 6.614   5.435   1.00 48.80  ? 274 LYS A C     1 
ATOM   588  O  O     . LYS B 2 54  ? -11.149 7.767   5.646   1.00 47.43  ? 274 LYS A O     1 
ATOM   589  C  CB    . LYS B 2 54  ? -12.557 7.438   3.313   1.00 51.57  ? 274 LYS A CB    1 
ATOM   590  C  CG    . LYS B 2 54  ? -13.519 7.210   2.163   1.00 52.24  ? 274 LYS A CG    1 
ATOM   591  C  CD    . LYS B 2 54  ? -13.350 8.325   1.149   1.00 55.19  ? 274 LYS A CD    1 
ATOM   592  C  CE    . LYS B 2 54  ? -14.249 8.162   -0.052  1.00 56.33  ? 274 LYS A CE    1 
ATOM   593  N  NZ    . LYS B 2 54  ? -14.037 9.282   -1.011  1.00 55.48  ? 274 LYS A NZ    1 
ATOM   594  N  N     . ARG B 2 55  ? -11.099 5.586   6.166   1.00 46.76  ? 275 ARG A N     1 
ATOM   595  C  CA    . ARG B 2 55  ? -10.198 5.757   7.288   1.00 45.13  ? 275 ARG A CA    1 
ATOM   596  C  C     . ARG B 2 55  ? -8.866  6.338   6.824   1.00 45.49  ? 275 ARG A C     1 
ATOM   597  O  O     . ARG B 2 55  ? -8.343  5.972   5.768   1.00 44.92  ? 275 ARG A O     1 
ATOM   598  C  CB    . ARG B 2 55  ? -9.990  4.414   7.977   1.00 43.79  ? 275 ARG A CB    1 
ATOM   599  C  CG    . ARG B 2 55  ? -9.528  4.518   9.415   1.00 41.93  ? 275 ARG A CG    1 
ATOM   600  C  CD    . ARG B 2 55  ? -9.284  3.140   9.987   1.00 39.69  ? 275 ARG A CD    1 
ATOM   601  N  NE    . ARG B 2 55  ? -8.765  3.186   11.351  1.00 40.75  ? 275 ARG A NE    1 
ATOM   602  C  CZ    . ARG B 2 55  ? -8.587  2.113   12.111  1.00 40.74  ? 275 ARG A CZ    1 
ATOM   603  N  NH1   . ARG B 2 55  ? -8.877  0.911   11.645  1.00 42.23  ? 275 ARG A NH1   1 
ATOM   604  N  NH2   . ARG B 2 55  ? -8.133  2.238   13.344  1.00 42.52  ? 275 ARG A NH2   1 
ATOM   605  N  N     . LYS B 2 56  ? -8.326  7.258   7.613   1.00 44.81  ? 276 LYS A N     1 
ATOM   606  C  CA    . LYS B 2 56  ? -7.065  7.900   7.272   1.00 43.59  ? 276 LYS A CA    1 
ATOM   607  C  C     . LYS B 2 56  ? -5.956  7.309   8.116   1.00 42.72  ? 276 LYS A C     1 
ATOM   608  O  O     . LYS B 2 56  ? -6.120  7.133   9.326   1.00 44.14  ? 276 LYS A O     1 
ATOM   609  C  CB    . LYS B 2 56  ? -7.150  9.403   7.529   1.00 43.91  ? 276 LYS A CB    1 
ATOM   610  C  CG    . LYS B 2 56  ? -8.292  10.103  6.822   1.00 46.17  ? 276 LYS A CG    1 
ATOM   611  C  CD    . LYS B 2 56  ? -8.528  11.486  7.425   1.00 48.18  ? 276 LYS A CD    1 
ATOM   612  C  CE    . LYS B 2 56  ? -9.889  12.053  7.016   1.00 51.64  ? 276 LYS A CE    1 
ATOM   613  N  NZ    . LYS B 2 56  ? -10.365 13.157  7.917   1.00 51.87  ? 276 LYS A NZ    1 
ATOM   614  N  N     . TYR B 2 57  ? -4.838  6.984   7.476   1.00 41.26  ? 277 TYR A N     1 
ATOM   615  C  CA    . TYR B 2 57  ? -3.680  6.427   8.179   1.00 40.92  ? 277 TYR A CA    1 
ATOM   616  C  C     . TYR B 2 57  ? -2.445  7.270   7.898   1.00 40.77  ? 277 TYR A C     1 
ATOM   617  O  O     . TYR B 2 57  ? -2.408  8.031   6.931   1.00 41.68  ? 277 TYR A O     1 
ATOM   618  C  CB    . TYR B 2 57  ? -3.390  4.993   7.731   1.00 39.64  ? 277 TYR A CB    1 
ATOM   619  C  CG    . TYR B 2 57  ? -4.514  4.018   7.959   1.00 41.04  ? 277 TYR A CG    1 
ATOM   620  C  CD1   . TYR B 2 57  ? -5.558  3.906   7.051   1.00 40.17  ? 277 TYR A CD1   1 
ATOM   621  C  CD2   . TYR B 2 57  ? -4.535  3.205   9.096   1.00 42.90  ? 277 TYR A CD2   1 
ATOM   622  C  CE1   . TYR B 2 57  ? -6.592  3.014   7.260   1.00 42.09  ? 277 TYR A CE1   1 
ATOM   623  C  CE2   . TYR B 2 57  ? -5.564  2.303   9.321   1.00 42.30  ? 277 TYR A CE2   1 
ATOM   624  C  CZ    . TYR B 2 57  ? -6.593  2.207   8.399   1.00 44.67  ? 277 TYR A CZ    1 
ATOM   625  O  OH    . TYR B 2 57  ? -7.616  1.291   8.607   1.00 46.69  ? 277 TYR A OH    1 
ATOM   626  N  N     . ARG B 2 58  ? -1.437  7.134   8.751   1.00 40.54  ? 278 ARG A N     1 
ATOM   627  C  CA    . ARG B 2 58  ? -0.175  7.849   8.582   1.00 39.18  ? 278 ARG A CA    1 
ATOM   628  C  C     . ARG B 2 58  ? 0.825   6.808   8.095   1.00 38.43  ? 278 ARG A C     1 
ATOM   629  O  O     . ARG B 2 58  ? 1.048   5.806   8.756   1.00 41.19  ? 278 ARG A O     1 
ATOM   630  C  CB    . ARG B 2 58  ? 0.280   8.432   9.921   1.00 38.42  ? 278 ARG A CB    1 
ATOM   631  C  CG    . ARG B 2 58  ? 1.661   9.074   9.900   1.00 39.72  ? 278 ARG A CG    1 
ATOM   632  C  CD    . ARG B 2 58  ? 1.723   10.299  8.977   1.00 37.57  ? 278 ARG A CD    1 
ATOM   633  N  NE    . ARG B 2 58  ? 0.859   11.375  9.436   1.00 35.12  ? 278 ARG A NE    1 
ATOM   634  C  CZ    . ARG B 2 58  ? 0.615   12.482  8.741   1.00 36.62  ? 278 ARG A CZ    1 
ATOM   635  N  NH1   . ARG B 2 58  ? 1.176   12.651  7.554   1.00 33.94  ? 278 ARG A NH1   1 
ATOM   636  N  NH2   . ARG B 2 58  ? -0.196  13.415  9.225   1.00 33.90  ? 278 ARG A NH2   1 
ATOM   637  N  N     . VAL B 2 59  ? 1.401   7.006   6.925   1.00 38.07  ? 279 VAL A N     1 
ATOM   638  C  CA    . VAL B 2 59  ? 2.362   6.032   6.435   1.00 38.41  ? 279 VAL A CA    1 
ATOM   639  C  C     . VAL B 2 59  ? 3.611   6.135   7.292   1.00 40.14  ? 279 VAL A C     1 
ATOM   640  O  O     . VAL B 2 59  ? 4.129   7.225   7.519   1.00 38.88  ? 279 VAL A O     1 
ATOM   641  C  CB    . VAL B 2 59  ? 2.742   6.309   4.989   1.00 37.82  ? 279 VAL A CB    1 
ATOM   642  C  CG1   . VAL B 2 59  ? 3.506   5.132   4.435   1.00 37.50  ? 279 VAL A CG1   1 
ATOM   643  C  CG2   . VAL B 2 59  ? 1.504   6.571   4.176   1.00 36.66  ? 279 VAL A CG2   1 
ATOM   644  N  N     . CYS B 2 60  ? 4.090   5.010   7.801   1.00 42.74  ? 280 CYS A N     1 
ATOM   645  C  CA    . CYS B 2 60  ? 5.288   5.058   8.627   1.00 45.77  ? 280 CYS A CA    1 
ATOM   646  C  C     . CYS B 2 60  ? 6.441   4.300   7.983   1.00 46.23  ? 280 CYS A C     1 
ATOM   647  O  O     . CYS B 2 60  ? 7.580   4.398   8.436   1.00 47.75  ? 280 CYS A O     1 
ATOM   648  C  CB    . CYS B 2 60  ? 5.006   4.513   10.041  1.00 45.77  ? 280 CYS A CB    1 
ATOM   649  S  SG    . CYS B 2 60  ? 4.744   2.729   10.187  1.00 51.59  ? 280 CYS A SG    1 
ATOM   650  N  N     . ASN B 2 61  ? 6.149   3.573   6.910   1.00 45.95  ? 281 ASN A N     1 
ATOM   651  C  CA    . ASN B 2 61  ? 7.171   2.798   6.231   1.00 46.07  ? 281 ASN A CA    1 
ATOM   652  C  C     . ASN B 2 61  ? 6.536   1.997   5.100   1.00 45.90  ? 281 ASN A C     1 
ATOM   653  O  O     . ASN B 2 61  ? 5.311   1.950   4.974   1.00 45.97  ? 281 ASN A O     1 
ATOM   654  C  CB    . ASN B 2 61  ? 7.817   1.853   7.245   1.00 47.16  ? 281 ASN A CB    1 
ATOM   655  C  CG    . ASN B 2 61  ? 9.208   1.379   6.836   1.00 48.55  ? 281 ASN A CG    1 
ATOM   656  O  OD1   . ASN B 2 61  ? 9.916   0.794   7.649   1.00 50.60  ? 281 ASN A OD1   1 
ATOM   657  N  ND2   . ASN B 2 61  ? 9.602   1.622   5.590   1.00 48.41  ? 281 ASN A ND2   1 
ATOM   658  N  N     . VAL B 2 62  ? 7.374   1.373   4.281   1.00 44.84  ? 282 VAL A N     1 
ATOM   659  C  CA    . VAL B 2 62  ? 6.916   0.546   3.177   1.00 46.56  ? 282 VAL A CA    1 
ATOM   660  C  C     . VAL B 2 62  ? 7.480   -0.843  3.435   1.00 47.96  ? 282 VAL A C     1 
ATOM   661  O  O     . VAL B 2 62  ? 8.615   -0.966  3.898   1.00 50.44  ? 282 VAL A O     1 
ATOM   662  C  CB    . VAL B 2 62  ? 7.452   1.069   1.836   1.00 46.75  ? 282 VAL A CB    1 
ATOM   663  C  CG1   . VAL B 2 62  ? 7.013   0.175   0.700   1.00 47.32  ? 282 VAL A CG1   1 
ATOM   664  C  CG2   . VAL B 2 62  ? 6.963   2.472   1.608   1.00 48.18  ? 282 VAL A CG2   1 
ATOM   665  N  N     . THR B 2 63  ? 6.702   -1.891  3.169   1.00 48.48  ? 283 THR A N     1 
ATOM   666  C  CA    . THR B 2 63  ? 7.206   -3.251  3.402   1.00 48.22  ? 283 THR A CA    1 
ATOM   667  C  C     . THR B 2 63  ? 8.243   -3.650  2.358   1.00 48.56  ? 283 THR A C     1 
ATOM   668  O  O     . THR B 2 63  ? 8.320   -3.042  1.289   1.00 48.55  ? 283 THR A O     1 
ATOM   669  C  CB    . THR B 2 63  ? 6.076   -4.323  3.361   1.00 46.35  ? 283 THR A CB    1 
ATOM   670  O  OG1   . THR B 2 63  ? 5.415   -4.304  2.088   1.00 45.49  ? 283 THR A OG1   1 
ATOM   671  C  CG2   . THR B 2 63  ? 5.087   -4.079  4.452   1.00 45.78  ? 283 THR A CG2   1 
ATOM   672  N  N     . ARG B 2 64  ? 9.041   -4.669  2.671   1.00 49.97  ? 284 ARG A N     1 
ATOM   673  C  CA    . ARG B 2 64  ? 10.038  -5.172  1.719   1.00 50.79  ? 284 ARG A CA    1 
ATOM   674  C  C     . ARG B 2 64  ? 9.400   -6.316  0.951   1.00 51.32  ? 284 ARG A C     1 
ATOM   675  O  O     . ARG B 2 64  ? 9.672   -6.525  -0.222  1.00 51.85  ? 284 ARG A O     1 
ATOM   676  C  CB    . ARG B 2 64  ? 11.288  -5.705  2.430   1.00 49.87  ? 284 ARG A CB    1 
ATOM   677  C  CG    . ARG B 2 64  ? 12.232  -4.647  2.944   1.00 48.65  ? 284 ARG A CG    1 
ATOM   678  C  CD    . ARG B 2 64  ? 13.581  -5.257  3.272   1.00 48.71  ? 284 ARG A CD    1 
ATOM   679  N  NE    . ARG B 2 64  ? 14.482  -4.278  3.871   1.00 48.01  ? 284 ARG A NE    1 
ATOM   680  C  CZ    . ARG B 2 64  ? 15.742  -4.530  4.204   1.00 46.28  ? 284 ARG A CZ    1 
ATOM   681  N  NH1   . ARG B 2 64  ? 16.258  -5.735  3.997   1.00 45.82  ? 284 ARG A NH1   1 
ATOM   682  N  NH2   . ARG B 2 64  ? 16.486  -3.572  4.740   1.00 45.59  ? 284 ARG A NH2   1 
ATOM   683  N  N     . ARG B 2 65  ? 8.540   -7.054  1.638   1.00 53.43  ? 285 ARG A N     1 
ATOM   684  C  CA    . ARG B 2 65  ? 7.843   -8.185  1.047   1.00 54.63  ? 285 ARG A CA    1 
ATOM   685  C  C     . ARG B 2 65  ? 6.601   -7.703  0.310   1.00 54.20  ? 285 ARG A C     1 
ATOM   686  O  O     . ARG B 2 65  ? 5.993   -6.708  0.691   1.00 54.42  ? 285 ARG A O     1 
ATOM   687  C  CB    . ARG B 2 65  ? 7.456   -9.160  2.148   1.00 56.34  ? 285 ARG A CB    1 
ATOM   688  C  CG    . ARG B 2 65  ? 8.555   -9.340  3.193   1.00 58.44  ? 285 ARG A CG    1 
ATOM   689  C  CD    . ARG B 2 65  ? 8.407   -10.674 3.866   1.00 61.85  ? 285 ARG A CD    1 
ATOM   690  N  NE    . ARG B 2 65  ? 8.062   -11.675 2.857   1.00 66.50  ? 285 ARG A NE    1 
ATOM   691  C  CZ    . ARG B 2 65  ? 8.102   -12.988 3.050   1.00 67.35  ? 285 ARG A CZ    1 
ATOM   692  N  NH1   . ARG B 2 65  ? 8.481   -13.470 4.228   1.00 67.08  ? 285 ARG A NH1   1 
ATOM   693  N  NH2   . ARG B 2 65  ? 7.748   -13.813 2.066   1.00 66.98  ? 285 ARG A NH2   1 
ATOM   694  N  N     . PRO B 2 66  ? 6.206   -8.401  -0.760  1.00 54.09  ? 286 PRO A N     1 
ATOM   695  C  CA    . PRO B 2 66  ? 5.024   -7.973  -1.499  1.00 53.76  ? 286 PRO A CA    1 
ATOM   696  C  C     . PRO B 2 66  ? 3.754   -8.351  -0.761  1.00 55.01  ? 286 PRO A C     1 
ATOM   697  O  O     . PRO B 2 66  ? 3.764   -9.225  0.112   1.00 54.56  ? 286 PRO A O     1 
ATOM   698  C  CB    . PRO B 2 66  ? 5.148   -8.726  -2.820  1.00 53.43  ? 286 PRO A CB    1 
ATOM   699  C  CG    . PRO B 2 66  ? 6.588   -9.114  -2.892  1.00 53.10  ? 286 PRO A CG    1 
ATOM   700  C  CD    . PRO B 2 66  ? 6.877   -9.489  -1.475  1.00 53.68  ? 286 PRO A CD    1 
ATOM   701  N  N     . ALA B 2 67  ? 2.662   -7.681  -1.119  1.00 55.18  ? 287 ALA A N     1 
ATOM   702  C  CA    . ALA B 2 67  ? 1.368   -7.945  -0.523  1.00 55.15  ? 287 ALA A CA    1 
ATOM   703  C  C     . ALA B 2 67  ? 1.114   -9.452  -0.555  1.00 55.99  ? 287 ALA A C     1 
ATOM   704  O  O     . ALA B 2 67  ? 0.519   -10.013 0.357   1.00 54.41  ? 287 ALA A O     1 
ATOM   705  C  CB    . ALA B 2 67  ? 0.296   -7.218  -1.300  1.00 55.55  ? 287 ALA A CB    1 
ATOM   706  N  N     . SER B 2 68  ? 1.580   -10.112 -1.609  1.00 57.89  ? 288 SER A N     1 
ATOM   707  C  CA    . SER B 2 68  ? 1.387   -11.552 -1.727  1.00 59.24  ? 288 SER A CA    1 
ATOM   708  C  C     . SER B 2 68  ? 2.102   -12.358 -0.636  1.00 61.02  ? 288 SER A C     1 
ATOM   709  O  O     . SER B 2 68  ? 1.730   -13.504 -0.375  1.00 62.09  ? 288 SER A O     1 
ATOM   710  C  CB    . SER B 2 68  ? 1.811   -12.047 -3.125  1.00 58.75  ? 288 SER A CB    1 
ATOM   711  O  OG    . SER B 2 68  ? 3.148   -11.711 -3.460  1.00 58.84  ? 288 SER A OG    1 
ATOM   712  N  N     . HIS B 2 69  ? 3.099   -11.767 0.023   1.00 61.32  ? 289 HIS A N     1 
ATOM   713  C  CA    . HIS B 2 69  ? 3.817   -12.493 1.070   1.00 60.66  ? 289 HIS A CA    1 
ATOM   714  C  C     . HIS B 2 69  ? 3.866   -11.830 2.431   1.00 60.82  ? 289 HIS A C     1 
ATOM   715  O  O     . HIS B 2 69  ? 4.041   -12.509 3.445   1.00 60.46  ? 289 HIS A O     1 
ATOM   716  C  CB    . HIS B 2 69  ? 5.238   -12.788 0.614   1.00 61.07  ? 289 HIS A CB    1 
ATOM   717  C  CG    . HIS B 2 69  ? 5.302   -13.516 -0.689  1.00 61.58  ? 289 HIS A CG    1 
ATOM   718  N  ND1   . HIS B 2 69  ? 4.796   -12.987 -1.859  1.00 61.01  ? 289 HIS A ND1   1 
ATOM   719  C  CD2   . HIS B 2 69  ? 5.783   -14.741 -1.004  1.00 61.31  ? 289 HIS A CD2   1 
ATOM   720  C  CE1   . HIS B 2 69  ? 4.959   -13.860 -2.837  1.00 62.22  ? 289 HIS A CE1   1 
ATOM   721  N  NE2   . HIS B 2 69  ? 5.553   -14.933 -2.346  1.00 62.01  ? 289 HIS A NE2   1 
ATOM   722  N  N     . GLN B 2 70  ? 3.721   -10.509 2.467   1.00 61.16  ? 290 GLN A N     1 
ATOM   723  C  CA    . GLN B 2 70  ? 3.761   -9.803  3.744   1.00 61.13  ? 290 GLN A CA    1 
ATOM   724  C  C     . GLN B 2 70  ? 2.804   -10.468 4.719   1.00 62.60  ? 290 GLN A C     1 
ATOM   725  O  O     . GLN B 2 70  ? 1.657   -10.754 4.381   1.00 62.99  ? 290 GLN A O     1 
ATOM   726  C  CB    . GLN B 2 70  ? 3.380   -8.337  3.580   1.00 58.64  ? 290 GLN A CB    1 
ATOM   727  C  CG    . GLN B 2 70  ? 3.492   -7.568  4.878   1.00 57.67  ? 290 GLN A CG    1 
ATOM   728  C  CD    . GLN B 2 70  ? 4.888   -7.629  5.484   1.00 57.17  ? 290 GLN A CD    1 
ATOM   729  O  OE1   . GLN B 2 70  ? 5.076   -7.330  6.662   1.00 58.59  ? 290 GLN A OE1   1 
ATOM   730  N  NE2   . GLN B 2 70  ? 5.869   -8.003  4.681   1.00 56.13  ? 290 GLN A NE2   1 
ATOM   731  N  N     . THR B 2 71  ? 3.270   -10.701 5.936   1.00 63.03  ? 291 THR A N     1 
ATOM   732  C  CA    . THR B 2 71  ? 2.444   -11.368 6.914   1.00 64.30  ? 291 THR A CA    1 
ATOM   733  C  C     . THR B 2 71  ? 2.268   -10.608 8.222   1.00 66.05  ? 291 THR A C     1 
ATOM   734  O  O     . THR B 2 71  ? 3.027   -9.686  8.534   1.00 65.87  ? 291 THR A O     1 
ATOM   735  C  CB    . THR B 2 71  ? 3.026   -12.745 7.215   1.00 63.60  ? 291 THR A CB    1 
ATOM   736  O  OG1   . THR B 2 71  ? 2.277   -13.361 8.264   1.00 65.31  ? 291 THR A OG1   1 
ATOM   737  C  CG2   . THR B 2 71  ? 4.469   -12.617 7.641   1.00 64.80  ? 291 THR A CG2   1 
ATOM   738  N  N     . PHE B 2 72  ? 1.246   -11.004 8.978   1.00 67.57  ? 292 PHE A N     1 
ATOM   739  C  CA    . PHE B 2 72  ? 0.956   -10.401 10.275  1.00 69.25  ? 292 PHE A CA    1 
ATOM   740  C  C     . PHE B 2 72  ? 0.251   -11.407 11.208  1.00 71.58  ? 292 PHE A C     1 
ATOM   741  O  O     . PHE B 2 72  ? -0.201  -12.470 10.768  1.00 70.48  ? 292 PHE A O     1 
ATOM   742  C  CB    . PHE B 2 72  ? 0.087   -9.146  10.104  1.00 67.00  ? 292 PHE A CB    1 
ATOM   743  C  CG    . PHE B 2 72  ? -1.269  -9.414  9.509   1.00 64.71  ? 292 PHE A CG    1 
ATOM   744  C  CD1   . PHE B 2 72  ? -1.404  -9.743  8.169   1.00 62.49  ? 292 PHE A CD1   1 
ATOM   745  C  CD2   . PHE B 2 72  ? -2.414  -9.335  10.296  1.00 63.60  ? 292 PHE A CD2   1 
ATOM   746  C  CE1   . PHE B 2 72  ? -2.652  -9.987  7.621   1.00 61.04  ? 292 PHE A CE1   1 
ATOM   747  C  CE2   . PHE B 2 72  ? -3.665  -9.577  9.755   1.00 61.43  ? 292 PHE A CE2   1 
ATOM   748  C  CZ    . PHE B 2 72  ? -3.781  -9.904  8.414   1.00 60.79  ? 292 PHE A CZ    1 
ATOM   749  N  N     . PRO B 2 73  ? 0.174   -11.084 12.514  1.00 73.82  ? 293 PRO A N     1 
ATOM   750  C  CA    . PRO B 2 73  ? -0.465  -11.927 13.534  1.00 75.39  ? 293 PRO A CA    1 
ATOM   751  C  C     . PRO B 2 73  ? -1.988  -11.891 13.417  1.00 77.08  ? 293 PRO A C     1 
ATOM   752  O  O     . PRO B 2 73  ? -2.622  -11.014 14.000  1.00 77.06  ? 293 PRO A O     1 
ATOM   753  C  CB    . PRO B 2 73  ? -0.007  -11.291 14.853  1.00 75.07  ? 293 PRO A CB    1 
ATOM   754  C  CG    . PRO B 2 73  ? 1.228   -10.536 14.494  1.00 74.48  ? 293 PRO A CG    1 
ATOM   755  C  CD    . PRO B 2 73  ? 0.883   -9.961  13.151  1.00 74.83  ? 293 PRO A CD    1 
ATOM   756  N  N     . LEU B 2 74  ? -2.573  -12.838 12.681  1.00 79.35  ? 294 LEU A N     1 
ATOM   757  C  CA    . LEU B 2 74  ? -4.030  -12.886 12.500  1.00 81.18  ? 294 LEU A CA    1 
ATOM   758  C  C     . LEU B 2 74  ? -4.747  -13.821 13.481  1.00 82.52  ? 294 LEU A C     1 
ATOM   759  O  O     . LEU B 2 74  ? -4.367  -14.985 13.632  1.00 83.90  ? 294 LEU A O     1 
ATOM   760  C  CB    . LEU B 2 74  ? -4.372  -13.309 11.070  1.00 81.04  ? 294 LEU A CB    1 
ATOM   761  C  CG    . LEU B 2 74  ? -5.871  -13.437 10.771  1.00 81.76  ? 294 LEU A CG    1 
ATOM   762  C  CD1   . LEU B 2 74  ? -6.579  -12.129 11.104  1.00 81.25  ? 294 LEU A CD1   1 
ATOM   763  C  CD2   . LEU B 2 74  ? -6.081  -13.800 9.303   1.00 81.51  ? 294 LEU A CD2   1 
ATOM   764  N  N     . GLN B 2 75  ? -5.792  -13.314 14.134  1.00 82.65  ? 295 GLN A N     1 
ATOM   765  C  CA    . GLN B 2 75  ? -6.557  -14.114 15.094  1.00 83.13  ? 295 GLN A CA    1 
ATOM   766  C  C     . GLN B 2 75  ? -7.706  -14.868 14.426  1.00 83.24  ? 295 GLN A C     1 
ATOM   767  O  O     . GLN B 2 75  ? -8.635  -15.333 15.090  1.00 82.66  ? 295 GLN A O     1 
ATOM   768  C  CB    . GLN B 2 75  ? -7.112  -13.220 16.205  1.00 83.01  ? 295 GLN A CB    1 
ATOM   769  N  N     . VAL B 2 82  ? -2.517  -17.415 14.842  1.00 99.12  ? 302 VAL A N     1 
ATOM   770  C  CA    . VAL B 2 82  ? -1.918  -17.764 13.559  1.00 100.05 ? 302 VAL A CA    1 
ATOM   771  C  C     . VAL B 2 82  ? -1.382  -16.513 12.867  1.00 100.15 ? 302 VAL A C     1 
ATOM   772  O  O     . VAL B 2 82  ? -1.273  -15.453 13.486  1.00 100.21 ? 302 VAL A O     1 
ATOM   773  C  CB    . VAL B 2 82  ? -2.947  -18.443 12.612  1.00 100.50 ? 302 VAL A CB    1 
ATOM   774  C  CG1   . VAL B 2 82  ? -3.701  -19.533 13.360  1.00 101.02 ? 302 VAL A CG1   1 
ATOM   775  C  CG2   . VAL B 2 82  ? -3.911  -17.411 12.040  1.00 100.13 ? 302 VAL A CG2   1 
ATOM   776  N  N     . GLU B 2 83  ? -1.049  -16.647 11.583  1.00 99.51  ? 303 GLU A N     1 
ATOM   777  C  CA    . GLU B 2 83  ? -0.535  -15.533 10.791  1.00 98.58  ? 303 GLU A CA    1 
ATOM   778  C  C     . GLU B 2 83  ? -0.960  -15.668 9.338   1.00 97.48  ? 303 GLU A C     1 
ATOM   779  O  O     . GLU B 2 83  ? -0.830  -16.740 8.746   1.00 97.60  ? 303 GLU A O     1 
ATOM   780  C  CB    . GLU B 2 83  ? 0.989   -15.465 10.888  1.00 99.02  ? 303 GLU A CB    1 
ATOM   781  C  CG    . GLU B 2 83  ? 1.476   -15.080 12.274  1.00 101.14 ? 303 GLU A CG    1 
ATOM   782  C  CD    . GLU B 2 83  ? 2.921   -14.621 12.292  1.00 102.36 ? 303 GLU A CD    1 
ATOM   783  O  OE1   . GLU B 2 83  ? 3.247   -13.635 11.592  1.00 103.11 ? 303 GLU A OE1   1 
ATOM   784  O  OE2   . GLU B 2 83  ? 3.729   -15.244 13.013  1.00 102.80 ? 303 GLU A OE2   1 
ATOM   785  N  N     . CYS B 2 84  ? -1.463  -14.574 8.766   1.00 95.70  ? 304 CYS A N     1 
ATOM   786  C  CA    . CYS B 2 84  ? -1.931  -14.582 7.380   1.00 93.21  ? 304 CYS A CA    1 
ATOM   787  C  C     . CYS B 2 84  ? -1.182  -13.648 6.431   1.00 90.95  ? 304 CYS A C     1 
ATOM   788  O  O     . CYS B 2 84  ? -0.477  -12.731 6.856   1.00 90.56  ? 304 CYS A O     1 
ATOM   789  C  CB    . CYS B 2 84  ? -3.424  -14.234 7.334   1.00 93.17  ? 304 CYS A CB    1 
ATOM   790  S  SG    . CYS B 2 84  ? -4.163  -14.281 5.674   1.00 95.28  ? 304 CYS A SG    1 
ATOM   791  N  N     . THR B 2 85  ? -1.348  -13.907 5.138   1.00 88.08  ? 305 THR A N     1 
ATOM   792  C  CA    . THR B 2 85  ? -0.743  -13.108 4.090   1.00 86.38  ? 305 THR A CA    1 
ATOM   793  C  C     . THR B 2 85  ? -1.811  -12.057 3.737   1.00 86.73  ? 305 THR A C     1 
ATOM   794  O  O     . THR B 2 85  ? -2.985  -12.397 3.563   1.00 86.77  ? 305 THR A O     1 
ATOM   795  C  CB    . THR B 2 85  ? -0.392  -13.997 2.866   1.00 85.38  ? 305 THR A CB    1 
ATOM   796  O  OG1   . THR B 2 85  ? 0.841   -13.554 2.293   1.00 86.83  ? 305 THR A OG1   1 
ATOM   797  C  CG2   . THR B 2 85  ? -1.469  -13.931 1.802   1.00 84.07  ? 305 THR A CG2   1 
ATOM   798  N  N     . VAL B 2 86  ? -1.410  -10.786 3.646   1.00 86.11  ? 306 VAL A N     1 
ATOM   799  C  CA    . VAL B 2 86  ? -2.353  -9.701  3.359   1.00 85.10  ? 306 VAL A CA    1 
ATOM   800  C  C     . VAL B 2 86  ? -3.166  -9.856  2.081   1.00 83.98  ? 306 VAL A C     1 
ATOM   801  O  O     . VAL B 2 86  ? -4.283  -9.354  1.996   1.00 84.38  ? 306 VAL A O     1 
ATOM   802  C  CB    . VAL B 2 86  ? -1.655  -8.304  3.331   1.00 84.95  ? 306 VAL A CB    1 
ATOM   803  C  CG1   . VAL B 2 86  ? -0.883  -8.080  4.616   1.00 84.71  ? 306 VAL A CG1   1 
ATOM   804  C  CG2   . VAL B 2 86  ? -0.752  -8.181  2.133   1.00 85.03  ? 306 VAL A CG2   1 
ATOM   805  N  N     . ALA B 2 87  ? -2.620  -10.541 1.086   1.00 82.88  ? 307 ALA A N     1 
ATOM   806  C  CA    . ALA B 2 87  ? -3.360  -10.737 -0.152  1.00 83.18  ? 307 ALA A CA    1 
ATOM   807  C  C     . ALA B 2 87  ? -4.612  -11.548 0.171   1.00 83.49  ? 307 ALA A C     1 
ATOM   808  O  O     . ALA B 2 87  ? -5.728  -11.165 -0.191  1.00 83.17  ? 307 ALA A O     1 
ATOM   809  C  CB    . ALA B 2 87  ? -2.501  -11.472 -1.168  1.00 83.44  ? 307 ALA A CB    1 
ATOM   810  N  N     . GLN B 2 88  ? -4.412  -12.666 0.863   1.00 83.76  ? 308 GLN A N     1 
ATOM   811  C  CA    . GLN B 2 88  ? -5.504  -13.547 1.260   1.00 84.35  ? 308 GLN A CA    1 
ATOM   812  C  C     . GLN B 2 88  ? -6.509  -12.778 2.098   1.00 82.99  ? 308 GLN A C     1 
ATOM   813  O  O     . GLN B 2 88  ? -7.706  -12.789 1.810   1.00 83.45  ? 308 GLN A O     1 
ATOM   814  C  CB    . GLN B 2 88  ? -4.962  -14.741 2.056   1.00 86.81  ? 308 GLN A CB    1 
ATOM   815  C  CG    . GLN B 2 88  ? -4.374  -15.863 1.190   1.00 90.08  ? 308 GLN A CG    1 
ATOM   816  C  CD    . GLN B 2 88  ? -3.281  -16.667 1.905   1.00 91.43  ? 308 GLN A CD    1 
ATOM   817  O  OE1   . GLN B 2 88  ? -3.431  -17.052 3.068   1.00 92.61  ? 308 GLN A OE1   1 
ATOM   818  N  NE2   . GLN B 2 88  ? -2.180  -16.930 1.201   1.00 90.71  ? 308 GLN A NE2   1 
ATOM   819  N  N     . TYR B 2 89  ? -6.018  -12.107 3.133   1.00 80.22  ? 309 TYR A N     1 
ATOM   820  C  CA    . TYR B 2 89  ? -6.880  -11.325 4.005   1.00 77.61  ? 309 TYR A CA    1 
ATOM   821  C  C     . TYR B 2 89  ? -7.827  -10.430 3.195   1.00 77.68  ? 309 TYR A C     1 
ATOM   822  O  O     . TYR B 2 89  ? -9.025  -10.406 3.447   1.00 77.96  ? 309 TYR A O     1 
ATOM   823  C  CB    . TYR B 2 89  ? -6.026  -10.468 4.933   1.00 74.78  ? 309 TYR A CB    1 
ATOM   824  C  CG    . TYR B 2 89  ? -6.810  -9.601  5.885   1.00 72.17  ? 309 TYR A CG    1 
ATOM   825  C  CD1   . TYR B 2 89  ? -7.074  -10.020 7.187   1.00 70.94  ? 309 TYR A CD1   1 
ATOM   826  C  CD2   . TYR B 2 89  ? -7.271  -8.349  5.492   1.00 71.64  ? 309 TYR A CD2   1 
ATOM   827  C  CE1   . TYR B 2 89  ? -7.773  -9.206  8.078   1.00 69.86  ? 309 TYR A CE1   1 
ATOM   828  C  CE2   . TYR B 2 89  ? -7.970  -7.531  6.371   1.00 71.07  ? 309 TYR A CE2   1 
ATOM   829  C  CZ    . TYR B 2 89  ? -8.215  -7.964  7.659   1.00 70.43  ? 309 TYR A CZ    1 
ATOM   830  O  OH    . TYR B 2 89  ? -8.892  -7.143  8.523   1.00 70.17  ? 309 TYR A OH    1 
ATOM   831  N  N     . PHE B 2 90  ? -7.303  -9.701  2.217   1.00 77.35  ? 310 PHE A N     1 
ATOM   832  C  CA    . PHE B 2 90  ? -8.156  -8.821  1.425   1.00 77.76  ? 310 PHE A CA    1 
ATOM   833  C  C     . PHE B 2 90  ? -9.076  -9.542  0.446   1.00 78.75  ? 310 PHE A C     1 
ATOM   834  O  O     . PHE B 2 90  ? -10.011 -8.946  -0.087  1.00 77.89  ? 310 PHE A O     1 
ATOM   835  C  CB    . PHE B 2 90  ? -7.312  -7.770  0.690   1.00 75.57  ? 310 PHE A CB    1 
ATOM   836  C  CG    . PHE B 2 90  ? -6.962  -6.584  1.544   1.00 74.03  ? 310 PHE A CG    1 
ATOM   837  C  CD1   . PHE B 2 90  ? -6.111  -6.720  2.635   1.00 72.63  ? 310 PHE A CD1   1 
ATOM   838  C  CD2   . PHE B 2 90  ? -7.540  -5.340  1.300   1.00 73.38  ? 310 PHE A CD2   1 
ATOM   839  C  CE1   . PHE B 2 90  ? -5.848  -5.640  3.472   1.00 72.06  ? 310 PHE A CE1   1 
ATOM   840  C  CE2   . PHE B 2 90  ? -7.282  -4.251  2.137   1.00 71.33  ? 310 PHE A CE2   1 
ATOM   841  C  CZ    . PHE B 2 90  ? -6.438  -4.404  3.223   1.00 71.39  ? 310 PHE A CZ    1 
ATOM   842  N  N     . LYS B 2 91  ? -8.813  -10.824 0.214   1.00 80.34  ? 311 LYS A N     1 
ATOM   843  C  CA    . LYS B 2 91  ? -9.642  -11.624 -0.690  1.00 81.61  ? 311 LYS A CA    1 
ATOM   844  C  C     . LYS B 2 91  ? -10.633 -12.423 0.161   1.00 81.83  ? 311 LYS A C     1 
ATOM   845  O  O     . LYS B 2 91  ? -11.695 -12.839 -0.313  1.00 81.32  ? 311 LYS A O     1 
ATOM   846  C  CB    . LYS B 2 91  ? -8.768  -12.582 -1.512  1.00 82.03  ? 311 LYS A CB    1 
ATOM   847  C  CG    . LYS B 2 91  ? -9.462  -13.233 -2.714  1.00 83.17  ? 311 LYS A CG    1 
ATOM   848  C  CD    . LYS B 2 91  ? -10.479 -14.312 -2.324  1.00 83.50  ? 311 LYS A CD    1 
ATOM   849  C  CE    . LYS B 2 91  ? -11.158 -14.908 -3.562  1.00 83.39  ? 311 LYS A CE    1 
ATOM   850  N  NZ    . LYS B 2 91  ? -12.227 -15.887 -3.217  1.00 81.84  ? 311 LYS A NZ    1 
ATOM   851  N  N     . GLN B 2 92  ? -10.278 -12.620 1.425   1.00 80.95  ? 312 GLN A N     1 
ATOM   852  C  CA    . GLN B 2 92  ? -11.123 -13.364 2.337   1.00 81.19  ? 312 GLN A CA    1 
ATOM   853  C  C     . GLN B 2 92  ? -12.056 -12.439 3.118   1.00 79.85  ? 312 GLN A C     1 
ATOM   854  O  O     . GLN B 2 92  ? -13.240 -12.740 3.271   1.00 80.65  ? 312 GLN A O     1 
ATOM   855  C  CB    . GLN B 2 92  ? -10.254 -14.205 3.287   1.00 84.03  ? 312 GLN A CB    1 
ATOM   856  C  CG    . GLN B 2 92  ? -9.254  -15.124 2.546   1.00 88.18  ? 312 GLN A CG    1 
ATOM   857  C  CD    . GLN B 2 92  ? -8.508  -16.112 3.451   1.00 90.31  ? 312 GLN A CD    1 
ATOM   858  O  OE1   . GLN B 2 92  ? -7.962  -15.741 4.495   1.00 91.64  ? 312 GLN A OE1   1 
ATOM   859  N  NE2   . GLN B 2 92  ? -8.471  -17.378 3.038   1.00 91.01  ? 312 GLN A NE2   1 
ATOM   860  N  N     . LYS B 2 93  ? -11.541 -11.305 3.586   1.00 78.02  ? 313 LYS A N     1 
ATOM   861  C  CA    . LYS B 2 93  ? -12.358 -10.363 4.353   1.00 74.41  ? 313 LYS A CA    1 
ATOM   862  C  C     . LYS B 2 93  ? -13.074 -9.307  3.522   1.00 71.90  ? 313 LYS A C     1 
ATOM   863  O  O     . LYS B 2 93  ? -14.042 -8.715  3.990   1.00 71.96  ? 313 LYS A O     1 
ATOM   864  C  CB    . LYS B 2 93  ? -11.525 -9.665  5.438   1.00 74.35  ? 313 LYS A CB    1 
ATOM   865  C  CG    . LYS B 2 93  ? -12.314 -8.604  6.216   1.00 74.55  ? 313 LYS A CG    1 
ATOM   866  C  CD    . LYS B 2 93  ? -11.688 -8.255  7.557   1.00 73.08  ? 313 LYS A CD    1 
ATOM   867  C  CE    . LYS B 2 93  ? -12.603 -7.319  8.331   1.00 72.98  ? 313 LYS A CE    1 
ATOM   868  N  NZ    . LYS B 2 93  ? -12.278 -7.260  9.792   1.00 73.07  ? 313 LYS A NZ    1 
ATOM   869  N  N     . TYR B 2 94  ? -12.612 -9.067  2.301   1.00 69.21  ? 314 TYR A N     1 
ATOM   870  C  CA    . TYR B 2 94  ? -13.241 -8.065  1.439   1.00 66.32  ? 314 TYR A CA    1 
ATOM   871  C  C     . TYR B 2 94  ? -13.516 -8.650  0.077   1.00 65.78  ? 314 TYR A C     1 
ATOM   872  O  O     . TYR B 2 94  ? -14.091 -7.989  -0.785  1.00 65.26  ? 314 TYR A O     1 
ATOM   873  C  CB    . TYR B 2 94  ? -12.334 -6.837  1.280   1.00 64.36  ? 314 TYR A CB    1 
ATOM   874  C  CG    . TYR B 2 94  ? -12.129 -6.085  2.568   1.00 61.12  ? 314 TYR A CG    1 
ATOM   875  C  CD1   . TYR B 2 94  ? -13.184 -5.398  3.166   1.00 59.02  ? 314 TYR A CD1   1 
ATOM   876  C  CD2   . TYR B 2 94  ? -10.902 -6.115  3.226   1.00 59.32  ? 314 TYR A CD2   1 
ATOM   877  C  CE1   . TYR B 2 94  ? -13.029 -4.767  4.389   1.00 57.97  ? 314 TYR A CE1   1 
ATOM   878  C  CE2   . TYR B 2 94  ? -10.735 -5.486  4.453   1.00 58.37  ? 314 TYR A CE2   1 
ATOM   879  C  CZ    . TYR B 2 94  ? -11.805 -4.818  5.026   1.00 57.57  ? 314 TYR A CZ    1 
ATOM   880  O  OH    . TYR B 2 94  ? -11.664 -4.211  6.241   1.00 56.53  ? 314 TYR A OH    1 
ATOM   881  N  N     . ASN B 2 95  ? -13.101 -9.897  -0.107  1.00 66.30  ? 315 ASN A N     1 
ATOM   882  C  CA    . ASN B 2 95  ? -13.272 -10.586 -1.376  1.00 66.56  ? 315 ASN A CA    1 
ATOM   883  C  C     . ASN B 2 95  ? -12.717 -9.673  -2.457  1.00 66.64  ? 315 ASN A C     1 
ATOM   884  O  O     . ASN B 2 95  ? -13.414 -9.292  -3.397  1.00 66.38  ? 315 ASN A O     1 
ATOM   885  C  CB    . ASN B 2 95  ? -14.752 -10.896 -1.628  1.00 66.91  ? 315 ASN A CB    1 
ATOM   886  C  CG    . ASN B 2 95  ? -14.949 -11.959 -2.695  1.00 67.63  ? 315 ASN A CG    1 
ATOM   887  O  OD1   . ASN B 2 95  ? -15.010 -11.663 -3.889  1.00 67.31  ? 315 ASN A OD1   1 
ATOM   888  N  ND2   . ASN B 2 95  ? -15.032 -13.213 -2.264  1.00 68.78  ? 315 ASN A ND2   1 
ATOM   889  N  N     . LEU B 2 96  ? -11.447 -9.313  -2.293  1.00 67.43  ? 316 LEU A N     1 
ATOM   890  C  CA    . LEU B 2 96  ? -10.757 -8.442  -3.230  1.00 68.03  ? 316 LEU A CA    1 
ATOM   891  C  C     . LEU B 2 96  ? -9.462  -9.071  -3.703  1.00 68.92  ? 316 LEU A C     1 
ATOM   892  O  O     . LEU B 2 96  ? -8.462  -9.075  -2.987  1.00 70.84  ? 316 LEU A O     1 
ATOM   893  C  CB    . LEU B 2 96  ? -10.468 -7.081  -2.576  1.00 67.55  ? 316 LEU A CB    1 
ATOM   894  C  CG    . LEU B 2 96  ? -9.533  -6.089  -3.279  1.00 65.95  ? 316 LEU A CG    1 
ATOM   895  C  CD1   . LEU B 2 96  ? -9.937  -5.917  -4.725  1.00 66.50  ? 316 LEU A CD1   1 
ATOM   896  C  CD2   . LEU B 2 96  ? -9.574  -4.758  -2.553  1.00 64.86  ? 316 LEU A CD2   1 
ATOM   897  N  N     . GLN B 2 97  ? -9.487  -9.638  -4.901  1.00 69.26  ? 317 GLN A N     1 
ATOM   898  C  CA    . GLN B 2 97  ? -8.285  -10.229 -5.450  1.00 69.71  ? 317 GLN A CA    1 
ATOM   899  C  C     . GLN B 2 97  ? -7.446  -9.022  -5.817  1.00 68.34  ? 317 GLN A C     1 
ATOM   900  O  O     . GLN B 2 97  ? -7.816  -8.249  -6.705  1.00 67.81  ? 317 GLN A O     1 
ATOM   901  C  CB    . GLN B 2 97  ? -8.603  -11.056 -6.702  1.00 72.28  ? 317 GLN A CB    1 
ATOM   902  C  CG    . GLN B 2 97  ? -8.861  -12.550 -6.451  1.00 76.58  ? 317 GLN A CG    1 
ATOM   903  C  CD    . GLN B 2 97  ? -7.616  -13.308 -5.982  1.00 79.18  ? 317 GLN A CD    1 
ATOM   904  O  OE1   . GLN B 2 97  ? -7.204  -13.204 -4.820  1.00 80.48  ? 317 GLN A OE1   1 
ATOM   905  N  NE2   . GLN B 2 97  ? -7.010  -14.069 -6.893  1.00 79.01  ? 317 GLN A NE2   1 
ATOM   906  N  N     . LEU B 2 98  ? -6.331  -8.842  -5.122  1.00 66.20  ? 318 LEU A N     1 
ATOM   907  C  CA    . LEU B 2 98  ? -5.473  -7.701  -5.401  1.00 65.40  ? 318 LEU A CA    1 
ATOM   908  C  C     . LEU B 2 98  ? -5.006  -7.631  -6.854  1.00 64.33  ? 318 LEU A C     1 
ATOM   909  O  O     . LEU B 2 98  ? -4.665  -8.647  -7.465  1.00 65.02  ? 318 LEU A O     1 
ATOM   910  C  CB    . LEU B 2 98  ? -4.275  -7.712  -4.451  1.00 64.99  ? 318 LEU A CB    1 
ATOM   911  C  CG    . LEU B 2 98  ? -4.618  -7.213  -3.050  1.00 64.46  ? 318 LEU A CG    1 
ATOM   912  C  CD1   . LEU B 2 98  ? -3.525  -7.589  -2.074  1.00 64.45  ? 318 LEU A CD1   1 
ATOM   913  C  CD2   . LEU B 2 98  ? -4.814  -5.706  -3.102  1.00 64.23  ? 318 LEU A CD2   1 
ATOM   914  N  N     . LYS B 2 99  ? -5.005  -6.421  -7.402  1.00 62.84  ? 319 LYS A N     1 
ATOM   915  C  CA    . LYS B 2 99  ? -4.582  -6.191  -8.778  1.00 62.31  ? 319 LYS A CA    1 
ATOM   916  C  C     . LYS B 2 99  ? -3.046  -6.180  -8.879  1.00 61.58  ? 319 LYS A C     1 
ATOM   917  O  O     . LYS B 2 99  ? -2.490  -6.484  -9.931  1.00 61.98  ? 319 LYS A O     1 
ATOM   918  C  CB    . LYS B 2 99  ? -5.152  -4.854  -9.272  1.00 64.08  ? 319 LYS A CB    1 
ATOM   919  C  CG    . LYS B 2 99  ? -5.451  -4.774  -10.776 1.00 65.23  ? 319 LYS A CG    1 
ATOM   920  C  CD    . LYS B 2 99  ? -5.655  -3.321  -11.246 1.00 67.86  ? 319 LYS A CD    1 
ATOM   921  C  CE    . LYS B 2 99  ? -6.718  -2.583  -10.426 1.00 70.56  ? 319 LYS A CE    1 
ATOM   922  N  NZ    . LYS B 2 99  ? -6.757  -1.110  -10.691 1.00 71.43  ? 319 LYS A NZ    1 
ATOM   923  N  N     . TYR B 2 100 ? -2.373  -5.827  -7.781  1.00 60.48  ? 320 TYR A N     1 
ATOM   924  C  CA    . TYR B 2 100 ? -0.905  -5.772  -7.722  1.00 58.25  ? 320 TYR A CA    1 
ATOM   925  C  C     . TYR B 2 100 ? -0.340  -6.487  -6.489  1.00 57.45  ? 320 TYR A C     1 
ATOM   926  O  O     . TYR B 2 100 ? 0.279   -5.866  -5.618  1.00 55.54  ? 320 TYR A O     1 
ATOM   927  C  CB    . TYR B 2 100 ? -0.416  -4.325  -7.700  1.00 57.10  ? 320 TYR A CB    1 
ATOM   928  C  CG    . TYR B 2 100 ? -0.919  -3.485  -8.840  1.00 56.95  ? 320 TYR A CG    1 
ATOM   929  C  CD1   . TYR B 2 100 ? -2.142  -2.815  -8.752  1.00 57.04  ? 320 TYR A CD1   1 
ATOM   930  C  CD2   . TYR B 2 100 ? -0.189  -3.378  -10.025 1.00 55.05  ? 320 TYR A CD2   1 
ATOM   931  C  CE1   . TYR B 2 100 ? -2.623  -2.063  -9.812  1.00 55.90  ? 320 TYR A CE1   1 
ATOM   932  C  CE2   . TYR B 2 100 ? -0.661  -2.636  -11.091 1.00 54.45  ? 320 TYR A CE2   1 
ATOM   933  C  CZ    . TYR B 2 100 ? -1.878  -1.982  -10.979 1.00 56.46  ? 320 TYR A CZ    1 
ATOM   934  O  OH    . TYR B 2 100 ? -2.356  -1.252  -12.039 1.00 58.32  ? 320 TYR A OH    1 
ATOM   935  N  N     . PRO B 2 101 ? -0.551  -7.808  -6.396  1.00 56.56  ? 321 PRO A N     1 
ATOM   936  C  CA    . PRO B 2 101 ? -0.045  -8.569  -5.254  1.00 55.01  ? 321 PRO A CA    1 
ATOM   937  C  C     . PRO B 2 101 ? 1.481   -8.544  -5.200  1.00 53.30  ? 321 PRO A C     1 
ATOM   938  O  O     . PRO B 2 101 ? 2.082   -8.826  -4.162  1.00 51.81  ? 321 PRO A O     1 
ATOM   939  C  CB    . PRO B 2 101 ? -0.587  -9.979  -5.513  1.00 54.22  ? 321 PRO A CB    1 
ATOM   940  C  CG    . PRO B 2 101 ? -1.834  -9.730  -6.272  1.00 55.58  ? 321 PRO A CG    1 
ATOM   941  C  CD    . PRO B 2 101 ? -1.403  -8.655  -7.246  1.00 56.46  ? 321 PRO A CD    1 
ATOM   942  N  N     . HIS B 2 102 ? 2.102   -8.202  -6.322  1.00 52.33  ? 322 HIS A N     1 
ATOM   943  C  CA    . HIS B 2 102 ? 3.554   -8.167  -6.392  1.00 53.52  ? 322 HIS A CA    1 
ATOM   944  C  C     . HIS B 2 102 ? 4.200   -6.914  -5.779  1.00 52.85  ? 322 HIS A C     1 
ATOM   945  O  O     . HIS B 2 102 ? 5.345   -6.967  -5.325  1.00 53.35  ? 322 HIS A O     1 
ATOM   946  C  CB    . HIS B 2 102 ? 3.992   -8.361  -7.843  1.00 54.73  ? 322 HIS A CB    1 
ATOM   947  C  CG    . HIS B 2 102 ? 3.406   -7.368  -8.796  1.00 57.15  ? 322 HIS A CG    1 
ATOM   948  N  ND1   . HIS B 2 102 ? 4.012   -6.162  -9.081  1.00 58.07  ? 322 HIS A ND1   1 
ATOM   949  C  CD2   . HIS B 2 102 ? 2.281   -7.415  -9.547  1.00 56.87  ? 322 HIS A CD2   1 
ATOM   950  C  CE1   . HIS B 2 102 ? 3.287   -5.510  -9.974  1.00 58.11  ? 322 HIS A CE1   1 
ATOM   951  N  NE2   . HIS B 2 102 ? 2.232   -6.249  -10.273 1.00 57.17  ? 322 HIS A NE2   1 
ATOM   952  N  N     . LEU B 2 103 ? 3.470   -5.797  -5.761  1.00 51.04  ? 323 LEU A N     1 
ATOM   953  C  CA    . LEU B 2 103 ? 3.960   -4.547  -5.170  1.00 46.45  ? 323 LEU A CA    1 
ATOM   954  C  C     . LEU B 2 103 ? 3.858   -4.665  -3.636  1.00 45.20  ? 323 LEU A C     1 
ATOM   955  O  O     . LEU B 2 103 ? 3.113   -5.494  -3.114  1.00 44.74  ? 323 LEU A O     1 
ATOM   956  C  CB    . LEU B 2 103 ? 3.117   -3.368  -5.674  1.00 43.92  ? 323 LEU A CB    1 
ATOM   957  C  CG    . LEU B 2 103 ? 3.167   -3.121  -7.185  1.00 42.05  ? 323 LEU A CG    1 
ATOM   958  C  CD1   . LEU B 2 103 ? 2.177   -2.041  -7.576  1.00 40.92  ? 323 LEU A CD1   1 
ATOM   959  C  CD2   . LEU B 2 103 ? 4.580   -2.725  -7.597  1.00 40.31  ? 323 LEU A CD2   1 
ATOM   960  N  N     . PRO B 2 104 ? 4.605   -3.836  -2.894  1.00 43.57  ? 324 PRO A N     1 
ATOM   961  C  CA    . PRO B 2 104 ? 4.555   -3.907  -1.432  1.00 43.17  ? 324 PRO A CA    1 
ATOM   962  C  C     . PRO B 2 104 ? 3.337   -3.246  -0.818  1.00 43.27  ? 324 PRO A C     1 
ATOM   963  O  O     . PRO B 2 104 ? 2.499   -2.673  -1.507  1.00 42.91  ? 324 PRO A O     1 
ATOM   964  C  CB    . PRO B 2 104 ? 5.834   -3.183  -0.997  1.00 42.85  ? 324 PRO A CB    1 
ATOM   965  C  CG    . PRO B 2 104 ? 6.642   -3.077  -2.233  1.00 42.67  ? 324 PRO A CG    1 
ATOM   966  C  CD    . PRO B 2 104 ? 5.646   -2.898  -3.317  1.00 42.43  ? 324 PRO A CD    1 
ATOM   967  N  N     . CYS B 2 105 ? 3.283   -3.306  0.504   1.00 44.08  ? 325 CYS A N     1 
ATOM   968  C  CA    . CYS B 2 105 ? 2.211   -2.706  1.275   1.00 44.83  ? 325 CYS A CA    1 
ATOM   969  C  C     . CYS B 2 105 ? 2.805   -1.529  2.033   1.00 44.34  ? 325 CYS A C     1 
ATOM   970  O  O     . CYS B 2 105 ? 4.026   -1.455  2.223   1.00 43.13  ? 325 CYS A O     1 
ATOM   971  C  CB    . CYS B 2 105 ? 1.661   -3.706  2.292   1.00 47.46  ? 325 CYS A CB    1 
ATOM   972  S  SG    . CYS B 2 105 ? 1.138   -5.258  1.567   1.00 54.85  ? 325 CYS A SG    1 
ATOM   973  N  N     . LEU B 2 106 ? 1.937   -0.611  2.450   1.00 43.24  ? 326 LEU A N     1 
ATOM   974  C  CA    . LEU B 2 106 ? 2.360   0.547   3.221   1.00 43.39  ? 326 LEU A CA    1 
ATOM   975  C  C     . LEU B 2 106 ? 2.111   0.200   4.676   1.00 44.32  ? 326 LEU A C     1 
ATOM   976  O  O     . LEU B 2 106 ? 1.008   -0.202  5.029   1.00 46.17  ? 326 LEU A O     1 
ATOM   977  C  CB    . LEU B 2 106 ? 1.520   1.781   2.877   1.00 41.28  ? 326 LEU A CB    1 
ATOM   978  C  CG    . LEU B 2 106 ? 1.470   2.311   1.446   1.00 41.11  ? 326 LEU A CG    1 
ATOM   979  C  CD1   . LEU B 2 106 ? 0.492   3.478   1.365   1.00 41.39  ? 326 LEU A CD1   1 
ATOM   980  C  CD2   . LEU B 2 106 ? 2.839   2.744   1.018   1.00 41.09  ? 326 LEU A CD2   1 
ATOM   981  N  N     . GLN B 2 107 ? 3.117   0.320   5.529   1.00 44.08  ? 327 GLN A N     1 
ATOM   982  C  CA    . GLN B 2 107 ? 2.862   0.035   6.928   1.00 45.85  ? 327 GLN A CA    1 
ATOM   983  C  C     . GLN B 2 107 ? 2.381   1.348   7.524   1.00 45.32  ? 327 GLN A C     1 
ATOM   984  O  O     . GLN B 2 107 ? 2.984   2.387   7.290   1.00 46.33  ? 327 GLN A O     1 
ATOM   985  C  CB    . GLN B 2 107 ? 4.114   -0.437  7.652   1.00 47.64  ? 327 GLN A CB    1 
ATOM   986  C  CG    . GLN B 2 107 ? 3.887   -0.535  9.153   1.00 50.70  ? 327 GLN A CG    1 
ATOM   987  C  CD    . GLN B 2 107 ? 5.028   -1.192  9.887   1.00 54.17  ? 327 GLN A CD    1 
ATOM   988  O  OE1   . GLN B 2 107 ? 4.930   -1.438  11.089  1.00 57.12  ? 327 GLN A OE1   1 
ATOM   989  N  NE2   . GLN B 2 107 ? 6.121   -1.483  9.174   1.00 52.96  ? 327 GLN A NE2   1 
ATOM   990  N  N     . VAL B 2 108 ? 1.309   1.303   8.304   1.00 44.36  ? 328 VAL A N     1 
ATOM   991  C  CA    . VAL B 2 108 ? 0.748   2.517   8.874   1.00 43.86  ? 328 VAL A CA    1 
ATOM   992  C  C     . VAL B 2 108 ? 0.430   2.424   10.358  1.00 45.62  ? 328 VAL A C     1 
ATOM   993  O  O     . VAL B 2 108 ? 0.224   1.340   10.888  1.00 46.36  ? 328 VAL A O     1 
ATOM   994  C  CB    . VAL B 2 108 ? -0.535  2.880   8.129   1.00 42.96  ? 328 VAL A CB    1 
ATOM   995  C  CG1   . VAL B 2 108 ? -0.220  3.155   6.661   1.00 40.71  ? 328 VAL A CG1   1 
ATOM   996  C  CG2   . VAL B 2 108 ? -1.537  1.727   8.247   1.00 40.55  ? 328 VAL A CG2   1 
ATOM   997  N  N     . GLY B 2 109 ? 0.374   3.572   11.022  1.00 46.38  ? 329 GLY A N     1 
ATOM   998  C  CA    . GLY B 2 109 ? 0.073   3.581   12.438  1.00 51.88  ? 329 GLY A CA    1 
ATOM   999  C  C     . GLY B 2 109 ? 1.255   3.184   13.300  1.00 56.55  ? 329 GLY A C     1 
ATOM   1000 O  O     . GLY B 2 109 ? 2.393   3.194   12.831  1.00 56.38  ? 329 GLY A O     1 
ATOM   1001 N  N     . GLN B 2 110 ? 0.988   2.846   14.561  1.00 61.23  ? 330 GLN A N     1 
ATOM   1002 C  CA    . GLN B 2 110 ? 2.036   2.440   15.495  1.00 66.64  ? 330 GLN A CA    1 
ATOM   1003 C  C     . GLN B 2 110 ? 2.837   1.293   14.885  1.00 69.50  ? 330 GLN A C     1 
ATOM   1004 O  O     . GLN B 2 110 ? 2.266   0.307   14.423  1.00 70.27  ? 330 GLN A O     1 
ATOM   1005 C  CB    . GLN B 2 110 ? 1.417   1.980   16.814  1.00 68.36  ? 330 GLN A CB    1 
ATOM   1006 C  CG    . GLN B 2 110 ? 0.321   2.889   17.338  1.00 72.65  ? 330 GLN A CG    1 
ATOM   1007 C  CD    . GLN B 2 110 ? -0.386  2.322   18.570  1.00 75.82  ? 330 GLN A CD    1 
ATOM   1008 O  OE1   . GLN B 2 110 ? -1.446  2.815   18.968  1.00 76.04  ? 330 GLN A OE1   1 
ATOM   1009 N  NE2   . GLN B 2 110 ? 0.202   1.287   19.181  1.00 77.44  ? 330 GLN A NE2   1 
ATOM   1010 N  N     . GLU B 2 111 ? 4.159   1.424   14.879  1.00 72.38  ? 331 GLU A N     1 
ATOM   1011 C  CA    . GLU B 2 111 ? 5.024   0.392   14.315  1.00 74.94  ? 331 GLU A CA    1 
ATOM   1012 C  C     . GLU B 2 111 ? 4.617   -0.974  14.899  1.00 74.70  ? 331 GLU A C     1 
ATOM   1013 O  O     . GLU B 2 111 ? 4.255   -1.895  14.161  1.00 73.57  ? 331 GLU A O     1 
ATOM   1014 C  CB    . GLU B 2 111 ? 6.494   0.704   14.652  1.00 78.19  ? 331 GLU A CB    1 
ATOM   1015 C  CG    . GLU B 2 111 ? 6.828   2.215   14.669  1.00 82.81  ? 331 GLU A CG    1 
ATOM   1016 C  CD    . GLU B 2 111 ? 8.229   2.546   15.237  1.00 85.45  ? 331 GLU A CD    1 
ATOM   1017 O  OE1   . GLU B 2 111 ? 8.603   2.006   16.312  1.00 84.45  ? 331 GLU A OE1   1 
ATOM   1018 O  OE2   . GLU B 2 111 ? 8.948   3.364   14.605  1.00 85.89  ? 331 GLU A OE2   1 
ATOM   1019 N  N     . GLN B 2 112 ? 4.669   -1.082  16.226  1.00 74.94  ? 332 GLN A N     1 
ATOM   1020 C  CA    . GLN B 2 112 ? 4.313   -2.314  16.939  1.00 75.85  ? 332 GLN A CA    1 
ATOM   1021 C  C     . GLN B 2 112 ? 2.807   -2.536  16.875  1.00 74.22  ? 332 GLN A C     1 
ATOM   1022 O  O     . GLN B 2 112 ? 2.126   -2.463  17.903  1.00 73.83  ? 332 GLN A O     1 
ATOM   1023 C  CB    . GLN B 2 112 ? 4.715   -2.219  18.421  1.00 79.27  ? 332 GLN A CB    1 
ATOM   1024 C  CG    . GLN B 2 112 ? 6.200   -1.988  18.705  1.00 82.91  ? 332 GLN A CG    1 
ATOM   1025 C  CD    . GLN B 2 112 ? 6.451   -1.390  20.095  1.00 85.27  ? 332 GLN A CD    1 
ATOM   1026 O  OE1   . GLN B 2 112 ? 6.104   -0.231  20.362  1.00 85.52  ? 332 GLN A OE1   1 
ATOM   1027 N  NE2   . GLN B 2 112 ? 7.053   -2.182  20.983  1.00 85.41  ? 332 GLN A NE2   1 
ATOM   1028 N  N     . LYS B 2 113 ? 2.285   -2.800  15.681  1.00 71.94  ? 333 LYS A N     1 
ATOM   1029 C  CA    . LYS B 2 113 ? 0.852   -3.021  15.515  1.00 68.34  ? 333 LYS A CA    1 
ATOM   1030 C  C     . LYS B 2 113 ? 0.591   -3.760  14.209  1.00 66.53  ? 333 LYS A C     1 
ATOM   1031 O  O     . LYS B 2 113 ? -0.490  -4.303  13.981  1.00 66.36  ? 333 LYS A O     1 
ATOM   1032 C  CB    . LYS B 2 113 ? 0.113   -1.684  15.539  1.00 67.43  ? 333 LYS A CB    1 
ATOM   1033 C  CG    . LYS B 2 113 ? -1.283  -1.786  16.090  1.00 67.20  ? 333 LYS A CG    1 
ATOM   1034 C  CD    . LYS B 2 113 ? -1.916  -0.429  16.248  1.00 68.00  ? 333 LYS A CD    1 
ATOM   1035 C  CE    . LYS B 2 113 ? -3.273  -0.561  16.919  1.00 69.70  ? 333 LYS A CE    1 
ATOM   1036 N  NZ    . LYS B 2 113 ? -4.138  -1.571  16.236  1.00 71.65  ? 333 LYS A NZ    1 
ATOM   1037 N  N     . HIS B 2 114 ? 1.599   -3.760  13.349  1.00 64.53  ? 334 HIS A N     1 
ATOM   1038 C  CA    . HIS B 2 114 ? 1.547   -4.467  12.080  1.00 63.45  ? 334 HIS A CA    1 
ATOM   1039 C  C     . HIS B 2 114 ? 0.346   -4.245  11.175  1.00 60.82  ? 334 HIS A C     1 
ATOM   1040 O  O     . HIS B 2 114 ? -0.322  -5.206  10.789  1.00 60.23  ? 334 HIS A O     1 
ATOM   1041 C  CB    . HIS B 2 114 ? 1.702   -5.962  12.349  1.00 66.26  ? 334 HIS A CB    1 
ATOM   1042 C  CG    . HIS B 2 114 ? 2.895   -6.293  13.193  1.00 70.94  ? 334 HIS A CG    1 
ATOM   1043 N  ND1   . HIS B 2 114 ? 4.183   -5.956  12.827  1.00 71.97  ? 334 HIS A ND1   1 
ATOM   1044 C  CD2   . HIS B 2 114 ? 2.992   -6.902  14.398  1.00 72.03  ? 334 HIS A CD2   1 
ATOM   1045 C  CE1   . HIS B 2 114 ? 5.021   -6.345  13.770  1.00 72.25  ? 334 HIS A CE1   1 
ATOM   1046 N  NE2   . HIS B 2 114 ? 4.325   -6.922  14.735  1.00 73.42  ? 334 HIS A NE2   1 
ATOM   1047 N  N     . THR B 2 115 ? 0.080   -2.987  10.823  1.00 56.92  ? 335 THR A N     1 
ATOM   1048 C  CA    . THR B 2 115 ? -1.029  -2.675  9.928   1.00 51.36  ? 335 THR A CA    1 
ATOM   1049 C  C     . THR B 2 115 ? -0.439  -2.445  8.556   1.00 50.58  ? 335 THR A C     1 
ATOM   1050 O  O     . THR B 2 115 ? 0.298   -1.487  8.348   1.00 49.76  ? 335 THR A O     1 
ATOM   1051 C  CB    . THR B 2 115 ? -1.766  -1.414  10.356  1.00 49.92  ? 335 THR A CB    1 
ATOM   1052 O  OG1   . THR B 2 115 ? -2.144  -1.526  11.730  1.00 48.55  ? 335 THR A OG1   1 
ATOM   1053 C  CG2   . THR B 2 115 ? -3.010  -1.224  9.507   1.00 47.64  ? 335 THR A CG2   1 
ATOM   1054 N  N     . TYR B 2 116 ? -0.755  -3.333  7.621   1.00 50.71  ? 336 TYR A N     1 
ATOM   1055 C  CA    . TYR B 2 116 ? -0.232  -3.227  6.264   1.00 51.57  ? 336 TYR A CA    1 
ATOM   1056 C  C     . TYR B 2 116 ? -1.360  -2.957  5.294   1.00 50.91  ? 336 TYR A C     1 
ATOM   1057 O  O     . TYR B 2 116 ? -2.400  -3.597  5.353   1.00 51.99  ? 336 TYR A O     1 
ATOM   1058 C  CB    . TYR B 2 116 ? 0.506   -4.512  5.870   1.00 53.58  ? 336 TYR A CB    1 
ATOM   1059 C  CG    . TYR B 2 116 ? 1.552   -4.934  6.883   1.00 56.14  ? 336 TYR A CG    1 
ATOM   1060 C  CD1   . TYR B 2 116 ? 1.291   -5.957  7.792   1.00 57.48  ? 336 TYR A CD1   1 
ATOM   1061 C  CD2   . TYR B 2 116 ? 2.778   -4.275  6.970   1.00 57.07  ? 336 TYR A CD2   1 
ATOM   1062 C  CE1   . TYR B 2 116 ? 2.217   -6.318  8.769   1.00 57.50  ? 336 TYR A CE1   1 
ATOM   1063 C  CE2   . TYR B 2 116 ? 3.715   -4.628  7.947   1.00 59.21  ? 336 TYR A CE2   1 
ATOM   1064 C  CZ    . TYR B 2 116 ? 3.424   -5.656  8.844   1.00 58.82  ? 336 TYR A CZ    1 
ATOM   1065 O  OH    . TYR B 2 116 ? 4.341   -6.028  9.806   1.00 58.74  ? 336 TYR A OH    1 
ATOM   1066 N  N     . LEU B 2 117 ? -1.150  -2.000  4.401   1.00 49.97  ? 337 LEU A N     1 
ATOM   1067 C  CA    . LEU B 2 117 ? -2.165  -1.625  3.434   1.00 47.91  ? 337 LEU A CA    1 
ATOM   1068 C  C     . LEU B 2 117 ? -1.657  -1.769  2.028   1.00 47.26  ? 337 LEU A C     1 
ATOM   1069 O  O     . LEU B 2 117 ? -0.615  -1.219  1.678   1.00 49.00  ? 337 LEU A O     1 
ATOM   1070 C  CB    . LEU B 2 117 ? -2.589  -0.172  3.655   1.00 46.43  ? 337 LEU A CB    1 
ATOM   1071 C  CG    . LEU B 2 117 ? -3.782  0.145   4.556   1.00 47.46  ? 337 LEU A CG    1 
ATOM   1072 C  CD1   . LEU B 2 117 ? -3.940  -0.905  5.632   1.00 46.33  ? 337 LEU A CD1   1 
ATOM   1073 C  CD2   . LEU B 2 117 ? -3.597  1.543   5.155   1.00 47.01  ? 337 LEU A CD2   1 
ATOM   1074 N  N     . PRO B 2 118 ? -2.383  -2.517  1.194   1.00 46.20  ? 338 PRO A N     1 
ATOM   1075 C  CA    . PRO B 2 118 ? -1.939  -2.684  -0.195  1.00 45.34  ? 338 PRO A CA    1 
ATOM   1076 C  C     . PRO B 2 118 ? -1.976  -1.305  -0.836  1.00 43.68  ? 338 PRO A C     1 
ATOM   1077 O  O     . PRO B 2 118 ? -2.799  -0.483  -0.465  1.00 44.57  ? 338 PRO A O     1 
ATOM   1078 C  CB    . PRO B 2 118 ? -2.997  -3.619  -0.787  1.00 46.04  ? 338 PRO A CB    1 
ATOM   1079 C  CG    . PRO B 2 118 ? -3.472  -4.405  0.411   1.00 47.33  ? 338 PRO A CG    1 
ATOM   1080 C  CD    . PRO B 2 118 ? -3.544  -3.368  1.501   1.00 45.28  ? 338 PRO A CD    1 
ATOM   1081 N  N     . LEU B 2 119 ? -1.102  -1.037  -1.791  1.00 42.79  ? 339 LEU A N     1 
ATOM   1082 C  CA    . LEU B 2 119 ? -1.117  0.271   -2.426  1.00 43.45  ? 339 LEU A CA    1 
ATOM   1083 C  C     . LEU B 2 119 ? -2.446  0.556   -3.123  1.00 45.34  ? 339 LEU A C     1 
ATOM   1084 O  O     . LEU B 2 119 ? -2.943  1.691   -3.107  1.00 45.06  ? 339 LEU A O     1 
ATOM   1085 C  CB    . LEU B 2 119 ? 0.003   0.382   -3.452  1.00 40.14  ? 339 LEU A CB    1 
ATOM   1086 C  CG    . LEU B 2 119 ? 1.395   0.006   -2.983  1.00 39.07  ? 339 LEU A CG    1 
ATOM   1087 C  CD1   . LEU B 2 119 ? 2.347   0.373   -4.100  1.00 38.20  ? 339 LEU A CD1   1 
ATOM   1088 C  CD2   . LEU B 2 119 ? 1.757   0.718   -1.693  1.00 36.94  ? 339 LEU A CD2   1 
ATOM   1089 N  N     . GLU B 2 120 ? -3.003  -0.478  -3.748  1.00 47.01  ? 340 GLU A N     1 
ATOM   1090 C  CA    . GLU B 2 120 ? -4.270  -0.371  -4.477  1.00 47.94  ? 340 GLU A CA    1 
ATOM   1091 C  C     . GLU B 2 120 ? -5.351  0.412   -3.797  1.00 45.79  ? 340 GLU A C     1 
ATOM   1092 O  O     . GLU B 2 120 ? -5.939  1.295   -4.402  1.00 47.50  ? 340 GLU A O     1 
ATOM   1093 C  CB    . GLU B 2 120 ? -4.850  -1.744  -4.750  1.00 50.33  ? 340 GLU A CB    1 
ATOM   1094 C  CG    . GLU B 2 120 ? -4.408  -2.332  -6.026  1.00 52.99  ? 340 GLU A CG    1 
ATOM   1095 C  CD    . GLU B 2 120 ? -4.417  -3.804  -5.938  1.00 56.09  ? 340 GLU A CD    1 
ATOM   1096 O  OE1   . GLU B 2 120 ? -5.514  -4.381  -5.724  1.00 57.61  ? 340 GLU A OE1   1 
ATOM   1097 O  OE2   . GLU B 2 120 ? -3.313  -4.372  -6.065  1.00 57.69  ? 340 GLU A OE2   1 
ATOM   1098 N  N     . VAL B 2 121 ? -5.613  0.056   -2.546  1.00 43.60  ? 341 VAL A N     1 
ATOM   1099 C  CA    . VAL B 2 121 ? -6.656  0.677   -1.741  1.00 42.91  ? 341 VAL A CA    1 
ATOM   1100 C  C     . VAL B 2 121 ? -6.232  1.989   -1.093  1.00 42.73  ? 341 VAL A C     1 
ATOM   1101 O  O     . VAL B 2 121 ? -6.862  2.444   -0.134  1.00 44.05  ? 341 VAL A O     1 
ATOM   1102 C  CB    . VAL B 2 121 ? -7.109  -0.287  -0.618  1.00 42.38  ? 341 VAL A CB    1 
ATOM   1103 C  CG1   . VAL B 2 121 ? -7.382  -1.670  -1.193  1.00 43.06  ? 341 VAL A CG1   1 
ATOM   1104 C  CG2   . VAL B 2 121 ? -6.044  -0.386  0.440   1.00 39.42  ? 341 VAL A CG2   1 
ATOM   1105 N  N     . CYS B 2 122 ? -5.190  2.621   -1.614  1.00 41.04  ? 342 CYS A N     1 
ATOM   1106 C  CA    . CYS B 2 122 ? -4.737  3.842   -0.989  1.00 40.27  ? 342 CYS A CA    1 
ATOM   1107 C  C     . CYS B 2 122 ? -4.663  5.099   -1.819  1.00 41.53  ? 342 CYS A C     1 
ATOM   1108 O  O     . CYS B 2 122 ? -4.146  5.111   -2.930  1.00 41.86  ? 342 CYS A O     1 
ATOM   1109 C  CB    . CYS B 2 122 ? -3.400  3.587   -0.315  1.00 37.12  ? 342 CYS A CB    1 
ATOM   1110 S  SG    . CYS B 2 122 ? -3.592  2.566   1.133   1.00 36.74  ? 342 CYS A SG    1 
ATOM   1111 N  N     . ASN B 2 123 ? -5.198  6.168   -1.249  1.00 42.08  ? 343 ASN A N     1 
ATOM   1112 C  CA    . ASN B 2 123 ? -5.190  7.458   -1.893  1.00 44.15  ? 343 ASN A CA    1 
ATOM   1113 C  C     . ASN B 2 123 ? -4.427  8.417   -0.996  1.00 44.39  ? 343 ASN A C     1 
ATOM   1114 O  O     . ASN B 2 123 ? -4.536  8.357   0.230   1.00 44.24  ? 343 ASN A O     1 
ATOM   1115 C  CB    . ASN B 2 123 ? -6.623  7.962   -2.082  1.00 47.14  ? 343 ASN A CB    1 
ATOM   1116 C  CG    . ASN B 2 123 ? -7.269  7.433   -3.345  1.00 49.64  ? 343 ASN A CG    1 
ATOM   1117 O  OD1   . ASN B 2 123 ? -7.375  6.230   -3.545  1.00 52.00  ? 343 ASN A OD1   1 
ATOM   1118 N  ND2   . ASN B 2 123 ? -7.701  8.338   -4.211  1.00 53.19  ? 343 ASN A ND2   1 
ATOM   1119 N  N     . ILE B 2 124 ? -3.632  9.289   -1.597  1.00 44.44  ? 344 ILE A N     1 
ATOM   1120 C  CA    . ILE B 2 124 ? -2.910  10.277  -0.813  1.00 44.97  ? 344 ILE A CA    1 
ATOM   1121 C  C     . ILE B 2 124 ? -3.892  11.393  -0.484  1.00 45.40  ? 344 ILE A C     1 
ATOM   1122 O  O     . ILE B 2 124 ? -4.499  11.980  -1.381  1.00 43.08  ? 344 ILE A O     1 
ATOM   1123 C  CB    . ILE B 2 124 ? -1.702  10.855  -1.584  1.00 43.91  ? 344 ILE A CB    1 
ATOM   1124 C  CG1   . ILE B 2 124 ? -0.564  9.834   -1.568  1.00 43.25  ? 344 ILE A CG1   1 
ATOM   1125 C  CG2   . ILE B 2 124 ? -1.252  12.177  -0.958  1.00 42.24  ? 344 ILE A CG2   1 
ATOM   1126 C  CD1   . ILE B 2 124 ? 0.605   10.225  -2.392  1.00 43.18  ? 344 ILE A CD1   1 
ATOM   1127 N  N     . VAL B 2 125 ? -4.056  11.654  0.811   1.00 47.29  ? 345 VAL A N     1 
ATOM   1128 C  CA    . VAL B 2 125 ? -4.961  12.685  1.299   1.00 48.64  ? 345 VAL A CA    1 
ATOM   1129 C  C     . VAL B 2 125 ? -4.329  14.061  1.186   1.00 51.51  ? 345 VAL A C     1 
ATOM   1130 O  O     . VAL B 2 125 ? -3.190  14.272  1.594   1.00 49.46  ? 345 VAL A O     1 
ATOM   1131 C  CB    . VAL B 2 125 ? -5.328  12.450  2.771   1.00 47.39  ? 345 VAL A CB    1 
ATOM   1132 C  CG1   . VAL B 2 125 ? -6.118  13.639  3.303   1.00 45.11  ? 345 VAL A CG1   1 
ATOM   1133 C  CG2   . VAL B 2 125 ? -6.117  11.160  2.910   1.00 45.52  ? 345 VAL A CG2   1 
ATOM   1134 N  N     . ALA B 2 126 ? -5.084  15.001  0.635   1.00 56.75  ? 346 ALA A N     1 
ATOM   1135 C  CA    . ALA B 2 126 ? -4.594  16.364  0.475   1.00 61.54  ? 346 ALA A CA    1 
ATOM   1136 C  C     . ALA B 2 126 ? -4.904  17.189  1.728   1.00 63.89  ? 346 ALA A C     1 
ATOM   1137 O  O     . ALA B 2 126 ? -6.037  17.163  2.234   1.00 63.90  ? 346 ALA A O     1 
ATOM   1138 C  CB    . ALA B 2 126 ? -5.232  17.006  -0.753  1.00 60.76  ? 346 ALA A CB    1 
ATOM   1139 N  N     . GLY B 2 127 ? -3.891  17.903  2.226   1.00 66.26  ? 347 GLY A N     1 
ATOM   1140 C  CA    . GLY B 2 127 ? -4.061  18.741  3.403   1.00 69.28  ? 347 GLY A CA    1 
ATOM   1141 C  C     . GLY B 2 127 ? -5.009  19.885  3.089   1.00 71.60  ? 347 GLY A C     1 
ATOM   1142 O  O     . GLY B 2 127 ? -5.231  20.198  1.916   1.00 71.92  ? 347 GLY A O     1 
ATOM   1143 N  N     . GLN B 2 128 ? -5.574  20.521  4.110   1.00 72.89  ? 348 GLN A N     1 
ATOM   1144 C  CA    . GLN B 2 128 ? -6.508  21.609  3.842   1.00 74.66  ? 348 GLN A CA    1 
ATOM   1145 C  C     . GLN B 2 128 ? -6.277  22.880  4.651   1.00 75.01  ? 348 GLN A C     1 
ATOM   1146 O  O     . GLN B 2 128 ? -7.220  23.421  5.224   1.00 75.84  ? 348 GLN A O     1 
ATOM   1147 C  CB    . GLN B 2 128 ? -7.943  21.125  4.062   1.00 74.72  ? 348 GLN A CB    1 
ATOM   1148 C  CG    . GLN B 2 128 ? -8.194  19.709  3.577   1.00 75.86  ? 348 GLN A CG    1 
ATOM   1149 C  CD    . GLN B 2 128 ? -9.668  19.368  3.512   1.00 76.54  ? 348 GLN A CD    1 
ATOM   1150 O  OE1   . GLN B 2 128 ? -10.383 19.821  2.614   1.00 76.33  ? 348 GLN A OE1   1 
ATOM   1151 N  NE2   . GLN B 2 128 ? -10.134 18.570  4.471   1.00 75.88  ? 348 GLN A NE2   1 
ATOM   1152 N  N     . ARG B 2 129 ? -5.038  23.361  4.692   1.00 75.13  ? 349 ARG A N     1 
ATOM   1153 C  CA    . ARG B 2 129 ? -4.733  24.582  5.434   1.00 75.44  ? 349 ARG A CA    1 
ATOM   1154 C  C     . ARG B 2 129 ? -5.591  25.758  4.955   1.00 76.19  ? 349 ARG A C     1 
ATOM   1155 O  O     . ARG B 2 129 ? -6.079  25.774  3.820   1.00 76.26  ? 349 ARG A O     1 
ATOM   1156 C  CB    . ARG B 2 129 ? -3.249  24.945  5.297   1.00 74.83  ? 349 ARG A CB    1 
ATOM   1157 C  CG    . ARG B 2 129 ? -2.313  24.214  6.254   1.00 74.26  ? 349 ARG A CG    1 
ATOM   1158 C  CD    . ARG B 2 129 ? -0.884  24.715  6.078   1.00 73.23  ? 349 ARG A CD    1 
ATOM   1159 N  NE    . ARG B 2 129 ? 0.044   24.200  7.084   1.00 72.54  ? 349 ARG A NE    1 
ATOM   1160 C  CZ    . ARG B 2 129 ? 0.345   22.915  7.254   1.00 72.14  ? 349 ARG A CZ    1 
ATOM   1161 N  NH1   . ARG B 2 129 ? -0.212  21.994  6.485   1.00 72.55  ? 349 ARG A NH1   1 
ATOM   1162 N  NH2   . ARG B 2 129 ? 1.212   22.553  8.192   1.00 70.78  ? 349 ARG A NH2   1 
HETATM 1163 O  O     . HOH C 3 .   ? -0.845  14.500  -5.076  1.00 35.26  ? 501 HOH A O     1 
HETATM 1164 O  O     . HOH C 3 .   ? 7.355   -5.034  -5.321  1.00 47.91  ? 502 HOH A O     1 
HETATM 1165 O  O     . HOH C 3 .   ? 1.867   -0.877  12.241  1.00 36.76  ? 503 HOH A O     1 
HETATM 1166 O  O     . HOH C 3 .   ? -5.006  9.668   11.519  1.00 45.69  ? 504 HOH A O     1 
HETATM 1167 O  O     . HOH C 3 .   ? 7.101   10.888  -14.040 1.00 45.50  ? 505 HOH A O     1 
HETATM 1168 O  O     . HOH C 3 .   ? -8.451  -0.042  6.373   1.00 46.55  ? 506 HOH A O     1 
HETATM 1169 O  O     . HOH C 3 .   ? -6.789  4.450   -5.495  1.00 46.92  ? 507 HOH A O     1 
HETATM 1170 O  O     . HOH C 3 .   ? 2.754   8.953   -14.523 1.00 46.57  ? 508 HOH A O     1 
HETATM 1171 O  O     . HOH C 3 .   ? -9.989  13.468  1.889   1.00 55.17  ? 509 HOH A O     1 
HETATM 1172 O  O     . HOH C 3 .   ? 8.497   -1.623  -12.725 1.00 60.46  ? 510 HOH A O     1 
HETATM 1173 O  O     . HOH C 3 .   ? 4.379   -11.476 12.865  1.00 49.53  ? 511 HOH A O     1 
HETATM 1174 O  O     . HOH C 3 .   ? -0.495  13.768  2.861   1.00 45.02  ? 512 HOH A O     1 
HETATM 1175 O  O     . HOH C 3 .   ? 6.604   1.459   -22.305 1.00 47.12  ? 513 HOH A O     1 
HETATM 1176 O  O     . HOH C 3 .   ? 11.386  14.028  0.801   1.00 56.07  ? 514 HOH A O     1 
HETATM 1177 O  O     . HOH C 3 .   ? -3.887  -11.646 -8.455  1.00 49.07  ? 515 HOH A O     1 
# 
